data_6PNR
#
_entry.id   6PNR
#
_cell.length_a   102.620
_cell.length_b   122.667
_cell.length_c   126.733
_cell.angle_alpha   90.000
_cell.angle_beta   90.000
_cell.angle_gamma   90.000
#
_symmetry.space_group_name_H-M   'P 21 21 21'
#
loop_
_entity.id
_entity.type
_entity.pdbx_description
1 polymer Alpha-glucosidase
2 non-polymer '[(3~{S},4~{R},5~{R})-4,5-bis(oxidanyl)piperidin-3-yl]methanesulfonic acid'
3 non-polymer 'SULFATE ION'
4 water water
#
_entity_poly.entity_id   1
_entity_poly.type   'polypeptide(L)'
_entity_poly.pdbx_seq_one_letter_code
;MQIKVNDNEFQLFVGEKRILEHSKERPMIYVGVGQEDVDMYRGNFKITDYVTERFPLKLTDVIQTADTVRLCFESYIIAK
IKCDENLCTIDFEQKDDRINRFWFRVAADKEEKCYGCGEQMSYFNLRGRNFPIWTSEPGVGRDKTTYVTWRSDVENKAGG
DYYNTNYPQPTFVSTNKYYLHVDSTAYADFDFRNDSFHELQIWEVPKQIRIECADTYLKLLERITTYFGRQPKLPDWVYN
GLIIGVQGGNERSFGLLDKTLDRNIKVAGIWCQDWCGKRVTSFGKRLQWDWKYHKEMYPDLPKKIKEINAKGIKFLGYVN
PYLVNDGELYKEGKEKGYFATKADGSDYLVDFGEFYCGVVDLTNPEAFEWFKDIIKEYTLGIGIDGWMADFGEYLPTDDI
CLYSGKSPMIEHNHWPVLWAKCNYEAVKESGKLGDVVYFMRAGGAGSQKYCTLLWAGDQSVDFTIHDGLASVICGALSAG
MMGCGLTHSDIGGYTSLFDNTRTKELFLRWAEMAMFTPFMRTHEGNRPDTNFQYYDDEDTMERLARLVDVYTMLAPYTKT
LVEENADSGHPVQRPLFMHYESDAKAYDIQYEYLFGRDMLIAPVYEQDKHEWDVYLPQDEWVHLWTGEEYHGGEITVSAE
LGYTPAFYRKNSEFADIFEEIREKYGVKLEHHHHHH
;
_entity_poly.pdbx_strand_id   A,C
#
# COMPACT_ATOMS: atom_id res chain seq x y z
N MET A 1 -39.89 8.40 -11.00
CA MET A 1 -39.06 9.09 -10.04
C MET A 1 -39.61 10.47 -9.69
N GLN A 2 -39.86 10.70 -8.40
CA GLN A 2 -40.49 11.92 -7.93
C GLN A 2 -39.49 12.80 -7.18
N ILE A 3 -39.61 14.10 -7.40
CA ILE A 3 -38.79 15.12 -6.74
C ILE A 3 -39.60 15.74 -5.62
N LYS A 4 -38.94 15.95 -4.48
CA LYS A 4 -39.44 16.86 -3.44
C LYS A 4 -38.37 17.94 -3.24
N VAL A 5 -38.79 19.19 -3.28
CA VAL A 5 -37.82 20.28 -3.15
C VAL A 5 -38.52 21.50 -2.56
N ASN A 6 -37.87 22.11 -1.57
CA ASN A 6 -38.25 23.43 -1.08
C ASN A 6 -37.00 24.31 -1.11
N ASP A 7 -36.93 25.34 -0.26
CA ASP A 7 -35.82 26.26 -0.30
C ASP A 7 -34.56 25.72 0.39
N ASN A 8 -34.71 24.71 1.24
CA ASN A 8 -33.61 24.25 2.09
C ASN A 8 -33.34 22.76 1.94
N GLU A 9 -33.95 22.10 0.96
CA GLU A 9 -33.83 20.65 0.87
C GLU A 9 -34.31 20.14 -0.49
N PHE A 10 -33.49 19.32 -1.13
CA PHE A 10 -33.84 18.64 -2.37
C PHE A 10 -33.87 17.14 -2.12
N GLN A 11 -34.82 16.44 -2.75
CA GLN A 11 -34.94 15.00 -2.58
C GLN A 11 -35.40 14.38 -3.89
N LEU A 12 -34.91 13.15 -4.13
CA LEU A 12 -35.33 12.36 -5.29
C LEU A 12 -35.62 10.94 -4.83
N PHE A 13 -36.78 10.42 -5.23
CA PHE A 13 -37.23 9.09 -4.85
C PHE A 13 -37.32 8.17 -6.06
N VAL A 14 -37.05 6.90 -5.82
CA VAL A 14 -37.36 5.82 -6.74
C VAL A 14 -38.40 4.96 -6.04
N GLY A 15 -39.65 5.08 -6.49
CA GLY A 15 -40.75 4.54 -5.74
C GLY A 15 -40.91 5.25 -4.42
N GLU A 16 -40.83 4.51 -3.32
CA GLU A 16 -40.86 5.10 -1.98
C GLU A 16 -39.48 5.05 -1.31
N LYS A 17 -38.42 4.87 -2.09
CA LYS A 17 -37.06 4.84 -1.58
C LYS A 17 -36.35 6.13 -2.00
N ARG A 18 -35.85 6.87 -1.03
CA ARG A 18 -35.12 8.10 -1.30
C ARG A 18 -33.71 7.76 -1.80
N ILE A 19 -33.36 8.21 -3.00
CA ILE A 19 -32.01 7.96 -3.53
C ILE A 19 -31.13 9.21 -3.54
N LEU A 20 -31.69 10.41 -3.52
CA LEU A 20 -30.91 11.63 -3.47
C LEU A 20 -31.43 12.53 -2.37
N GLU A 21 -30.52 13.22 -1.68
CA GLU A 21 -30.92 14.21 -0.69
C GLU A 21 -29.86 15.28 -0.59
N HIS A 22 -30.29 16.53 -0.50
CA HIS A 22 -29.43 17.63 -0.08
C HIS A 22 -30.14 18.42 1.01
N SER A 23 -29.57 18.40 2.20
CA SER A 23 -29.95 19.31 3.28
C SER A 23 -28.66 19.81 3.91
N LYS A 24 -28.80 20.76 4.84
CA LYS A 24 -27.60 21.18 5.57
C LYS A 24 -27.03 20.03 6.39
N GLU A 25 -27.89 19.13 6.90
CA GLU A 25 -27.42 18.00 7.68
C GLU A 25 -26.81 16.91 6.80
N ARG A 26 -27.32 16.72 5.58
CA ARG A 26 -26.86 15.69 4.66
C ARG A 26 -26.61 16.33 3.30
N PRO A 27 -25.46 16.97 3.10
CA PRO A 27 -25.20 17.62 1.80
C PRO A 27 -24.96 16.61 0.69
N MET A 28 -25.39 16.99 -0.51
CA MET A 28 -25.33 16.12 -1.68
C MET A 28 -24.03 16.29 -2.45
N ILE A 29 -23.37 17.44 -2.39
CA ILE A 29 -22.20 17.74 -3.19
C ILE A 29 -21.13 18.38 -2.31
N TYR A 30 -19.90 17.85 -2.39
CA TYR A 30 -18.71 18.53 -1.94
C TYR A 30 -17.85 18.85 -3.15
N VAL A 31 -17.11 19.96 -3.06
CA VAL A 31 -16.19 20.37 -4.10
C VAL A 31 -14.85 20.66 -3.43
N GLY A 32 -13.80 20.70 -4.24
CA GLY A 32 -12.52 21.02 -3.67
C GLY A 32 -11.42 21.07 -4.70
N VAL A 33 -10.20 21.05 -4.19
CA VAL A 33 -8.98 21.23 -4.97
C VAL A 33 -8.02 20.11 -4.60
N GLY A 34 -7.51 19.41 -5.61
CA GLY A 34 -6.49 18.40 -5.40
C GLY A 34 -5.36 18.57 -6.39
N GLN A 35 -4.24 17.91 -6.08
CA GLN A 35 -3.07 17.86 -6.94
C GLN A 35 -2.63 16.40 -7.04
N GLU A 36 -2.87 15.77 -8.18
CA GLU A 36 -2.62 14.34 -8.31
C GLU A 36 -1.14 14.08 -8.58
N ASP A 37 -0.74 12.84 -8.30
CA ASP A 37 0.56 12.32 -8.72
C ASP A 37 0.30 10.97 -9.39
N VAL A 38 0.56 10.91 -10.69
CA VAL A 38 0.30 9.73 -11.52
C VAL A 38 1.65 9.16 -11.92
N ASP A 39 2.01 8.01 -11.35
CA ASP A 39 3.29 7.34 -11.62
C ASP A 39 3.03 6.16 -12.56
N MET A 40 3.46 6.30 -13.82
CA MET A 40 3.20 5.31 -14.85
C MET A 40 4.43 4.46 -15.15
N TYR A 41 4.25 3.13 -15.22
CA TYR A 41 5.35 2.25 -15.61
C TYR A 41 4.77 1.09 -16.41
N ARG A 42 4.98 1.14 -17.73
CA ARG A 42 4.56 0.07 -18.65
C ARG A 42 3.09 -0.31 -18.47
N GLY A 43 2.23 0.71 -18.49
CA GLY A 43 0.80 0.49 -18.44
C GLY A 43 0.23 0.33 -17.05
N ASN A 44 1.08 0.31 -16.03
CA ASN A 44 0.65 0.32 -14.62
C ASN A 44 0.73 1.75 -14.11
N PHE A 45 -0.26 2.15 -13.29
CA PHE A 45 -0.38 3.54 -12.84
C PHE A 45 -0.55 3.56 -11.32
N LYS A 46 0.47 4.05 -10.63
CA LYS A 46 0.35 4.36 -9.21
C LYS A 46 -0.13 5.80 -9.08
N ILE A 47 -1.35 5.99 -8.63
CA ILE A 47 -2.00 7.28 -8.57
C ILE A 47 -2.26 7.66 -7.11
N THR A 48 -1.78 8.82 -6.71
CA THR A 48 -2.12 9.40 -5.41
C THR A 48 -2.60 10.83 -5.64
N ASP A 49 -3.28 11.37 -4.64
CA ASP A 49 -3.84 12.71 -4.70
C ASP A 49 -3.49 13.46 -3.42
N TYR A 50 -3.24 14.75 -3.55
CA TYR A 50 -3.04 15.64 -2.40
C TYR A 50 -4.19 16.65 -2.40
N VAL A 51 -5.15 16.45 -1.51
CA VAL A 51 -6.33 17.31 -1.43
C VAL A 51 -6.02 18.45 -0.47
N THR A 52 -6.07 19.68 -0.98
CA THR A 52 -5.90 20.86 -0.14
C THR A 52 -7.22 21.50 0.26
N GLU A 53 -8.31 21.28 -0.48
CA GLU A 53 -9.60 21.82 -0.11
C GLU A 53 -10.69 20.78 -0.40
N ARG A 54 -11.64 20.67 0.54
CA ARG A 54 -12.87 19.92 0.32
C ARG A 54 -13.93 20.49 1.27
N PHE A 55 -15.09 20.85 0.75
CA PHE A 55 -16.11 21.40 1.62
C PHE A 55 -17.49 21.17 1.02
N PRO A 56 -18.50 20.98 1.85
CA PRO A 56 -19.86 20.81 1.33
C PRO A 56 -20.42 22.13 0.82
N LEU A 57 -21.31 22.03 -0.14
CA LEU A 57 -21.95 23.20 -0.73
C LEU A 57 -23.22 23.54 0.02
N LYS A 58 -23.53 24.84 0.08
CA LYS A 58 -24.78 25.34 0.64
C LYS A 58 -25.76 25.59 -0.49
N LEU A 59 -27.00 25.09 -0.34
CA LEU A 59 -28.07 25.35 -1.30
C LEU A 59 -28.66 26.73 -1.03
N THR A 60 -28.43 27.68 -1.94
CA THR A 60 -28.81 29.07 -1.72
C THR A 60 -29.95 29.56 -2.60
N ASP A 61 -30.36 28.81 -3.61
CA ASP A 61 -31.49 29.22 -4.43
C ASP A 61 -32.07 28.01 -5.13
N VAL A 62 -33.40 27.99 -5.22
CA VAL A 62 -34.13 26.94 -5.94
C VAL A 62 -35.10 27.62 -6.89
N ILE A 63 -35.09 27.19 -8.15
CA ILE A 63 -36.01 27.71 -9.17
C ILE A 63 -36.69 26.53 -9.83
N GLN A 64 -38.00 26.44 -9.68
CA GLN A 64 -38.80 25.41 -10.35
C GLN A 64 -39.50 26.01 -11.56
N THR A 65 -39.22 25.47 -12.74
CA THR A 65 -40.06 25.69 -13.91
C THR A 65 -40.84 24.40 -14.17
N ALA A 66 -41.55 24.36 -15.31
CA ALA A 66 -42.45 23.25 -15.58
C ALA A 66 -41.70 21.93 -15.66
N ASP A 67 -40.56 21.92 -16.36
CA ASP A 67 -39.83 20.69 -16.60
C ASP A 67 -38.55 20.57 -15.78
N THR A 68 -38.00 21.67 -15.29
CA THR A 68 -36.66 21.66 -14.70
C THR A 68 -36.70 22.22 -13.28
N VAL A 69 -35.75 21.77 -12.46
CA VAL A 69 -35.48 22.32 -11.15
C VAL A 69 -34.04 22.77 -11.14
N ARG A 70 -33.80 24.04 -10.82
CA ARG A 70 -32.46 24.60 -10.80
C ARG A 70 -32.02 24.81 -9.35
N LEU A 71 -30.93 24.15 -8.95
CA LEU A 71 -30.34 24.31 -7.63
C LEU A 71 -29.05 25.11 -7.78
N CYS A 72 -29.02 26.30 -7.19
CA CYS A 72 -27.82 27.13 -7.13
C CYS A 72 -27.09 26.89 -5.82
N PHE A 73 -25.79 26.65 -5.89
CA PHE A 73 -24.94 26.37 -4.73
C PHE A 73 -23.89 27.47 -4.68
N GLU A 74 -24.24 28.58 -4.04
CA GLU A 74 -23.35 29.73 -3.89
C GLU A 74 -22.79 30.14 -5.24
N SER A 75 -21.50 30.47 -5.28
CA SER A 75 -20.81 30.77 -6.53
C SER A 75 -19.97 29.61 -7.03
N TYR A 76 -20.43 28.37 -6.80
CA TYR A 76 -19.65 27.19 -7.15
C TYR A 76 -20.28 26.36 -8.26
N ILE A 77 -21.54 25.94 -8.09
CA ILE A 77 -22.19 24.95 -8.94
C ILE A 77 -23.64 25.36 -9.16
N ILE A 78 -24.12 25.20 -10.39
CA ILE A 78 -25.55 25.22 -10.69
C ILE A 78 -25.93 23.86 -11.26
N ALA A 79 -26.95 23.23 -10.66
CA ALA A 79 -27.42 21.93 -11.10
C ALA A 79 -28.83 22.05 -11.65
N LYS A 80 -29.03 21.58 -12.89
CA LYS A 80 -30.31 21.57 -13.57
C LYS A 80 -30.84 20.15 -13.61
N ILE A 81 -31.95 19.90 -12.92
CA ILE A 81 -32.51 18.57 -12.75
C ILE A 81 -33.80 18.46 -13.56
N LYS A 82 -33.86 17.45 -14.42
CA LYS A 82 -35.04 17.23 -15.28
C LYS A 82 -35.43 15.77 -15.19
N CYS A 83 -36.69 15.49 -14.86
CA CYS A 83 -37.11 14.13 -14.58
C CYS A 83 -38.31 13.71 -15.44
N ASP A 84 -38.44 12.39 -15.57
CA ASP A 84 -39.56 11.71 -16.21
C ASP A 84 -40.08 10.63 -15.27
N GLU A 85 -40.95 9.74 -15.77
CA GLU A 85 -41.36 8.59 -14.99
C GLU A 85 -40.21 7.60 -14.79
N ASN A 86 -39.20 7.61 -15.68
CA ASN A 86 -38.09 6.68 -15.56
C ASN A 86 -36.71 7.30 -15.67
N LEU A 87 -36.59 8.58 -16.03
CA LEU A 87 -35.29 9.17 -16.33
C LEU A 87 -35.13 10.50 -15.61
N CYS A 88 -33.99 10.69 -14.95
CA CYS A 88 -33.61 11.97 -14.39
C CYS A 88 -32.20 12.32 -14.83
N THR A 89 -32.01 13.53 -15.31
CA THR A 89 -30.69 14.04 -15.64
C THR A 89 -30.39 15.24 -14.76
N ILE A 90 -29.14 15.33 -14.29
CA ILE A 90 -28.65 16.47 -13.55
C ILE A 90 -27.49 17.04 -14.33
N ASP A 91 -27.67 18.24 -14.89
CA ASP A 91 -26.62 18.92 -15.62
C ASP A 91 -25.94 19.91 -14.68
N PHE A 92 -24.61 19.90 -14.64
CA PHE A 92 -23.82 20.70 -13.72
C PHE A 92 -23.10 21.80 -14.47
N GLU A 93 -23.28 23.04 -14.02
CA GLU A 93 -22.51 24.17 -14.52
C GLU A 93 -21.52 24.61 -13.44
N GLN A 94 -20.26 24.73 -13.82
CA GLN A 94 -19.20 25.11 -12.89
C GLN A 94 -19.02 26.62 -12.91
N LYS A 95 -19.25 27.27 -11.77
CA LYS A 95 -19.15 28.71 -11.62
C LYS A 95 -17.85 29.17 -10.95
N ASP A 96 -17.02 28.25 -10.46
CA ASP A 96 -15.74 28.58 -9.86
C ASP A 96 -14.69 27.70 -10.52
N ASP A 97 -13.76 28.33 -11.26
CA ASP A 97 -12.81 27.57 -12.07
C ASP A 97 -11.76 26.84 -11.25
N ARG A 98 -11.59 27.22 -9.97
CA ARG A 98 -10.59 26.59 -9.11
C ARG A 98 -10.91 25.14 -8.79
N ILE A 99 -12.18 24.77 -8.85
CA ILE A 99 -12.60 23.44 -8.45
C ILE A 99 -12.08 22.42 -9.45
N ASN A 100 -11.37 21.40 -8.95
CA ASN A 100 -11.05 20.24 -9.78
C ASN A 100 -11.36 18.92 -9.08
N ARG A 101 -12.12 18.94 -7.98
CA ARG A 101 -12.54 17.73 -7.29
C ARG A 101 -14.02 17.88 -6.96
N PHE A 102 -14.78 16.83 -7.23
CA PHE A 102 -16.24 16.83 -7.16
C PHE A 102 -16.67 15.54 -6.49
N TRP A 103 -17.35 15.62 -5.35
CA TRP A 103 -17.86 14.46 -4.66
C TRP A 103 -19.40 14.53 -4.64
N PHE A 104 -20.03 13.53 -5.23
CA PHE A 104 -21.48 13.47 -5.34
C PHE A 104 -21.97 12.31 -4.47
N ARG A 105 -22.92 12.58 -3.58
CA ARG A 105 -23.43 11.56 -2.70
C ARG A 105 -24.79 11.03 -3.13
N VAL A 106 -24.97 9.73 -3.00
CA VAL A 106 -26.23 9.07 -3.28
C VAL A 106 -26.72 8.43 -1.99
N ALA A 107 -27.98 8.67 -1.66
CA ALA A 107 -28.55 8.10 -0.44
C ALA A 107 -28.62 6.57 -0.55
N ALA A 108 -28.30 5.90 0.54
CA ALA A 108 -28.27 4.44 0.53
C ALA A 108 -28.66 3.92 1.90
N ASP A 109 -28.89 2.61 1.98
CA ASP A 109 -29.11 1.96 3.26
C ASP A 109 -28.23 0.72 3.34
N LYS A 110 -28.16 0.15 4.55
CA LYS A 110 -27.17 -0.89 4.83
C LYS A 110 -27.36 -2.13 3.96
N GLU A 111 -28.61 -2.47 3.63
CA GLU A 111 -28.86 -3.72 2.91
C GLU A 111 -28.71 -3.60 1.41
N GLU A 112 -28.52 -2.40 0.87
CA GLU A 112 -28.43 -2.19 -0.56
C GLU A 112 -27.15 -2.79 -1.13
N LYS A 113 -27.24 -3.29 -2.37
CA LYS A 113 -26.08 -3.81 -3.09
C LYS A 113 -25.98 -3.10 -4.44
N CYS A 114 -24.77 -3.13 -5.01
CA CYS A 114 -24.44 -2.34 -6.19
C CYS A 114 -23.52 -3.15 -7.10
N TYR A 115 -23.72 -3.00 -8.40
CA TYR A 115 -23.00 -3.81 -9.37
C TYR A 115 -22.50 -2.94 -10.51
N GLY A 116 -21.37 -3.35 -11.09
CA GLY A 116 -20.88 -2.62 -12.25
C GLY A 116 -19.53 -1.96 -12.06
N CYS A 117 -19.49 -0.64 -12.32
CA CYS A 117 -18.24 0.09 -12.43
C CYS A 117 -17.33 -0.53 -13.49
N GLY A 118 -17.93 -1.02 -14.58
CA GLY A 118 -17.16 -1.61 -15.67
C GLY A 118 -17.03 -3.10 -15.55
N GLU A 119 -15.97 -3.66 -16.11
CA GLU A 119 -15.67 -5.08 -15.94
C GLU A 119 -14.79 -5.22 -14.70
N GLN A 120 -15.35 -5.83 -13.66
CA GLN A 120 -14.66 -6.01 -12.39
C GLN A 120 -14.25 -7.48 -12.25
N MET A 121 -12.97 -7.72 -11.92
CA MET A 121 -12.40 -9.07 -11.91
C MET A 121 -12.39 -9.71 -10.53
N SER A 122 -12.51 -8.93 -9.45
CA SER A 122 -12.49 -9.47 -8.10
C SER A 122 -13.85 -9.44 -7.40
N TYR A 123 -14.59 -8.34 -7.49
CA TYR A 123 -15.85 -8.22 -6.76
C TYR A 123 -16.94 -7.73 -7.69
N PHE A 124 -18.01 -8.52 -7.77
CA PHE A 124 -19.20 -8.16 -8.55
C PHE A 124 -20.06 -7.19 -7.76
N ASN A 125 -20.52 -7.59 -6.58
CA ASN A 125 -21.12 -6.64 -5.65
C ASN A 125 -20.06 -5.69 -5.13
N LEU A 126 -20.21 -4.40 -5.45
CA LEU A 126 -19.26 -3.36 -5.10
C LEU A 126 -19.38 -2.90 -3.66
N ARG A 127 -20.46 -3.25 -2.96
CA ARG A 127 -20.71 -2.66 -1.64
C ARG A 127 -19.58 -3.00 -0.68
N GLY A 128 -19.18 -2.01 0.12
CA GLY A 128 -18.13 -2.19 1.11
C GLY A 128 -16.73 -1.85 0.65
N ARG A 129 -16.53 -1.51 -0.63
CA ARG A 129 -15.21 -1.15 -1.13
C ARG A 129 -15.32 0.08 -2.02
N ASN A 130 -14.16 0.60 -2.43
CA ASN A 130 -14.11 1.69 -3.40
C ASN A 130 -13.40 1.23 -4.66
N PHE A 131 -13.79 1.83 -5.79
CA PHE A 131 -13.35 1.41 -7.11
C PHE A 131 -12.88 2.62 -7.89
N PRO A 132 -11.58 2.87 -7.95
CA PRO A 132 -11.03 3.86 -8.89
C PRO A 132 -11.38 3.49 -10.32
N ILE A 133 -11.67 4.52 -11.11
CA ILE A 133 -12.08 4.36 -12.51
C ILE A 133 -10.93 4.90 -13.36
N TRP A 134 -10.02 4.01 -13.77
CA TRP A 134 -8.83 4.40 -14.50
C TRP A 134 -8.39 3.15 -15.27
N THR A 135 -8.46 3.20 -16.60
CA THR A 135 -8.08 2.01 -17.37
C THR A 135 -6.56 1.82 -17.27
N SER A 136 -6.15 0.57 -17.09
CA SER A 136 -4.73 0.27 -16.92
C SER A 136 -4.54 -1.22 -17.09
N GLU A 137 -3.29 -1.65 -17.10
CA GLU A 137 -3.04 -3.07 -16.89
C GLU A 137 -3.77 -3.50 -15.63
N PRO A 138 -4.46 -4.65 -15.64
CA PRO A 138 -5.27 -5.05 -14.48
C PRO A 138 -4.45 -5.63 -13.34
N GLY A 139 -3.16 -5.86 -13.53
CA GLY A 139 -2.36 -6.51 -12.50
C GLY A 139 -2.11 -7.98 -12.82
N VAL A 140 -0.95 -8.46 -12.41
CA VAL A 140 -0.61 -9.89 -12.47
C VAL A 140 -0.69 -10.43 -11.06
N GLY A 141 -1.64 -11.35 -10.82
CA GLY A 141 -1.81 -11.87 -9.49
C GLY A 141 -2.93 -11.16 -8.74
N ARG A 142 -2.79 -9.85 -8.58
CA ARG A 142 -3.87 -8.98 -8.08
C ARG A 142 -4.25 -9.32 -6.64
N ASP A 143 -3.32 -9.94 -5.91
CA ASP A 143 -3.60 -10.44 -4.56
C ASP A 143 -2.30 -10.35 -3.77
N LYS A 144 -2.22 -9.36 -2.86
CA LYS A 144 -0.96 -9.09 -2.17
C LYS A 144 -0.42 -10.27 -1.38
N THR A 145 -1.24 -11.30 -1.12
CA THR A 145 -0.75 -12.47 -0.39
C THR A 145 -0.07 -13.52 -1.28
N THR A 146 -0.01 -13.35 -2.59
CA THR A 146 0.59 -14.41 -3.40
C THR A 146 1.99 -14.02 -3.87
N TYR A 147 2.83 -15.05 -4.03
CA TYR A 147 4.19 -14.87 -4.54
C TYR A 147 4.18 -14.18 -5.90
N VAL A 148 3.27 -14.57 -6.80
CA VAL A 148 3.22 -13.96 -8.13
C VAL A 148 2.95 -12.47 -8.04
N THR A 149 2.00 -12.07 -7.19
CA THR A 149 1.72 -10.64 -7.04
C THR A 149 2.93 -9.89 -6.49
N TRP A 150 3.53 -10.43 -5.43
CA TRP A 150 4.68 -9.78 -4.81
C TRP A 150 5.81 -9.60 -5.81
N ARG A 151 6.22 -10.68 -6.51
CA ARG A 151 7.28 -10.54 -7.50
C ARG A 151 6.87 -9.58 -8.62
N SER A 152 5.60 -9.62 -9.04
CA SER A 152 5.16 -8.68 -10.06
C SER A 152 5.33 -7.24 -9.60
N ASP A 153 5.04 -6.96 -8.31
CA ASP A 153 5.31 -5.63 -7.76
C ASP A 153 6.80 -5.31 -7.74
N VAL A 154 7.62 -6.22 -7.21
CA VAL A 154 9.03 -5.90 -6.98
C VAL A 154 9.74 -5.63 -8.32
N GLU A 155 9.55 -6.52 -9.30
CA GLU A 155 10.29 -6.40 -10.55
C GLU A 155 9.60 -5.51 -11.56
N ASN A 156 8.27 -5.50 -11.58
CA ASN A 156 7.55 -4.88 -12.69
C ASN A 156 6.52 -3.84 -12.27
N LYS A 157 6.40 -3.52 -10.97
CA LYS A 157 5.38 -2.58 -10.51
C LYS A 157 3.99 -3.02 -10.98
N ALA A 158 3.77 -4.33 -11.10
CA ALA A 158 2.66 -4.82 -11.92
C ALA A 158 1.70 -5.74 -11.19
N GLY A 159 1.79 -5.87 -9.87
CA GLY A 159 0.90 -6.78 -9.16
C GLY A 159 -0.56 -6.33 -9.19
N GLY A 160 -0.81 -5.02 -9.20
CA GLY A 160 -2.18 -4.55 -9.20
C GLY A 160 -2.88 -4.84 -7.88
N ASP A 161 -4.22 -4.68 -7.91
CA ASP A 161 -5.07 -4.79 -6.73
C ASP A 161 -6.48 -5.10 -7.22
N TYR A 162 -7.41 -5.29 -6.28
CA TYR A 162 -8.73 -5.82 -6.62
C TYR A 162 -9.49 -4.92 -7.61
N TYR A 163 -9.20 -3.63 -7.63
CA TYR A 163 -10.00 -2.70 -8.44
C TYR A 163 -9.43 -2.46 -9.84
N ASN A 164 -8.22 -2.92 -10.13
CA ASN A 164 -7.61 -2.58 -11.41
C ASN A 164 -8.30 -3.34 -12.52
N THR A 165 -8.43 -2.71 -13.70
CA THR A 165 -9.17 -3.32 -14.79
C THR A 165 -8.85 -2.60 -16.08
N ASN A 166 -8.84 -3.38 -17.17
CA ASN A 166 -8.74 -2.78 -18.50
C ASN A 166 -9.98 -1.96 -18.85
N TYR A 167 -11.10 -2.19 -18.18
CA TYR A 167 -12.39 -1.64 -18.57
C TYR A 167 -13.13 -1.21 -17.32
N PRO A 168 -12.80 -0.04 -16.77
CA PRO A 168 -13.64 0.55 -15.73
C PRO A 168 -14.71 1.43 -16.36
N GLN A 169 -15.74 1.73 -15.57
CA GLN A 169 -16.74 2.66 -16.08
C GLN A 169 -17.40 3.37 -14.91
N PRO A 170 -17.63 4.67 -15.01
CA PRO A 170 -18.27 5.39 -13.91
C PRO A 170 -19.80 5.23 -13.95
N THR A 171 -20.24 3.99 -13.77
CA THR A 171 -21.64 3.59 -13.91
C THR A 171 -21.87 2.43 -12.96
N PHE A 172 -22.96 2.46 -12.20
CA PHE A 172 -23.31 1.31 -11.39
C PHE A 172 -24.82 1.10 -11.39
N VAL A 173 -25.19 -0.12 -11.02
CA VAL A 173 -26.58 -0.55 -10.90
C VAL A 173 -26.84 -0.83 -9.42
N SER A 174 -27.96 -0.32 -8.90
CA SER A 174 -28.34 -0.50 -7.52
C SER A 174 -29.48 -1.49 -7.39
N THR A 175 -29.57 -2.13 -6.23
CA THR A 175 -30.68 -3.03 -5.95
C THR A 175 -31.99 -2.28 -5.69
N ASN A 176 -31.95 -0.96 -5.59
CA ASN A 176 -33.17 -0.16 -5.73
C ASN A 176 -33.65 -0.10 -7.18
N LYS A 177 -33.01 -0.84 -8.08
CA LYS A 177 -33.43 -0.97 -9.48
C LYS A 177 -33.36 0.36 -10.22
N TYR A 178 -32.21 1.01 -10.11
CA TYR A 178 -31.81 2.09 -10.98
C TYR A 178 -30.35 1.87 -11.37
N TYR A 179 -29.95 2.51 -12.47
CA TYR A 179 -28.55 2.69 -12.77
C TYR A 179 -28.25 4.17 -12.77
N LEU A 180 -27.00 4.50 -12.45
CA LEU A 180 -26.54 5.87 -12.42
C LEU A 180 -25.25 5.95 -13.21
N HIS A 181 -25.16 6.93 -14.10
CA HIS A 181 -23.99 7.15 -14.94
C HIS A 181 -23.48 8.56 -14.72
N VAL A 182 -22.17 8.70 -14.55
CA VAL A 182 -21.52 10.00 -14.52
C VAL A 182 -20.88 10.23 -15.88
N ASP A 183 -21.32 11.28 -16.57
CA ASP A 183 -20.89 11.58 -17.94
C ASP A 183 -19.54 12.29 -17.89
N SER A 184 -18.50 11.50 -17.65
CA SER A 184 -17.15 12.05 -17.57
C SER A 184 -16.16 10.93 -17.84
N THR A 185 -15.05 11.27 -18.48
CA THR A 185 -13.95 10.32 -18.61
C THR A 185 -12.77 10.70 -17.74
N ALA A 186 -12.98 11.62 -16.78
CA ALA A 186 -11.93 11.92 -15.82
C ALA A 186 -11.68 10.72 -14.92
N TYR A 187 -10.54 10.74 -14.22
CA TYR A 187 -10.37 9.84 -13.09
C TYR A 187 -11.57 9.98 -12.17
N ALA A 188 -12.07 8.84 -11.69
CA ALA A 188 -13.12 8.84 -10.68
C ALA A 188 -12.81 7.77 -9.65
N ASP A 189 -13.53 7.82 -8.53
CA ASP A 189 -13.41 6.81 -7.49
C ASP A 189 -14.79 6.65 -6.85
N PHE A 190 -15.44 5.51 -7.12
CA PHE A 190 -16.79 5.25 -6.63
C PHE A 190 -16.69 4.51 -5.31
N ASP A 191 -17.12 5.16 -4.23
CA ASP A 191 -16.86 4.72 -2.87
C ASP A 191 -18.16 4.17 -2.28
N PHE A 192 -18.21 2.84 -2.07
CA PHE A 192 -19.40 2.21 -1.50
C PHE A 192 -19.14 1.67 -0.08
N ARG A 193 -18.26 2.33 0.66
N ARG A 193 -18.26 2.33 0.66
CA ARG A 193 -17.85 1.85 1.98
CA ARG A 193 -17.86 1.85 1.98
C ARG A 193 -18.75 2.33 3.11
C ARG A 193 -18.79 2.29 3.10
N ASN A 194 -19.63 3.30 2.87
CA ASN A 194 -20.48 3.86 3.92
C ASN A 194 -21.91 3.33 3.83
N ASP A 195 -22.49 2.99 5.00
CA ASP A 195 -23.83 2.40 5.03
C ASP A 195 -24.90 3.33 4.49
N SER A 196 -24.80 4.62 4.75
CA SER A 196 -25.94 5.50 4.46
C SER A 196 -25.79 6.26 3.15
N PHE A 197 -24.71 6.05 2.41
CA PHE A 197 -24.53 6.78 1.16
C PHE A 197 -23.42 6.13 0.34
N HIS A 198 -23.59 6.19 -0.98
CA HIS A 198 -22.49 6.04 -1.93
C HIS A 198 -21.90 7.43 -2.18
N GLU A 199 -20.61 7.48 -2.45
CA GLU A 199 -19.98 8.76 -2.77
C GLU A 199 -19.14 8.59 -4.02
N LEU A 200 -19.42 9.42 -5.02
CA LEU A 200 -18.79 9.33 -6.33
C LEU A 200 -17.83 10.50 -6.46
N GLN A 201 -16.53 10.23 -6.35
CA GLN A 201 -15.49 11.24 -6.50
C GLN A 201 -15.09 11.36 -7.97
N ILE A 202 -15.08 12.58 -8.49
CA ILE A 202 -14.74 12.86 -9.88
C ILE A 202 -13.65 13.93 -9.91
N TRP A 203 -12.65 13.76 -10.76
CA TRP A 203 -11.55 14.74 -10.82
C TRP A 203 -11.81 15.83 -11.85
N GLU A 204 -13.08 16.24 -11.94
CA GLU A 204 -13.56 17.41 -12.68
C GLU A 204 -15.00 17.61 -12.23
N VAL A 205 -15.54 18.78 -12.53
CA VAL A 205 -16.99 18.94 -12.42
C VAL A 205 -17.62 18.22 -13.60
N PRO A 206 -18.39 17.15 -13.39
CA PRO A 206 -18.92 16.39 -14.52
C PRO A 206 -20.03 17.14 -15.24
N LYS A 207 -20.10 16.93 -16.55
CA LYS A 207 -21.16 17.57 -17.34
C LYS A 207 -22.53 17.20 -16.82
N GLN A 208 -22.73 15.94 -16.45
CA GLN A 208 -24.08 15.46 -16.21
C GLN A 208 -24.02 14.16 -15.43
N ILE A 209 -25.00 13.96 -14.57
CA ILE A 209 -25.27 12.67 -13.95
C ILE A 209 -26.64 12.22 -14.43
N ARG A 210 -26.73 10.95 -14.82
CA ARG A 210 -27.93 10.36 -15.39
C ARG A 210 -28.39 9.24 -14.49
N ILE A 211 -29.69 9.21 -14.19
CA ILE A 211 -30.27 8.19 -13.32
C ILE A 211 -31.53 7.67 -14.01
N GLU A 212 -31.64 6.35 -14.12
CA GLU A 212 -32.76 5.76 -14.83
C GLU A 212 -33.21 4.51 -14.10
N CYS A 213 -34.51 4.37 -13.87
CA CYS A 213 -35.05 3.25 -13.11
C CYS A 213 -35.87 2.32 -13.99
N ALA A 214 -36.23 1.16 -13.43
CA ALA A 214 -37.01 0.19 -14.18
C ALA A 214 -37.57 -0.83 -13.20
N ASP A 215 -38.64 -1.49 -13.63
CA ASP A 215 -39.37 -2.44 -12.80
C ASP A 215 -38.61 -3.75 -12.58
N THR A 216 -37.78 -4.15 -13.55
CA THR A 216 -37.04 -5.41 -13.50
C THR A 216 -35.60 -5.17 -13.99
N TYR A 217 -34.70 -6.08 -13.62
CA TYR A 217 -33.33 -5.96 -14.09
C TYR A 217 -33.25 -6.16 -15.60
N LEU A 218 -34.10 -7.02 -16.16
CA LEU A 218 -34.16 -7.18 -17.61
C LEU A 218 -34.51 -5.85 -18.28
N LYS A 219 -35.50 -5.13 -17.75
CA LYS A 219 -35.86 -3.84 -18.34
C LYS A 219 -34.80 -2.78 -18.05
N LEU A 220 -34.15 -2.86 -16.89
CA LEU A 220 -33.03 -1.95 -16.64
C LEU A 220 -31.94 -2.13 -17.71
N LEU A 221 -31.62 -3.38 -18.06
CA LEU A 221 -30.60 -3.60 -19.09
C LEU A 221 -31.08 -3.10 -20.45
N GLU A 222 -32.38 -3.19 -20.73
CA GLU A 222 -32.92 -2.58 -21.95
C GLU A 222 -32.65 -1.08 -21.97
N ARG A 223 -32.90 -0.40 -20.85
CA ARG A 223 -32.65 1.05 -20.79
C ARG A 223 -31.16 1.38 -20.85
N ILE A 224 -30.34 0.60 -20.13
CA ILE A 224 -28.89 0.83 -20.14
C ILE A 224 -28.35 0.82 -21.57
N THR A 225 -28.75 -0.18 -22.34
CA THR A 225 -28.20 -0.35 -23.68
C THR A 225 -28.89 0.54 -24.71
N THR A 226 -30.14 0.94 -24.48
CA THR A 226 -30.71 2.02 -25.28
C THR A 226 -29.85 3.27 -25.18
N TYR A 227 -29.30 3.54 -23.98
CA TYR A 227 -28.48 4.73 -23.80
C TYR A 227 -27.05 4.52 -24.29
N PHE A 228 -26.41 3.43 -23.90
CA PHE A 228 -24.99 3.24 -24.23
C PHE A 228 -24.76 2.59 -25.59
N GLY A 229 -25.67 1.72 -26.02
CA GLY A 229 -25.50 1.01 -27.28
C GLY A 229 -25.72 -0.48 -27.17
N ARG A 230 -25.96 -1.14 -28.30
CA ARG A 230 -26.11 -2.60 -28.34
C ARG A 230 -25.16 -3.18 -29.37
N GLN A 231 -24.69 -4.40 -29.10
CA GLN A 231 -23.77 -5.09 -30.00
C GLN A 231 -24.54 -5.75 -31.15
N PRO A 232 -23.91 -5.90 -32.31
CA PRO A 232 -24.53 -6.71 -33.37
C PRO A 232 -24.53 -8.18 -32.97
N LYS A 233 -25.29 -8.98 -33.73
CA LYS A 233 -25.15 -10.43 -33.63
C LYS A 233 -23.75 -10.84 -34.06
N LEU A 234 -23.27 -11.93 -33.49
CA LEU A 234 -22.00 -12.50 -33.91
C LEU A 234 -22.15 -13.18 -35.28
N PRO A 235 -21.09 -13.18 -36.10
CA PRO A 235 -21.16 -13.88 -37.38
C PRO A 235 -21.50 -15.35 -37.20
N ASP A 236 -22.31 -15.89 -38.13
CA ASP A 236 -22.72 -17.29 -38.03
C ASP A 236 -21.51 -18.23 -37.97
N TRP A 237 -20.39 -17.88 -38.59
CA TRP A 237 -19.30 -18.84 -38.65
C TRP A 237 -18.63 -19.09 -37.30
N VAL A 238 -18.82 -18.22 -36.30
CA VAL A 238 -18.15 -18.49 -35.03
C VAL A 238 -18.67 -19.78 -34.41
N TYR A 239 -19.92 -20.15 -34.69
CA TYR A 239 -20.51 -21.34 -34.09
C TYR A 239 -20.05 -22.63 -34.75
N ASN A 240 -19.23 -22.56 -35.79
CA ASN A 240 -18.66 -23.77 -36.40
C ASN A 240 -17.69 -24.50 -35.50
N GLY A 241 -17.27 -23.92 -34.38
CA GLY A 241 -16.28 -24.61 -33.56
C GLY A 241 -15.23 -23.69 -32.94
N LEU A 242 -14.03 -24.23 -32.74
CA LEU A 242 -13.00 -23.58 -31.95
C LEU A 242 -12.23 -22.56 -32.79
N ILE A 243 -11.85 -21.46 -32.15
CA ILE A 243 -10.88 -20.51 -32.69
C ILE A 243 -9.53 -20.88 -32.07
N ILE A 244 -8.61 -21.44 -32.85
CA ILE A 244 -7.35 -21.92 -32.29
C ILE A 244 -6.28 -20.84 -32.38
N GLY A 245 -5.64 -20.55 -31.23
CA GLY A 245 -4.60 -19.55 -31.19
C GLY A 245 -3.25 -20.23 -31.32
N VAL A 246 -2.62 -20.10 -32.49
CA VAL A 246 -1.34 -20.74 -32.78
C VAL A 246 -0.43 -19.67 -33.39
N GLN A 247 0.85 -20.01 -33.49
CA GLN A 247 1.86 -19.07 -33.96
C GLN A 247 2.98 -19.84 -34.61
N GLY A 248 3.86 -19.09 -35.27
CA GLY A 248 5.13 -19.62 -35.75
C GLY A 248 5.37 -19.53 -37.23
N GLY A 249 4.47 -18.95 -38.01
CA GLY A 249 4.63 -18.90 -39.46
C GLY A 249 3.83 -19.96 -40.16
N ASN A 250 3.88 -19.89 -41.50
CA ASN A 250 3.03 -20.76 -42.34
C ASN A 250 3.10 -22.22 -41.92
N GLU A 251 4.30 -22.80 -41.93
CA GLU A 251 4.40 -24.24 -41.73
C GLU A 251 3.88 -24.65 -40.34
N ARG A 252 4.27 -23.91 -39.30
CA ARG A 252 3.85 -24.34 -37.95
C ARG A 252 2.37 -24.08 -37.72
N SER A 253 1.89 -22.87 -38.04
CA SER A 253 0.51 -22.51 -37.75
C SER A 253 -0.46 -23.36 -38.57
N PHE A 254 -0.29 -23.39 -39.89
CA PHE A 254 -1.20 -24.22 -40.67
C PHE A 254 -0.96 -25.70 -40.43
N GLY A 255 0.25 -26.08 -40.02
CA GLY A 255 0.48 -27.43 -39.56
C GLY A 255 -0.32 -27.79 -38.33
N LEU A 256 -0.41 -26.86 -37.38
CA LEU A 256 -1.20 -27.12 -36.17
C LEU A 256 -2.70 -27.15 -36.48
N LEU A 257 -3.14 -26.35 -37.45
CA LEU A 257 -4.51 -26.45 -37.93
C LEU A 257 -4.81 -27.85 -38.45
N ASP A 258 -3.96 -28.37 -39.33
CA ASP A 258 -4.11 -29.72 -39.84
C ASP A 258 -4.15 -30.74 -38.71
N LYS A 259 -3.24 -30.61 -37.73
CA LYS A 259 -3.22 -31.52 -36.59
C LYS A 259 -4.54 -31.46 -35.82
N THR A 260 -5.01 -30.24 -35.57
CA THR A 260 -6.27 -30.08 -34.84
C THR A 260 -7.42 -30.76 -35.59
N LEU A 261 -7.54 -30.48 -36.89
CA LEU A 261 -8.57 -31.11 -37.69
C LEU A 261 -8.38 -32.62 -37.76
N ASP A 262 -7.13 -33.09 -37.84
CA ASP A 262 -6.89 -34.53 -37.88
C ASP A 262 -7.39 -35.22 -36.61
N ARG A 263 -7.39 -34.50 -35.49
CA ARG A 263 -7.88 -35.02 -34.22
C ARG A 263 -9.38 -34.81 -34.04
N ASN A 264 -10.09 -34.44 -35.12
CA ASN A 264 -11.55 -34.33 -35.11
C ASN A 264 -12.06 -33.22 -34.19
N ILE A 265 -11.25 -32.20 -33.96
CA ILE A 265 -11.71 -30.99 -33.30
C ILE A 265 -12.27 -30.07 -34.37
N LYS A 266 -13.52 -29.64 -34.21
CA LYS A 266 -14.12 -28.71 -35.15
C LYS A 266 -13.50 -27.33 -35.01
N VAL A 267 -13.11 -26.73 -36.12
CA VAL A 267 -12.41 -25.45 -36.11
C VAL A 267 -13.25 -24.43 -36.87
N ALA A 268 -13.59 -23.33 -36.19
CA ALA A 268 -14.23 -22.19 -36.84
C ALA A 268 -13.21 -21.28 -37.50
N GLY A 269 -12.05 -21.11 -36.87
CA GLY A 269 -11.05 -20.20 -37.39
C GLY A 269 -9.69 -20.43 -36.75
N ILE A 270 -8.66 -19.99 -37.46
CA ILE A 270 -7.29 -20.00 -36.95
C ILE A 270 -6.91 -18.55 -36.63
N TRP A 271 -6.53 -18.31 -35.39
CA TRP A 271 -6.17 -16.97 -34.92
C TRP A 271 -4.65 -16.94 -34.75
N CYS A 272 -3.95 -16.27 -35.68
CA CYS A 272 -2.49 -16.13 -35.62
C CYS A 272 -2.16 -14.72 -35.23
N GLN A 273 -1.91 -14.48 -33.94
CA GLN A 273 -1.61 -13.12 -33.52
C GLN A 273 -0.29 -12.62 -34.08
N ASP A 274 0.62 -13.53 -34.45
CA ASP A 274 1.89 -13.14 -35.06
C ASP A 274 1.80 -13.05 -36.59
N TRP A 275 0.58 -12.89 -37.13
CA TRP A 275 0.42 -12.69 -38.56
C TRP A 275 1.32 -11.58 -39.07
N CYS A 276 1.65 -10.61 -38.22
CA CYS A 276 2.48 -9.48 -38.57
C CYS A 276 3.91 -9.57 -38.02
N GLY A 277 4.32 -10.74 -37.54
CA GLY A 277 5.68 -10.94 -37.05
C GLY A 277 5.75 -11.01 -35.53
N LYS A 278 6.92 -11.43 -35.05
CA LYS A 278 7.16 -11.68 -33.64
C LYS A 278 8.24 -10.75 -33.10
N ARG A 279 8.26 -10.61 -31.78
CA ARG A 279 9.33 -9.91 -31.08
C ARG A 279 9.51 -10.60 -29.74
N VAL A 280 10.70 -11.13 -29.47
CA VAL A 280 10.98 -11.86 -28.23
C VAL A 280 11.63 -10.91 -27.23
N THR A 281 11.08 -10.85 -26.03
CA THR A 281 11.62 -10.02 -24.94
C THR A 281 11.77 -10.89 -23.70
N SER A 282 12.26 -10.28 -22.62
CA SER A 282 12.33 -11.03 -21.37
C SER A 282 10.93 -11.42 -20.85
N PHE A 283 9.86 -10.72 -21.27
CA PHE A 283 8.51 -11.12 -20.89
C PHE A 283 8.11 -12.43 -21.55
N GLY A 284 8.48 -12.62 -22.81
CA GLY A 284 8.23 -13.85 -23.55
C GLY A 284 8.15 -13.57 -25.04
N LYS A 285 7.35 -14.39 -25.74
CA LYS A 285 7.20 -14.26 -27.18
C LYS A 285 6.09 -13.25 -27.46
N ARG A 286 6.46 -12.04 -27.85
CA ARG A 286 5.49 -11.01 -28.17
C ARG A 286 5.43 -10.82 -29.68
N LEU A 287 4.90 -9.68 -30.12
CA LEU A 287 4.55 -9.43 -31.50
C LEU A 287 5.28 -8.20 -32.03
N GLN A 288 5.43 -8.14 -33.35
CA GLN A 288 5.97 -6.96 -34.02
C GLN A 288 4.81 -6.00 -34.34
N TRP A 289 4.82 -4.80 -33.75
CA TRP A 289 3.65 -3.90 -33.83
C TRP A 289 3.74 -3.04 -35.09
N ASP A 290 3.46 -3.70 -36.22
CA ASP A 290 3.49 -3.09 -37.54
C ASP A 290 2.46 -3.84 -38.37
N TRP A 291 1.26 -3.27 -38.53
CA TRP A 291 0.05 -4.03 -38.86
C TRP A 291 -0.10 -4.31 -40.36
N LYS A 292 0.93 -4.98 -40.91
CA LYS A 292 0.92 -5.57 -42.24
C LYS A 292 1.46 -6.98 -42.10
N TYR A 293 0.96 -7.92 -42.92
CA TYR A 293 1.36 -9.30 -42.70
C TYR A 293 2.85 -9.46 -42.95
N HIS A 294 3.45 -10.39 -42.23
CA HIS A 294 4.90 -10.57 -42.25
C HIS A 294 5.25 -11.49 -43.41
N LYS A 295 5.91 -10.96 -44.43
CA LYS A 295 6.07 -11.70 -45.67
C LYS A 295 7.07 -12.84 -45.56
N GLU A 296 7.95 -12.81 -44.57
CA GLU A 296 8.90 -13.90 -44.38
C GLU A 296 8.33 -15.00 -43.51
N MET A 297 7.63 -14.66 -42.43
CA MET A 297 7.01 -15.69 -41.60
C MET A 297 5.77 -16.30 -42.27
N TYR A 298 4.95 -15.47 -42.92
CA TYR A 298 3.73 -15.94 -43.58
C TYR A 298 3.72 -15.53 -45.04
N PRO A 299 4.66 -16.03 -45.85
CA PRO A 299 4.65 -15.66 -47.29
C PRO A 299 3.35 -16.04 -47.98
N ASP A 300 2.88 -15.12 -48.82
CA ASP A 300 1.65 -15.32 -49.59
C ASP A 300 0.47 -15.65 -48.67
N LEU A 301 0.41 -15.00 -47.52
CA LEU A 301 -0.72 -15.21 -46.61
C LEU A 301 -2.08 -15.02 -47.29
N PRO A 302 -2.30 -14.00 -48.13
CA PRO A 302 -3.64 -13.87 -48.76
C PRO A 302 -4.05 -15.10 -49.52
N LYS A 303 -3.12 -15.73 -50.23
CA LYS A 303 -3.41 -16.99 -50.90
C LYS A 303 -3.79 -18.08 -49.91
N LYS A 304 -3.03 -18.20 -48.81
CA LYS A 304 -3.33 -19.22 -47.80
C LYS A 304 -4.69 -19.01 -47.18
N ILE A 305 -5.06 -17.74 -46.92
CA ILE A 305 -6.37 -17.45 -46.36
C ILE A 305 -7.47 -17.95 -47.30
N LYS A 306 -7.31 -17.73 -48.60
CA LYS A 306 -8.31 -18.22 -49.55
C LYS A 306 -8.45 -19.72 -49.47
N GLU A 307 -7.31 -20.43 -49.38
CA GLU A 307 -7.36 -21.90 -49.34
C GLU A 307 -8.13 -22.39 -48.13
N ILE A 308 -7.83 -21.85 -46.94
CA ILE A 308 -8.53 -22.38 -45.77
C ILE A 308 -9.99 -21.92 -45.75
N ASN A 309 -10.28 -20.74 -46.30
CA ASN A 309 -11.68 -20.31 -46.45
C ASN A 309 -12.48 -21.33 -47.24
N ALA A 310 -11.91 -21.83 -48.33
CA ALA A 310 -12.61 -22.82 -49.15
C ALA A 310 -12.90 -24.11 -48.37
N LYS A 311 -12.19 -24.33 -47.26
CA LYS A 311 -12.43 -25.46 -46.37
C LYS A 311 -13.33 -25.11 -45.19
N GLY A 312 -13.93 -23.93 -45.19
CA GLY A 312 -14.83 -23.54 -44.11
C GLY A 312 -14.15 -22.95 -42.89
N ILE A 313 -12.94 -22.41 -43.02
CA ILE A 313 -12.17 -21.97 -41.86
C ILE A 313 -11.77 -20.51 -42.07
N LYS A 314 -12.01 -19.67 -41.06
CA LYS A 314 -11.66 -18.27 -41.17
C LYS A 314 -10.25 -18.02 -40.62
N PHE A 315 -9.67 -16.87 -40.99
CA PHE A 315 -8.37 -16.44 -40.48
C PHE A 315 -8.57 -15.17 -39.66
N LEU A 316 -7.98 -15.15 -38.46
CA LEU A 316 -8.08 -14.00 -37.56
C LEU A 316 -6.70 -13.48 -37.18
N GLY A 317 -6.61 -12.17 -37.00
CA GLY A 317 -5.34 -11.51 -36.77
C GLY A 317 -5.30 -10.69 -35.49
N TYR A 318 -4.57 -9.58 -35.52
CA TYR A 318 -4.30 -8.78 -34.33
C TYR A 318 -3.89 -7.38 -34.77
N VAL A 319 -4.44 -6.36 -34.11
CA VAL A 319 -3.97 -4.97 -34.23
C VAL A 319 -4.12 -4.31 -32.87
N ASN A 320 -3.35 -3.25 -32.66
CA ASN A 320 -3.54 -2.41 -31.48
C ASN A 320 -3.17 -0.98 -31.89
N PRO A 321 -3.49 0.01 -31.05
CA PRO A 321 -3.43 1.39 -31.57
C PRO A 321 -2.05 2.05 -31.45
N TYR A 322 -1.00 1.25 -31.34
CA TYR A 322 0.37 1.75 -31.22
C TYR A 322 1.22 1.16 -32.34
N LEU A 323 2.39 1.76 -32.58
CA LEU A 323 3.28 1.30 -33.65
C LEU A 323 4.72 1.34 -33.16
N VAL A 324 5.42 0.20 -33.21
CA VAL A 324 6.80 0.16 -32.75
C VAL A 324 7.69 0.96 -33.71
N ASN A 325 8.71 1.61 -33.15
CA ASN A 325 9.45 2.64 -33.87
C ASN A 325 10.44 2.10 -34.92
N ASP A 326 10.48 0.79 -35.19
CA ASP A 326 11.27 0.32 -36.32
C ASP A 326 10.39 -0.23 -37.43
N GLY A 327 9.07 0.03 -37.39
CA GLY A 327 8.18 -0.53 -38.39
C GLY A 327 7.90 0.42 -39.55
N GLU A 328 7.39 -0.17 -40.64
CA GLU A 328 7.03 0.61 -41.82
C GLU A 328 5.90 1.59 -41.53
N LEU A 329 4.84 1.12 -40.87
CA LEU A 329 3.73 2.03 -40.59
C LEU A 329 4.14 3.11 -39.60
N TYR A 330 5.03 2.81 -38.65
CA TYR A 330 5.56 3.86 -37.79
C TYR A 330 6.23 4.96 -38.61
N LYS A 331 7.05 4.57 -39.60
CA LYS A 331 7.76 5.54 -40.40
C LYS A 331 6.78 6.49 -41.10
N GLU A 332 5.73 5.92 -41.70
CA GLU A 332 4.70 6.71 -42.36
C GLU A 332 3.94 7.60 -41.38
N GLY A 333 3.56 7.06 -40.21
CA GLY A 333 2.89 7.89 -39.23
C GLY A 333 3.77 9.02 -38.71
N LYS A 334 5.07 8.74 -38.54
CA LYS A 334 5.99 9.78 -38.11
C LYS A 334 6.07 10.89 -39.17
N GLU A 335 6.16 10.51 -40.44
CA GLU A 335 6.23 11.48 -41.53
C GLU A 335 5.00 12.36 -41.55
N LYS A 336 3.81 11.77 -41.38
CA LYS A 336 2.56 12.52 -41.49
C LYS A 336 2.15 13.18 -40.18
N GLY A 337 2.95 13.07 -39.13
CA GLY A 337 2.64 13.73 -37.86
C GLY A 337 1.41 13.18 -37.16
N TYR A 338 1.22 11.87 -37.18
CA TYR A 338 0.00 11.26 -36.67
C TYR A 338 0.16 10.69 -35.26
N PHE A 339 1.25 11.00 -34.57
CA PHE A 339 1.48 10.51 -33.22
C PHE A 339 1.27 11.61 -32.19
N ALA A 340 0.81 11.21 -31.00
CA ALA A 340 0.83 12.14 -29.86
C ALA A 340 2.26 12.61 -29.57
N THR A 341 2.37 13.86 -29.13
CA THR A 341 3.67 14.52 -28.99
C THR A 341 3.88 15.00 -27.57
N LYS A 342 5.14 15.28 -27.24
CA LYS A 342 5.47 15.84 -25.93
C LYS A 342 5.39 17.36 -25.99
N ALA A 343 5.57 17.99 -24.81
CA ALA A 343 5.65 19.45 -24.76
C ALA A 343 6.79 19.97 -25.61
N ASP A 344 7.92 19.26 -25.65
CA ASP A 344 9.04 19.70 -26.46
C ASP A 344 8.85 19.45 -27.96
N GLY A 345 7.70 18.95 -28.40
CA GLY A 345 7.36 18.82 -29.80
C GLY A 345 7.66 17.47 -30.43
N SER A 346 8.48 16.64 -29.79
CA SER A 346 8.84 15.34 -30.34
C SER A 346 7.70 14.33 -30.16
N ASP A 347 7.72 13.27 -30.94
CA ASP A 347 6.75 12.20 -30.75
C ASP A 347 7.02 11.50 -29.42
N TYR A 348 5.95 11.23 -28.69
CA TYR A 348 6.07 10.52 -27.42
C TYR A 348 6.28 9.04 -27.74
N LEU A 349 7.37 8.47 -27.23
CA LEU A 349 7.66 7.05 -27.41
C LEU A 349 7.41 6.36 -26.07
N VAL A 350 6.38 5.53 -26.01
CA VAL A 350 6.01 4.80 -24.80
C VAL A 350 6.79 3.50 -24.75
N ASP A 351 7.37 3.20 -23.58
CA ASP A 351 8.08 1.94 -23.34
C ASP A 351 7.09 0.84 -23.01
N PHE A 352 6.99 -0.16 -23.88
CA PHE A 352 6.10 -1.29 -23.65
C PHE A 352 6.82 -2.50 -23.07
N GLY A 353 8.10 -2.35 -22.74
CA GLY A 353 8.90 -3.44 -22.23
C GLY A 353 9.96 -3.88 -23.21
N GLU A 354 11.06 -3.13 -23.28
CA GLU A 354 12.20 -3.39 -24.15
C GLU A 354 11.90 -3.05 -25.61
N PHE A 355 10.81 -2.32 -25.88
CA PHE A 355 10.61 -1.70 -27.18
C PHE A 355 9.71 -0.49 -26.99
N TYR A 356 9.80 0.45 -27.92
CA TYR A 356 9.16 1.76 -27.80
C TYR A 356 8.25 2.01 -28.99
N CYS A 357 7.08 2.60 -28.73
CA CYS A 357 6.06 2.76 -29.74
C CYS A 357 5.48 4.16 -29.70
N GLY A 358 5.09 4.65 -30.88
CA GLY A 358 4.27 5.85 -30.93
C GLY A 358 2.81 5.54 -30.66
N VAL A 359 2.13 6.51 -30.08
CA VAL A 359 0.69 6.43 -29.84
C VAL A 359 -0.01 7.17 -30.97
N VAL A 360 -0.73 6.44 -31.82
CA VAL A 360 -1.47 7.11 -32.88
C VAL A 360 -2.52 8.00 -32.23
N ASP A 361 -2.49 9.29 -32.58
CA ASP A 361 -3.38 10.27 -31.93
C ASP A 361 -4.79 10.11 -32.48
N LEU A 362 -5.57 9.25 -31.84
CA LEU A 362 -6.92 8.98 -32.31
C LEU A 362 -7.85 10.18 -32.20
N THR A 363 -7.43 11.25 -31.51
CA THR A 363 -8.23 12.46 -31.44
C THR A 363 -8.00 13.38 -32.64
N ASN A 364 -6.94 13.14 -33.40
CA ASN A 364 -6.70 13.84 -34.65
C ASN A 364 -7.51 13.13 -35.73
N PRO A 365 -8.55 13.78 -36.29
CA PRO A 365 -9.39 13.09 -37.26
C PRO A 365 -8.61 12.52 -38.44
N GLU A 366 -7.55 13.20 -38.88
CA GLU A 366 -6.75 12.68 -39.99
C GLU A 366 -6.03 11.39 -39.60
N ALA A 367 -5.43 11.37 -38.41
CA ALA A 367 -4.79 10.15 -37.91
C ALA A 367 -5.82 9.04 -37.69
N PHE A 368 -7.01 9.39 -37.19
CA PHE A 368 -8.08 8.41 -36.98
C PHE A 368 -8.47 7.73 -38.29
N GLU A 369 -8.76 8.53 -39.33
CA GLU A 369 -9.09 7.95 -40.64
C GLU A 369 -7.92 7.16 -41.21
N TRP A 370 -6.70 7.64 -41.02
CA TRP A 370 -5.53 6.90 -41.48
C TRP A 370 -5.48 5.52 -40.84
N PHE A 371 -5.71 5.43 -39.53
CA PHE A 371 -5.60 4.12 -38.89
C PHE A 371 -6.77 3.22 -39.29
N LYS A 372 -7.95 3.80 -39.44
CA LYS A 372 -9.06 3.07 -40.02
C LYS A 372 -8.69 2.49 -41.38
N ASP A 373 -8.01 3.28 -42.21
CA ASP A 373 -7.62 2.79 -43.53
C ASP A 373 -6.57 1.69 -43.45
N ILE A 374 -5.71 1.74 -42.43
CA ILE A 374 -4.74 0.67 -42.18
C ILE A 374 -5.47 -0.66 -41.92
N ILE A 375 -6.55 -0.63 -41.14
CA ILE A 375 -7.32 -1.84 -40.88
C ILE A 375 -8.01 -2.33 -42.15
N LYS A 376 -8.63 -1.40 -42.90
CA LYS A 376 -9.32 -1.80 -44.14
C LYS A 376 -8.35 -2.40 -45.14
N GLU A 377 -7.18 -1.76 -45.32
CA GLU A 377 -6.26 -2.14 -46.38
C GLU A 377 -5.49 -3.41 -46.03
N TYR A 378 -4.96 -3.50 -44.81
CA TYR A 378 -3.99 -4.54 -44.50
C TYR A 378 -4.54 -5.69 -43.66
N THR A 379 -5.69 -5.50 -43.02
CA THR A 379 -6.34 -6.61 -42.32
C THR A 379 -7.53 -7.09 -43.17
N LEU A 380 -8.61 -6.30 -43.23
CA LEU A 380 -9.76 -6.68 -44.04
C LEU A 380 -9.37 -6.86 -45.51
N GLY A 381 -8.45 -6.03 -46.01
CA GLY A 381 -8.07 -6.06 -47.41
C GLY A 381 -7.40 -7.35 -47.87
N ILE A 382 -6.89 -8.17 -46.95
CA ILE A 382 -6.33 -9.46 -47.36
C ILE A 382 -7.22 -10.62 -46.97
N GLY A 383 -8.44 -10.35 -46.51
CA GLY A 383 -9.39 -11.41 -46.23
C GLY A 383 -9.41 -11.93 -44.81
N ILE A 384 -8.85 -11.17 -43.87
CA ILE A 384 -8.95 -11.53 -42.45
C ILE A 384 -10.35 -11.17 -41.97
N ASP A 385 -11.01 -12.13 -41.32
CA ASP A 385 -12.41 -12.01 -40.93
C ASP A 385 -12.61 -11.73 -39.44
N GLY A 386 -11.54 -11.54 -38.70
CA GLY A 386 -11.68 -11.17 -37.29
C GLY A 386 -10.31 -10.91 -36.73
N TRP A 387 -10.28 -10.29 -35.56
CA TRP A 387 -8.98 -9.99 -34.98
C TRP A 387 -9.12 -9.58 -33.51
N MET A 388 -8.04 -9.79 -32.78
CA MET A 388 -7.88 -9.18 -31.48
C MET A 388 -7.58 -7.70 -31.68
N ALA A 389 -8.39 -6.83 -31.06
CA ALA A 389 -8.17 -5.38 -31.12
C ALA A 389 -7.75 -4.96 -29.71
N ASP A 390 -6.44 -4.91 -29.51
CA ASP A 390 -5.84 -5.01 -28.19
C ASP A 390 -5.51 -3.63 -27.62
N PHE A 391 -5.18 -3.63 -26.34
CA PHE A 391 -4.68 -2.46 -25.61
C PHE A 391 -5.65 -1.29 -25.64
N GLY A 392 -5.14 -0.08 -25.44
CA GLY A 392 -5.94 1.11 -25.22
C GLY A 392 -5.79 1.72 -23.84
N GLU A 393 -4.99 1.12 -22.95
CA GLU A 393 -4.88 1.55 -21.55
C GLU A 393 -3.65 2.39 -21.25
N TYR A 394 -2.76 2.60 -22.22
CA TYR A 394 -1.40 3.05 -21.92
C TYR A 394 -1.18 4.53 -22.18
N LEU A 395 -2.22 5.34 -22.24
CA LEU A 395 -1.95 6.76 -22.55
C LEU A 395 -1.32 7.42 -21.33
N PRO A 396 -0.12 7.98 -21.45
CA PRO A 396 0.51 8.64 -20.30
C PRO A 396 -0.15 9.97 -20.00
N THR A 397 0.19 10.53 -18.84
CA THR A 397 -0.37 11.80 -18.42
C THR A 397 0.69 12.86 -18.17
N ASP A 398 1.98 12.52 -18.29
CA ASP A 398 3.01 13.38 -17.74
C ASP A 398 3.36 14.52 -18.68
N ASP A 399 3.57 14.22 -19.96
CA ASP A 399 4.17 15.19 -20.86
C ASP A 399 3.73 14.85 -22.29
N ILE A 400 2.43 14.98 -22.54
CA ILE A 400 1.87 14.56 -23.80
C ILE A 400 0.79 15.54 -24.23
N CYS A 401 0.67 15.71 -25.55
CA CYS A 401 -0.25 16.67 -26.17
C CYS A 401 -1.09 15.94 -27.20
N LEU A 402 -2.40 16.15 -27.13
CA LEU A 402 -3.36 15.55 -28.05
C LEU A 402 -3.99 16.63 -28.94
N TYR A 403 -4.25 16.25 -30.19
CA TYR A 403 -4.92 17.15 -31.12
C TYR A 403 -6.19 17.74 -30.53
N SER A 404 -6.93 16.97 -29.74
CA SER A 404 -8.13 17.51 -29.11
C SER A 404 -7.83 18.71 -28.23
N GLY A 405 -6.58 18.87 -27.78
CA GLY A 405 -6.23 19.88 -26.81
C GLY A 405 -6.70 19.62 -25.39
N LYS A 406 -7.46 18.54 -25.17
CA LYS A 406 -7.88 18.17 -23.82
C LYS A 406 -6.71 17.57 -23.05
N SER A 407 -6.81 17.63 -21.73
CA SER A 407 -5.75 17.06 -20.91
C SER A 407 -5.71 15.54 -21.04
N PRO A 408 -4.52 14.93 -21.02
CA PRO A 408 -4.47 13.46 -20.95
C PRO A 408 -5.09 12.90 -19.68
N MET A 409 -5.29 13.73 -18.65
CA MET A 409 -6.06 13.29 -17.49
C MET A 409 -7.53 13.02 -17.84
N ILE A 410 -7.99 13.55 -18.97
CA ILE A 410 -9.34 13.32 -19.45
C ILE A 410 -9.35 12.31 -20.59
N GLU A 411 -8.35 12.36 -21.48
CA GLU A 411 -8.34 11.46 -22.63
C GLU A 411 -7.87 10.05 -22.30
N HIS A 412 -7.19 9.85 -21.17
CA HIS A 412 -6.70 8.53 -20.82
C HIS A 412 -7.83 7.50 -20.81
N ASN A 413 -8.90 7.77 -20.06
CA ASN A 413 -10.03 6.84 -20.02
C ASN A 413 -10.84 6.87 -21.30
N HIS A 414 -10.69 7.94 -22.09
CA HIS A 414 -11.40 8.03 -23.35
C HIS A 414 -10.80 7.12 -24.41
N TRP A 415 -9.50 6.81 -24.31
CA TRP A 415 -8.80 6.13 -25.39
C TRP A 415 -9.43 4.81 -25.80
N PRO A 416 -9.80 3.90 -24.87
CA PRO A 416 -10.38 2.63 -25.30
C PRO A 416 -11.62 2.78 -26.17
N VAL A 417 -12.46 3.78 -25.93
CA VAL A 417 -13.66 3.95 -26.76
C VAL A 417 -13.31 4.57 -28.10
N LEU A 418 -12.36 5.51 -28.14
CA LEU A 418 -11.87 6.01 -29.43
C LEU A 418 -11.33 4.88 -30.28
N TRP A 419 -10.56 3.98 -29.66
CA TRP A 419 -10.00 2.84 -30.38
C TRP A 419 -11.10 1.88 -30.83
N ALA A 420 -12.08 1.62 -29.95
CA ALA A 420 -13.24 0.81 -30.33
C ALA A 420 -13.93 1.41 -31.54
N LYS A 421 -14.14 2.74 -31.51
CA LYS A 421 -14.79 3.44 -32.62
C LYS A 421 -14.01 3.30 -33.91
N CYS A 422 -12.68 3.35 -33.82
CA CYS A 422 -11.85 3.15 -35.01
C CYS A 422 -12.15 1.80 -35.67
N ASN A 423 -12.19 0.74 -34.86
CA ASN A 423 -12.46 -0.60 -35.39
C ASN A 423 -13.89 -0.71 -35.91
N TYR A 424 -14.84 -0.12 -35.17
CA TYR A 424 -16.23 -0.21 -35.56
C TYR A 424 -16.45 0.44 -36.92
N GLU A 425 -15.87 1.62 -37.13
CA GLU A 425 -16.10 2.32 -38.39
C GLU A 425 -15.41 1.62 -39.55
N ALA A 426 -14.20 1.09 -39.33
CA ALA A 426 -13.56 0.27 -40.37
C ALA A 426 -14.48 -0.85 -40.82
N VAL A 427 -15.07 -1.57 -39.85
CA VAL A 427 -15.93 -2.70 -40.20
C VAL A 427 -17.23 -2.21 -40.82
N LYS A 428 -17.84 -1.19 -40.23
CA LYS A 428 -19.13 -0.71 -40.74
C LYS A 428 -19.00 -0.15 -42.15
N GLU A 429 -18.01 0.73 -42.37
CA GLU A 429 -17.83 1.32 -43.69
C GLU A 429 -17.51 0.27 -44.73
N SER A 430 -16.92 -0.86 -44.30
CA SER A 430 -16.67 -1.98 -45.19
C SER A 430 -17.91 -2.83 -45.43
N GLY A 431 -19.04 -2.47 -44.83
CA GLY A 431 -20.26 -3.26 -44.97
C GLY A 431 -20.20 -4.64 -44.34
N LYS A 432 -19.42 -4.82 -43.27
CA LYS A 432 -19.17 -6.14 -42.72
C LYS A 432 -19.66 -6.31 -41.27
N LEU A 433 -20.40 -5.35 -40.71
CA LEU A 433 -21.00 -5.55 -39.40
C LEU A 433 -21.86 -6.81 -39.41
N GLY A 434 -21.71 -7.64 -38.38
CA GLY A 434 -22.33 -8.94 -38.38
C GLY A 434 -21.61 -10.01 -39.18
N ASP A 435 -20.56 -9.66 -39.93
CA ASP A 435 -19.84 -10.68 -40.71
C ASP A 435 -18.40 -10.87 -40.26
N VAL A 436 -17.79 -9.85 -39.70
CA VAL A 436 -16.45 -9.96 -39.12
C VAL A 436 -16.56 -9.52 -37.67
N VAL A 437 -15.66 -10.01 -36.83
CA VAL A 437 -15.74 -9.69 -35.42
C VAL A 437 -14.36 -9.39 -34.87
N TYR A 438 -14.24 -8.30 -34.11
CA TYR A 438 -13.01 -8.02 -33.38
C TYR A 438 -13.33 -8.11 -31.89
N PHE A 439 -12.31 -8.42 -31.09
CA PHE A 439 -12.56 -8.51 -29.66
C PHE A 439 -11.56 -7.64 -28.91
N MET A 440 -12.07 -6.92 -27.91
CA MET A 440 -11.29 -5.95 -27.15
C MET A 440 -11.27 -6.33 -25.67
N ARG A 441 -10.18 -6.00 -24.99
CA ARG A 441 -10.11 -6.15 -23.56
C ARG A 441 -10.31 -4.84 -22.81
N ALA A 442 -9.98 -3.69 -23.41
CA ALA A 442 -10.20 -2.40 -22.79
C ALA A 442 -11.52 -1.80 -23.24
N GLY A 443 -12.03 -0.88 -22.44
CA GLY A 443 -13.28 -0.24 -22.82
C GLY A 443 -13.62 0.93 -21.92
N GLY A 444 -14.78 1.52 -22.21
CA GLY A 444 -15.29 2.65 -21.48
C GLY A 444 -16.73 2.85 -21.87
N ALA A 445 -17.34 3.93 -21.38
CA ALA A 445 -18.72 4.23 -21.75
C ALA A 445 -18.81 4.44 -23.26
N GLY A 446 -19.64 3.65 -23.92
CA GLY A 446 -19.72 3.62 -25.37
C GLY A 446 -19.20 2.34 -25.98
N SER A 447 -18.41 1.56 -25.23
CA SER A 447 -18.00 0.25 -25.73
C SER A 447 -19.18 -0.64 -26.02
N GLN A 448 -20.33 -0.36 -25.39
CA GLN A 448 -21.54 -1.13 -25.64
C GLN A 448 -21.93 -1.08 -27.11
N LYS A 449 -21.70 0.06 -27.77
CA LYS A 449 -21.96 0.20 -29.20
C LYS A 449 -20.79 -0.23 -30.06
N TYR A 450 -19.58 0.23 -29.71
CA TYR A 450 -18.43 0.19 -30.60
C TYR A 450 -17.58 -1.06 -30.49
N CYS A 451 -17.85 -1.93 -29.54
CA CYS A 451 -17.06 -3.15 -29.40
C CYS A 451 -17.95 -4.34 -29.72
N THR A 452 -17.60 -5.10 -30.76
CA THR A 452 -18.42 -6.24 -31.17
C THR A 452 -18.31 -7.43 -30.22
N LEU A 453 -17.24 -7.52 -29.44
CA LEU A 453 -17.06 -8.66 -28.54
C LEU A 453 -15.96 -8.33 -27.53
N LEU A 454 -16.25 -8.50 -26.24
CA LEU A 454 -15.23 -8.36 -25.20
C LEU A 454 -14.48 -9.66 -25.02
N TRP A 455 -13.27 -9.59 -24.48
CA TRP A 455 -12.69 -10.72 -23.78
C TRP A 455 -12.09 -10.22 -22.48
N ALA A 456 -11.97 -11.14 -21.52
CA ALA A 456 -11.58 -10.79 -20.15
C ALA A 456 -10.11 -10.38 -20.02
N GLY A 457 -9.35 -10.14 -21.09
CA GLY A 457 -7.99 -9.68 -20.90
C GLY A 457 -7.09 -10.82 -20.46
N ASP A 458 -5.93 -10.46 -19.91
CA ASP A 458 -4.93 -11.43 -19.48
C ASP A 458 -5.25 -11.96 -18.09
N GLN A 459 -5.51 -13.25 -17.97
CA GLN A 459 -5.47 -13.93 -16.67
C GLN A 459 -4.12 -14.61 -16.50
N SER A 460 -3.73 -14.82 -15.24
CA SER A 460 -2.65 -15.76 -14.99
C SER A 460 -3.09 -17.16 -15.35
N VAL A 461 -2.12 -18.01 -15.65
CA VAL A 461 -2.42 -19.39 -16.01
C VAL A 461 -2.59 -20.23 -14.75
N ASP A 462 -3.61 -19.91 -13.93
CA ASP A 462 -3.81 -20.66 -12.70
C ASP A 462 -5.27 -20.61 -12.27
N PHE A 463 -5.55 -21.24 -11.13
CA PHE A 463 -6.87 -21.35 -10.52
C PHE A 463 -7.06 -20.34 -9.40
N THR A 464 -6.29 -19.26 -9.37
CA THR A 464 -6.41 -18.34 -8.26
C THR A 464 -7.70 -17.53 -8.40
N ILE A 465 -8.14 -16.97 -7.27
CA ILE A 465 -9.42 -16.25 -7.25
C ILE A 465 -9.29 -14.92 -7.98
N HIS A 466 -8.24 -14.17 -7.68
CA HIS A 466 -8.14 -12.80 -8.16
C HIS A 466 -7.45 -12.68 -9.52
N ASP A 467 -6.81 -13.74 -10.03
CA ASP A 467 -6.29 -13.61 -11.39
C ASP A 467 -6.34 -14.90 -12.22
N GLY A 468 -7.12 -15.90 -11.82
CA GLY A 468 -7.22 -17.11 -12.61
C GLY A 468 -8.59 -17.30 -13.20
N LEU A 469 -8.97 -18.58 -13.39
CA LEU A 469 -10.19 -18.93 -14.12
C LEU A 469 -11.41 -18.24 -13.51
N ALA A 470 -11.51 -18.21 -12.18
CA ALA A 470 -12.72 -17.71 -11.54
C ALA A 470 -12.97 -16.24 -11.86
N SER A 471 -11.91 -15.45 -12.07
CA SER A 471 -12.08 -14.01 -12.25
C SER A 471 -12.75 -13.71 -13.60
N VAL A 472 -12.68 -14.65 -14.54
CA VAL A 472 -13.39 -14.53 -15.80
C VAL A 472 -14.90 -14.43 -15.56
N ILE A 473 -15.42 -15.22 -14.62
CA ILE A 473 -16.87 -15.22 -14.39
C ILE A 473 -17.32 -13.89 -13.82
N CYS A 474 -16.58 -13.39 -12.83
CA CYS A 474 -16.85 -12.07 -12.26
C CYS A 474 -16.82 -10.99 -13.34
N GLY A 475 -15.81 -11.04 -14.23
CA GLY A 475 -15.73 -10.07 -15.30
C GLY A 475 -16.92 -10.16 -16.24
N ALA A 476 -17.40 -11.38 -16.50
CA ALA A 476 -18.56 -11.57 -17.38
C ALA A 476 -19.81 -10.98 -16.75
N LEU A 477 -20.05 -11.26 -15.48
CA LEU A 477 -21.23 -10.75 -14.80
C LEU A 477 -21.22 -9.23 -14.73
N SER A 478 -20.10 -8.65 -14.30
CA SER A 478 -20.04 -7.18 -14.16
C SER A 478 -20.16 -6.49 -15.51
N ALA A 479 -19.42 -6.96 -16.53
CA ALA A 479 -19.51 -6.34 -17.85
C ALA A 479 -20.93 -6.38 -18.38
N GLY A 480 -21.62 -7.50 -18.15
CA GLY A 480 -22.97 -7.66 -18.66
C GLY A 480 -23.95 -6.71 -18.02
N MET A 481 -23.78 -6.44 -16.73
CA MET A 481 -24.62 -5.45 -16.06
C MET A 481 -24.38 -4.05 -16.59
N MET A 482 -23.24 -3.82 -17.26
CA MET A 482 -22.96 -2.55 -17.91
C MET A 482 -23.45 -2.50 -19.36
N GLY A 483 -24.08 -3.56 -19.85
CA GLY A 483 -24.56 -3.58 -21.23
C GLY A 483 -23.60 -4.14 -22.25
N CYS A 484 -22.45 -4.68 -21.84
CA CYS A 484 -21.55 -5.41 -22.72
C CYS A 484 -21.88 -6.90 -22.53
N GLY A 485 -22.78 -7.40 -23.39
CA GLY A 485 -23.39 -8.71 -23.24
C GLY A 485 -22.70 -9.85 -23.93
N LEU A 486 -21.62 -9.58 -24.68
CA LEU A 486 -20.85 -10.62 -25.36
C LEU A 486 -19.43 -10.59 -24.82
N THR A 487 -18.98 -11.68 -24.23
CA THR A 487 -17.60 -11.74 -23.77
C THR A 487 -17.10 -13.17 -23.81
N HIS A 488 -15.80 -13.33 -23.57
CA HIS A 488 -15.16 -14.64 -23.57
C HIS A 488 -13.79 -14.50 -22.89
N SER A 489 -13.03 -15.59 -22.84
CA SER A 489 -11.70 -15.53 -22.25
C SER A 489 -10.74 -16.40 -23.03
N ASP A 490 -9.43 -16.17 -22.79
CA ASP A 490 -8.38 -17.09 -23.25
C ASP A 490 -8.54 -18.44 -22.57
N ILE A 491 -8.80 -19.50 -23.35
CA ILE A 491 -8.95 -20.82 -22.75
C ILE A 491 -7.58 -21.28 -22.24
N GLY A 492 -7.44 -21.34 -20.92
CA GLY A 492 -6.16 -21.65 -20.31
C GLY A 492 -5.40 -20.46 -19.77
N GLY A 493 -5.92 -19.24 -19.93
CA GLY A 493 -5.24 -18.07 -19.40
C GLY A 493 -4.11 -17.62 -20.31
N TYR A 494 -3.41 -16.58 -19.85
CA TYR A 494 -2.37 -15.98 -20.67
C TYR A 494 -1.03 -15.90 -19.92
N THR A 495 -1.00 -15.31 -18.73
CA THR A 495 0.25 -14.79 -18.16
C THR A 495 1.00 -15.90 -17.40
N SER A 496 2.20 -16.23 -17.88
CA SER A 496 3.10 -17.15 -17.18
C SER A 496 4.34 -16.36 -16.76
N LEU A 497 4.53 -16.24 -15.45
CA LEU A 497 5.67 -15.59 -14.85
C LEU A 497 5.96 -16.24 -13.49
N PHE A 498 7.19 -16.09 -13.01
CA PHE A 498 7.55 -16.37 -11.62
C PHE A 498 7.14 -17.78 -11.18
N ASP A 499 7.48 -18.77 -12.00
CA ASP A 499 7.23 -20.19 -11.74
C ASP A 499 5.77 -20.59 -11.87
N ASN A 500 4.96 -19.77 -12.52
CA ASN A 500 3.55 -20.11 -12.72
C ASN A 500 3.35 -20.49 -14.18
N THR A 501 3.14 -21.78 -14.45
CA THR A 501 2.97 -22.27 -15.81
C THR A 501 1.67 -23.05 -15.92
N ARG A 502 1.08 -23.00 -17.12
CA ARG A 502 -0.22 -23.61 -17.37
C ARG A 502 -0.13 -25.12 -17.31
N THR A 503 -1.12 -25.75 -16.68
CA THR A 503 -1.24 -27.20 -16.63
C THR A 503 -2.37 -27.69 -17.51
N LYS A 504 -2.31 -28.99 -17.83
CA LYS A 504 -3.37 -29.65 -18.59
C LYS A 504 -4.71 -29.49 -17.91
N GLU A 505 -4.77 -29.74 -16.59
CA GLU A 505 -6.05 -29.67 -15.89
C GLU A 505 -6.65 -28.28 -15.99
N LEU A 506 -5.81 -27.25 -15.87
CA LEU A 506 -6.29 -25.87 -16.01
C LEU A 506 -6.86 -25.61 -17.39
N PHE A 507 -6.16 -26.04 -18.44
CA PHE A 507 -6.69 -25.81 -19.78
C PHE A 507 -8.04 -26.48 -19.93
N LEU A 508 -8.19 -27.72 -19.43
CA LEU A 508 -9.42 -28.45 -19.63
C LEU A 508 -10.57 -27.86 -18.81
N ARG A 509 -10.31 -27.48 -17.55
CA ARG A 509 -11.34 -26.80 -16.76
C ARG A 509 -11.76 -25.48 -17.41
N TRP A 510 -10.81 -24.75 -18.00
CA TRP A 510 -11.17 -23.51 -18.68
C TRP A 510 -12.00 -23.78 -19.93
N ALA A 511 -11.65 -24.81 -20.69
CA ALA A 511 -12.39 -25.10 -21.92
C ALA A 511 -13.83 -25.53 -21.62
N GLU A 512 -14.05 -26.26 -20.52
CA GLU A 512 -15.40 -26.74 -20.21
C GLU A 512 -16.30 -25.64 -19.68
N MET A 513 -15.73 -24.52 -19.24
CA MET A 513 -16.51 -23.31 -19.00
C MET A 513 -16.78 -22.57 -20.30
N ALA A 514 -15.74 -22.45 -21.14
CA ALA A 514 -15.81 -21.66 -22.36
C ALA A 514 -16.87 -22.19 -23.32
N MET A 515 -17.16 -23.49 -23.30
CA MET A 515 -18.19 -24.00 -24.20
C MET A 515 -19.58 -23.49 -23.84
N PHE A 516 -19.76 -22.93 -22.64
CA PHE A 516 -21.00 -22.23 -22.28
C PHE A 516 -20.82 -20.72 -22.33
N THR A 517 -20.11 -20.22 -23.36
CA THR A 517 -19.96 -18.79 -23.63
C THR A 517 -20.14 -18.61 -25.14
N PRO A 518 -20.26 -17.37 -25.64
CA PRO A 518 -20.50 -17.21 -27.09
C PRO A 518 -19.35 -17.62 -28.02
N PHE A 519 -18.12 -17.76 -27.54
CA PHE A 519 -16.95 -17.72 -28.43
C PHE A 519 -15.79 -18.46 -27.78
N MET A 520 -15.38 -19.61 -28.36
CA MET A 520 -14.32 -20.46 -27.83
C MET A 520 -12.99 -20.16 -28.52
N ARG A 521 -12.01 -19.66 -27.77
CA ARG A 521 -10.72 -19.30 -28.34
C ARG A 521 -9.57 -19.70 -27.40
N THR A 522 -8.54 -20.35 -27.95
CA THR A 522 -7.37 -20.72 -27.17
C THR A 522 -6.28 -19.64 -27.35
N HIS A 523 -5.18 -19.79 -26.61
CA HIS A 523 -4.12 -18.81 -26.68
C HIS A 523 -2.83 -19.50 -26.23
N GLU A 524 -1.76 -19.33 -26.99
CA GLU A 524 -0.50 -19.94 -26.56
C GLU A 524 0.06 -19.28 -25.30
N GLY A 525 -0.35 -18.03 -24.99
CA GLY A 525 0.20 -17.33 -23.85
C GLY A 525 1.54 -16.68 -24.17
N ASN A 526 2.12 -16.03 -23.15
CA ASN A 526 3.34 -15.24 -23.37
C ASN A 526 4.60 -16.09 -23.44
N ARG A 527 4.55 -17.36 -22.99
CA ARG A 527 5.73 -18.22 -22.96
C ARG A 527 5.33 -19.61 -23.45
N PRO A 528 4.98 -19.73 -24.75
CA PRO A 528 4.41 -20.99 -25.24
C PRO A 528 5.30 -22.19 -25.04
N ASP A 529 6.63 -22.02 -25.10
CA ASP A 529 7.55 -23.16 -25.08
C ASP A 529 7.58 -23.86 -23.73
N THR A 530 7.22 -23.17 -22.64
CA THR A 530 7.25 -23.74 -21.31
C THR A 530 5.87 -23.79 -20.65
N ASN A 531 4.79 -23.74 -21.42
CA ASN A 531 3.44 -23.83 -20.90
C ASN A 531 2.66 -24.88 -21.68
N PHE A 532 1.78 -25.58 -20.98
CA PHE A 532 0.93 -26.58 -21.63
C PHE A 532 0.16 -25.94 -22.79
N GLN A 533 0.17 -26.63 -23.93
CA GLN A 533 -0.70 -26.32 -25.07
C GLN A 533 -1.56 -27.53 -25.37
N TYR A 534 -2.83 -27.31 -25.75
CA TYR A 534 -3.73 -28.42 -26.00
C TYR A 534 -3.16 -29.42 -26.99
N TYR A 535 -2.39 -28.96 -27.98
CA TYR A 535 -1.82 -29.85 -28.98
C TYR A 535 -0.60 -30.62 -28.49
N ASP A 536 -0.23 -30.46 -27.22
CA ASP A 536 0.86 -31.22 -26.62
C ASP A 536 0.44 -32.63 -26.24
N ASP A 537 -0.86 -32.90 -26.12
CA ASP A 537 -1.33 -34.07 -25.39
C ASP A 537 -2.50 -34.70 -26.13
N GLU A 538 -2.37 -35.98 -26.50
CA GLU A 538 -3.44 -36.61 -27.30
C GLU A 538 -4.75 -36.70 -26.51
N ASP A 539 -4.67 -37.05 -25.22
CA ASP A 539 -5.88 -37.16 -24.40
C ASP A 539 -6.60 -35.82 -24.34
N THR A 540 -5.84 -34.72 -24.27
CA THR A 540 -6.45 -33.39 -24.25
C THR A 540 -7.14 -33.08 -25.56
N MET A 541 -6.53 -33.46 -26.69
CA MET A 541 -7.17 -33.18 -27.97
C MET A 541 -8.45 -33.99 -28.14
N GLU A 542 -8.47 -35.22 -27.63
CA GLU A 542 -9.69 -36.03 -27.67
C GLU A 542 -10.78 -35.41 -26.79
N ARG A 543 -10.39 -34.95 -25.60
CA ARG A 543 -11.34 -34.28 -24.71
C ARG A 543 -11.85 -32.98 -25.31
N LEU A 544 -10.94 -32.17 -25.89
CA LEU A 544 -11.34 -30.89 -26.46
C LEU A 544 -12.31 -31.09 -27.62
N ALA A 545 -12.11 -32.14 -28.42
CA ALA A 545 -13.06 -32.47 -29.49
C ALA A 545 -14.47 -32.60 -28.95
N ARG A 546 -14.63 -33.29 -27.82
CA ARG A 546 -15.94 -33.41 -27.18
C ARG A 546 -16.46 -32.05 -26.72
N LEU A 547 -15.62 -31.26 -26.03
CA LEU A 547 -16.08 -29.98 -25.52
C LEU A 547 -16.50 -29.05 -26.65
N VAL A 548 -15.73 -29.02 -27.73
CA VAL A 548 -16.07 -28.14 -28.85
C VAL A 548 -17.32 -28.65 -29.55
N ASP A 549 -17.47 -29.97 -29.66
CA ASP A 549 -18.71 -30.52 -30.23
C ASP A 549 -19.91 -30.09 -29.41
N VAL A 550 -19.81 -30.15 -28.08
CA VAL A 550 -20.90 -29.66 -27.22
C VAL A 550 -21.21 -28.20 -27.56
N TYR A 551 -20.18 -27.37 -27.72
CA TYR A 551 -20.41 -25.97 -28.08
C TYR A 551 -21.20 -25.87 -29.38
N THR A 552 -20.86 -26.66 -30.40
CA THR A 552 -21.63 -26.59 -31.63
C THR A 552 -23.05 -27.11 -31.44
N MET A 553 -23.24 -28.13 -30.60
CA MET A 553 -24.59 -28.62 -30.35
C MET A 553 -25.45 -27.58 -29.63
N LEU A 554 -24.84 -26.76 -28.78
CA LEU A 554 -25.56 -25.70 -28.07
C LEU A 554 -25.91 -24.54 -28.98
N ALA A 555 -25.22 -24.40 -30.11
CA ALA A 555 -25.33 -23.20 -30.95
C ALA A 555 -26.76 -22.74 -31.26
N PRO A 556 -27.71 -23.61 -31.57
CA PRO A 556 -29.07 -23.11 -31.82
C PRO A 556 -29.63 -22.35 -30.64
N TYR A 557 -29.29 -22.76 -29.41
CA TYR A 557 -29.67 -22.01 -28.22
C TYR A 557 -28.84 -20.74 -28.06
N THR A 558 -27.51 -20.87 -28.20
CA THR A 558 -26.61 -19.73 -28.01
C THR A 558 -26.91 -18.61 -28.99
N LYS A 559 -27.24 -18.97 -30.24
CA LYS A 559 -27.62 -17.97 -31.24
C LYS A 559 -28.82 -17.15 -30.78
N THR A 560 -29.83 -17.80 -30.17
CA THR A 560 -30.98 -17.03 -29.71
C THR A 560 -30.58 -16.08 -28.57
N LEU A 561 -29.56 -16.44 -27.78
CA LEU A 561 -29.10 -15.55 -26.72
C LEU A 561 -28.34 -14.36 -27.29
N VAL A 562 -27.48 -14.60 -28.28
CA VAL A 562 -26.77 -13.48 -28.90
C VAL A 562 -27.75 -12.56 -29.61
N GLU A 563 -28.77 -13.15 -30.24
CA GLU A 563 -29.78 -12.32 -30.88
C GLU A 563 -30.59 -11.53 -29.86
N GLU A 564 -30.92 -12.15 -28.72
CA GLU A 564 -31.59 -11.43 -27.64
C GLU A 564 -30.72 -10.29 -27.13
N ASN A 565 -29.42 -10.53 -26.99
CA ASN A 565 -28.51 -9.46 -26.58
C ASN A 565 -28.54 -8.30 -27.57
N ALA A 566 -28.49 -8.62 -28.88
CA ALA A 566 -28.50 -7.57 -29.89
C ALA A 566 -29.84 -6.83 -29.93
N ASP A 567 -30.94 -7.49 -29.55
CA ASP A 567 -32.27 -6.88 -29.61
C ASP A 567 -32.68 -6.16 -28.34
N SER A 568 -32.13 -6.53 -27.19
CA SER A 568 -32.59 -5.92 -25.94
C SER A 568 -31.51 -5.64 -24.93
N GLY A 569 -30.28 -6.12 -25.12
CA GLY A 569 -29.27 -5.82 -24.13
C GLY A 569 -29.24 -6.78 -22.96
N HIS A 570 -30.03 -7.83 -22.98
CA HIS A 570 -29.92 -8.89 -21.97
C HIS A 570 -28.64 -9.66 -22.24
N PRO A 571 -27.66 -9.63 -21.35
CA PRO A 571 -26.37 -10.27 -21.63
C PRO A 571 -26.49 -11.77 -21.74
N VAL A 572 -25.56 -12.38 -22.48
CA VAL A 572 -25.56 -13.83 -22.61
C VAL A 572 -25.30 -14.48 -21.24
N GLN A 573 -24.36 -13.95 -20.47
CA GLN A 573 -24.05 -14.47 -19.14
C GLN A 573 -24.66 -13.51 -18.13
N ARG A 574 -25.66 -13.99 -17.38
CA ARG A 574 -26.53 -13.19 -16.54
C ARG A 574 -26.37 -13.56 -15.07
N PRO A 575 -26.49 -12.60 -14.17
CA PRO A 575 -26.45 -12.92 -12.74
C PRO A 575 -27.74 -13.62 -12.35
N LEU A 576 -27.65 -14.45 -11.30
CA LEU A 576 -28.81 -15.24 -10.94
C LEU A 576 -30.02 -14.36 -10.61
N PHE A 577 -29.79 -13.18 -10.03
CA PHE A 577 -30.91 -12.32 -9.66
C PHE A 577 -31.57 -11.67 -10.84
N MET A 578 -31.05 -11.82 -12.06
CA MET A 578 -31.71 -11.24 -13.22
C MET A 578 -33.00 -11.98 -13.54
N HIS A 579 -33.11 -13.26 -13.16
CA HIS A 579 -34.33 -14.03 -13.40
C HIS A 579 -34.95 -14.56 -12.12
N TYR A 580 -34.32 -14.35 -10.97
CA TYR A 580 -34.87 -14.73 -9.68
C TYR A 580 -34.70 -13.56 -8.72
N GLU A 581 -35.48 -12.50 -8.95
CA GLU A 581 -35.23 -11.25 -8.23
C GLU A 581 -35.58 -11.33 -6.75
N SER A 582 -36.38 -12.31 -6.33
CA SER A 582 -36.76 -12.45 -4.94
C SER A 582 -35.80 -13.33 -4.15
N ASP A 583 -34.80 -13.91 -4.81
CA ASP A 583 -33.89 -14.85 -4.17
C ASP A 583 -32.75 -14.05 -3.54
N ALA A 584 -32.71 -14.03 -2.20
CA ALA A 584 -31.73 -13.20 -1.50
C ALA A 584 -30.31 -13.66 -1.77
N LYS A 585 -30.10 -14.98 -1.83
CA LYS A 585 -28.75 -15.50 -2.08
C LYS A 585 -28.27 -15.15 -3.49
N ALA A 586 -29.20 -14.99 -4.45
CA ALA A 586 -28.82 -14.67 -5.81
C ALA A 586 -28.03 -13.37 -5.92
N TYR A 587 -28.18 -12.46 -4.95
CA TYR A 587 -27.45 -11.21 -5.00
C TYR A 587 -26.01 -11.32 -4.50
N ASP A 588 -25.64 -12.45 -3.88
CA ASP A 588 -24.30 -12.61 -3.33
C ASP A 588 -23.42 -13.54 -4.14
N ILE A 589 -23.94 -14.11 -5.22
CA ILE A 589 -23.27 -15.17 -5.95
C ILE A 589 -22.60 -14.56 -7.17
N GLN A 590 -21.29 -14.78 -7.32
CA GLN A 590 -20.59 -14.24 -8.47
C GLN A 590 -19.77 -15.26 -9.24
N TYR A 591 -19.80 -16.55 -8.86
CA TYR A 591 -19.12 -17.59 -9.62
C TYR A 591 -20.09 -18.62 -10.19
N GLU A 592 -21.38 -18.31 -10.19
CA GLU A 592 -22.35 -18.98 -11.05
C GLU A 592 -23.00 -17.93 -11.94
N TYR A 593 -23.45 -18.35 -13.11
CA TYR A 593 -24.20 -17.46 -14.01
C TYR A 593 -25.29 -18.23 -14.72
N LEU A 594 -26.35 -17.50 -15.09
CA LEU A 594 -27.36 -18.05 -16.00
C LEU A 594 -26.88 -17.85 -17.44
N PHE A 595 -26.77 -18.95 -18.18
CA PHE A 595 -26.39 -18.92 -19.59
C PHE A 595 -27.71 -18.79 -20.35
N GLY A 596 -28.13 -17.55 -20.58
CA GLY A 596 -29.51 -17.29 -20.97
C GLY A 596 -30.46 -17.57 -19.82
N ARG A 597 -31.75 -17.62 -20.15
CA ARG A 597 -32.74 -17.91 -19.11
C ARG A 597 -32.82 -19.39 -18.77
N ASP A 598 -32.34 -20.26 -19.64
CA ASP A 598 -32.67 -21.66 -19.51
C ASP A 598 -31.56 -22.52 -18.92
N MET A 599 -30.41 -21.94 -18.56
CA MET A 599 -29.31 -22.74 -18.05
C MET A 599 -28.61 -22.04 -16.90
N LEU A 600 -28.17 -22.83 -15.93
CA LEU A 600 -27.33 -22.34 -14.85
C LEU A 600 -25.97 -23.02 -14.95
N ILE A 601 -24.91 -22.22 -14.96
CA ILE A 601 -23.54 -22.72 -15.07
C ILE A 601 -22.80 -22.32 -13.81
N ALA A 602 -22.13 -23.29 -13.19
CA ALA A 602 -21.33 -23.08 -11.98
C ALA A 602 -19.97 -23.72 -12.21
N PRO A 603 -19.04 -23.00 -12.85
CA PRO A 603 -17.77 -23.64 -13.26
C PRO A 603 -16.92 -24.06 -12.08
N VAL A 604 -16.30 -25.24 -12.19
CA VAL A 604 -15.24 -25.62 -11.28
C VAL A 604 -14.05 -24.70 -11.52
N TYR A 605 -13.68 -23.94 -10.49
CA TYR A 605 -12.56 -23.02 -10.62
C TYR A 605 -11.41 -23.37 -9.69
N GLU A 606 -11.38 -24.60 -9.18
CA GLU A 606 -10.29 -25.06 -8.32
C GLU A 606 -9.73 -26.37 -8.87
N GLN A 607 -8.47 -26.65 -8.53
CA GLN A 607 -7.83 -27.88 -8.99
C GLN A 607 -8.21 -29.07 -8.12
N ASP A 608 -7.99 -30.27 -8.65
CA ASP A 608 -8.14 -31.52 -7.91
C ASP A 608 -9.57 -31.72 -7.41
N LYS A 609 -10.55 -31.33 -8.22
CA LYS A 609 -11.95 -31.46 -7.84
C LYS A 609 -12.59 -32.64 -8.56
N HIS A 610 -13.45 -33.36 -7.84
CA HIS A 610 -14.29 -34.39 -8.42
C HIS A 610 -15.77 -34.14 -8.18
N GLU A 611 -16.12 -33.22 -7.30
CA GLU A 611 -17.50 -32.83 -7.10
C GLU A 611 -17.51 -31.31 -6.90
N TRP A 612 -18.70 -30.71 -6.97
CA TRP A 612 -18.79 -29.25 -6.89
C TRP A 612 -20.09 -28.88 -6.20
N ASP A 613 -20.00 -27.94 -5.25
CA ASP A 613 -21.18 -27.40 -4.57
C ASP A 613 -21.84 -26.35 -5.45
N VAL A 614 -23.16 -26.43 -5.59
CA VAL A 614 -23.93 -25.53 -6.45
C VAL A 614 -25.11 -25.00 -5.66
N TYR A 615 -25.39 -23.71 -5.80
CA TYR A 615 -26.65 -23.16 -5.34
C TYR A 615 -27.58 -22.97 -6.54
N LEU A 616 -28.74 -23.64 -6.50
CA LEU A 616 -29.75 -23.44 -7.53
C LEU A 616 -30.90 -22.60 -6.98
N PRO A 617 -31.34 -21.56 -7.69
CA PRO A 617 -32.58 -20.88 -7.32
C PRO A 617 -33.77 -21.82 -7.44
N GLN A 618 -34.87 -21.46 -6.79
CA GLN A 618 -36.10 -22.26 -6.81
C GLN A 618 -36.69 -22.35 -8.21
N ASP A 619 -36.64 -23.53 -8.81
CA ASP A 619 -37.12 -23.75 -10.17
C ASP A 619 -36.98 -25.24 -10.43
N GLU A 620 -37.48 -25.69 -11.58
CA GLU A 620 -37.37 -27.09 -11.99
C GLU A 620 -36.12 -27.25 -12.85
N TRP A 621 -35.07 -27.85 -12.27
CA TRP A 621 -33.77 -27.94 -12.90
C TRP A 621 -33.43 -29.38 -13.24
N VAL A 622 -32.69 -29.56 -14.33
CA VAL A 622 -32.18 -30.85 -14.76
C VAL A 622 -30.67 -30.73 -14.92
N HIS A 623 -29.92 -31.55 -14.17
CA HIS A 623 -28.47 -31.62 -14.35
C HIS A 623 -28.14 -32.16 -15.74
N LEU A 624 -27.29 -31.43 -16.47
CA LEU A 624 -27.14 -31.68 -17.90
C LEU A 624 -26.60 -33.07 -18.20
N TRP A 625 -25.61 -33.52 -17.44
CA TRP A 625 -24.92 -34.76 -17.78
C TRP A 625 -25.62 -36.00 -17.26
N THR A 626 -26.40 -35.89 -16.19
CA THR A 626 -27.05 -37.06 -15.61
C THR A 626 -28.56 -37.10 -15.82
N GLY A 627 -29.22 -35.97 -16.05
CA GLY A 627 -30.66 -35.94 -16.12
C GLY A 627 -31.35 -35.85 -14.78
N GLU A 628 -30.62 -35.87 -13.68
CA GLU A 628 -31.23 -35.79 -12.37
C GLU A 628 -31.90 -34.43 -12.16
N GLU A 629 -33.06 -34.44 -11.52
CA GLU A 629 -33.87 -33.25 -11.31
C GLU A 629 -33.60 -32.64 -9.93
N TYR A 630 -33.61 -31.32 -9.89
CA TYR A 630 -33.43 -30.58 -8.65
C TYR A 630 -34.41 -29.42 -8.63
N HIS A 631 -34.85 -29.04 -7.44
CA HIS A 631 -35.91 -28.06 -7.31
C HIS A 631 -35.48 -26.78 -6.62
N GLY A 632 -34.21 -26.61 -6.32
CA GLY A 632 -33.72 -25.40 -5.67
C GLY A 632 -32.97 -25.70 -4.39
N GLY A 633 -32.02 -24.81 -4.06
CA GLY A 633 -31.23 -24.91 -2.85
C GLY A 633 -29.80 -25.33 -3.13
N GLU A 634 -29.06 -25.55 -2.05
CA GLU A 634 -27.67 -25.99 -2.15
C GLU A 634 -27.62 -27.49 -2.45
N ILE A 635 -26.86 -27.86 -3.49
CA ILE A 635 -26.62 -29.25 -3.85
C ILE A 635 -25.13 -29.46 -4.12
N THR A 636 -24.75 -30.72 -4.28
CA THR A 636 -23.41 -31.13 -4.69
C THR A 636 -23.56 -32.18 -5.77
N VAL A 637 -22.88 -31.97 -6.91
CA VAL A 637 -22.98 -32.87 -8.05
C VAL A 637 -21.60 -33.42 -8.38
N SER A 638 -21.58 -34.61 -8.98
CA SER A 638 -20.33 -35.10 -9.54
C SER A 638 -19.87 -34.13 -10.62
N ALA A 639 -18.57 -33.86 -10.65
CA ALA A 639 -18.03 -32.84 -11.55
C ALA A 639 -16.61 -33.23 -11.96
N GLU A 640 -16.48 -34.43 -12.53
CA GLU A 640 -15.19 -34.84 -13.05
C GLU A 640 -14.82 -33.97 -14.25
N LEU A 641 -13.54 -34.04 -14.62
CA LEU A 641 -13.01 -33.29 -15.75
C LEU A 641 -13.85 -33.56 -16.99
N GLY A 642 -14.39 -32.49 -17.57
CA GLY A 642 -15.26 -32.61 -18.74
C GLY A 642 -16.74 -32.53 -18.43
N TYR A 643 -17.12 -32.46 -17.17
CA TYR A 643 -18.53 -32.50 -16.78
C TYR A 643 -18.85 -31.24 -15.99
N THR A 644 -18.89 -30.11 -16.69
CA THR A 644 -19.19 -28.83 -16.07
C THR A 644 -20.45 -28.92 -15.22
N PRO A 645 -20.47 -28.34 -14.02
CA PRO A 645 -21.73 -28.24 -13.28
C PRO A 645 -22.72 -27.36 -14.01
N ALA A 646 -23.58 -27.97 -14.83
CA ALA A 646 -24.48 -27.23 -15.70
C ALA A 646 -25.88 -27.83 -15.59
N PHE A 647 -26.87 -26.95 -15.54
CA PHE A 647 -28.26 -27.33 -15.33
C PHE A 647 -29.12 -26.55 -16.31
N TYR A 648 -30.22 -27.15 -16.75
CA TYR A 648 -31.18 -26.43 -17.57
C TYR A 648 -32.57 -26.54 -16.96
N ARG A 649 -33.41 -25.55 -17.28
CA ARG A 649 -34.80 -25.55 -16.85
C ARG A 649 -35.57 -26.68 -17.53
N LYS A 650 -36.28 -27.49 -16.72
CA LYS A 650 -36.99 -28.64 -17.26
C LYS A 650 -37.94 -28.24 -18.38
N ASN A 651 -38.60 -27.09 -18.26
CA ASN A 651 -39.58 -26.64 -19.23
C ASN A 651 -38.98 -25.78 -20.34
N SER A 652 -37.66 -25.85 -20.52
CA SER A 652 -37.02 -25.09 -21.59
C SER A 652 -37.46 -25.58 -22.96
N GLU A 653 -37.72 -24.63 -23.87
CA GLU A 653 -38.00 -24.95 -25.26
C GLU A 653 -36.83 -25.63 -25.94
N PHE A 654 -35.64 -25.57 -25.35
CA PHE A 654 -34.46 -26.19 -25.94
C PHE A 654 -34.10 -27.48 -25.23
N ALA A 655 -35.04 -28.06 -24.48
CA ALA A 655 -34.74 -29.26 -23.71
C ALA A 655 -34.37 -30.43 -24.62
N ASP A 656 -34.82 -30.41 -25.86
CA ASP A 656 -34.47 -31.48 -26.80
C ASP A 656 -32.99 -31.44 -27.14
N ILE A 657 -32.42 -30.24 -27.33
CA ILE A 657 -30.99 -30.11 -27.58
C ILE A 657 -30.21 -30.61 -26.37
N PHE A 658 -30.59 -30.16 -25.17
CA PHE A 658 -29.87 -30.55 -23.97
C PHE A 658 -29.94 -32.06 -23.76
N GLU A 659 -31.05 -32.70 -24.14
CA GLU A 659 -31.14 -34.16 -24.01
C GLU A 659 -30.22 -34.85 -25.01
N GLU A 660 -30.09 -34.31 -26.22
CA GLU A 660 -29.16 -34.90 -27.17
C GLU A 660 -27.72 -34.81 -26.66
N ILE A 661 -27.38 -33.71 -25.98
CA ILE A 661 -26.05 -33.57 -25.40
C ILE A 661 -25.83 -34.63 -24.32
N ARG A 662 -26.80 -34.80 -23.42
CA ARG A 662 -26.66 -35.82 -22.40
C ARG A 662 -26.53 -37.20 -23.03
N GLU A 663 -27.34 -37.49 -24.04
CA GLU A 663 -27.27 -38.79 -24.68
C GLU A 663 -25.88 -39.04 -25.27
N LYS A 664 -25.34 -38.02 -25.95
CA LYS A 664 -24.08 -38.21 -26.65
C LYS A 664 -22.87 -38.17 -25.72
N TYR A 665 -22.90 -37.29 -24.70
CA TYR A 665 -21.69 -36.97 -23.95
C TYR A 665 -21.90 -37.00 -22.44
N GLY A 666 -23.07 -37.45 -21.97
CA GLY A 666 -23.38 -37.44 -20.56
C GLY A 666 -22.80 -38.63 -19.82
N VAL A 667 -23.20 -38.75 -18.56
CA VAL A 667 -22.75 -39.85 -17.71
C VAL A 667 -23.74 -41.01 -17.81
N MET B 1 14.24 36.13 16.36
CA MET B 1 13.01 36.05 15.58
C MET B 1 12.23 37.35 15.61
N GLN B 2 11.63 37.70 14.47
CA GLN B 2 10.92 38.95 14.29
C GLN B 2 9.57 38.68 13.64
N ILE B 3 8.55 39.41 14.08
CA ILE B 3 7.21 39.32 13.53
C ILE B 3 6.95 40.56 12.68
N LYS B 4 6.39 40.35 11.48
CA LYS B 4 5.80 41.40 10.68
C LYS B 4 4.34 41.06 10.48
N VAL B 5 3.47 42.07 10.60
CA VAL B 5 2.03 41.78 10.53
C VAL B 5 1.22 43.03 10.18
N ASN B 6 0.28 42.89 9.24
CA ASN B 6 -0.75 43.88 8.92
C ASN B 6 -2.10 43.37 9.44
N ASP B 7 -3.19 43.88 8.85
CA ASP B 7 -4.53 43.42 9.19
C ASP B 7 -4.93 42.16 8.43
N ASN B 8 -4.10 41.70 7.49
CA ASN B 8 -4.45 40.53 6.70
C ASN B 8 -3.24 39.70 6.29
N GLU B 9 -2.05 39.96 6.84
CA GLU B 9 -0.87 39.15 6.51
C GLU B 9 0.03 39.07 7.73
N PHE B 10 0.34 37.85 8.15
CA PHE B 10 1.26 37.59 9.24
C PHE B 10 2.54 36.97 8.70
N GLN B 11 3.66 37.32 9.30
CA GLN B 11 4.95 36.77 8.93
C GLN B 11 5.81 36.57 10.16
N LEU B 12 6.70 35.58 10.09
CA LEU B 12 7.67 35.33 11.14
C LEU B 12 8.98 34.96 10.47
N PHE B 13 10.07 35.55 10.96
CA PHE B 13 11.39 35.38 10.36
C PHE B 13 12.36 34.78 11.37
N VAL B 14 13.29 33.98 10.86
CA VAL B 14 14.45 33.53 11.62
C VAL B 14 15.66 34.08 10.88
N GLY B 15 16.25 35.15 11.40
CA GLY B 15 17.25 35.87 10.63
C GLY B 15 16.57 36.55 9.45
N GLU B 16 17.18 36.45 8.27
CA GLU B 16 16.60 36.97 7.04
C GLU B 16 15.84 35.88 6.28
N LYS B 17 15.37 34.87 6.98
CA LYS B 17 14.66 33.75 6.39
C LYS B 17 13.24 33.72 6.93
N ARG B 18 12.26 33.91 6.07
CA ARG B 18 10.87 33.81 6.49
C ARG B 18 10.51 32.34 6.71
N ILE B 19 9.91 32.04 7.86
CA ILE B 19 9.51 30.68 8.18
C ILE B 19 8.01 30.52 8.40
N LEU B 20 7.29 31.58 8.74
CA LEU B 20 5.84 31.51 8.85
C LEU B 20 5.22 32.61 8.01
N GLU B 21 4.10 32.30 7.36
CA GLU B 21 3.34 33.30 6.64
C GLU B 21 1.90 32.87 6.55
N HIS B 22 0.99 33.81 6.79
CA HIS B 22 -0.41 33.65 6.45
C HIS B 22 -0.85 34.85 5.62
N SER B 23 -1.25 34.59 4.38
CA SER B 23 -1.98 35.53 3.54
C SER B 23 -3.04 34.75 2.81
N LYS B 24 -3.86 35.45 2.02
CA LYS B 24 -4.86 34.76 1.22
C LYS B 24 -4.20 33.86 0.18
N GLU B 25 -3.07 34.31 -0.37
CA GLU B 25 -2.34 33.53 -1.37
C GLU B 25 -1.64 32.32 -0.76
N ARG B 26 -1.21 32.43 0.50
CA ARG B 26 -0.45 31.38 1.18
C ARG B 26 -0.98 31.23 2.60
N PRO B 27 -2.09 30.52 2.78
CA PRO B 27 -2.63 30.36 4.13
C PRO B 27 -1.73 29.51 5.01
N MET B 28 -1.77 29.79 6.32
CA MET B 28 -0.92 29.11 7.29
C MET B 28 -1.62 27.96 7.98
N ILE B 29 -2.96 27.97 8.05
CA ILE B 29 -3.72 26.96 8.76
C ILE B 29 -4.87 26.50 7.89
N TYR B 30 -5.04 25.19 7.78
CA TYR B 30 -6.26 24.57 7.30
C TYR B 30 -6.88 23.78 8.44
N VAL B 31 -8.21 23.75 8.51
CA VAL B 31 -8.91 22.93 9.49
C VAL B 31 -9.88 22.03 8.73
N GLY B 32 -10.35 21.00 9.42
CA GLY B 32 -11.26 20.10 8.74
C GLY B 32 -11.84 19.05 9.66
N VAL B 33 -12.52 18.09 9.04
CA VAL B 33 -13.25 17.03 9.73
C VAL B 33 -12.86 15.70 9.11
N GLY B 34 -12.42 14.76 9.95
CA GLY B 34 -12.04 13.45 9.47
C GLY B 34 -12.65 12.39 10.37
N GLN B 35 -12.76 11.19 9.82
CA GLN B 35 -13.20 10.00 10.54
C GLN B 35 -12.16 8.92 10.31
N GLU B 36 -11.42 8.57 11.34
CA GLU B 36 -10.29 7.66 11.16
C GLU B 36 -10.75 6.22 11.29
N ASP B 37 -9.92 5.32 10.77
CA ASP B 37 -10.09 3.88 10.94
C ASP B 37 -8.76 3.33 11.43
N VAL B 38 -8.72 2.87 12.67
CA VAL B 38 -7.49 2.39 13.29
C VAL B 38 -7.69 0.91 13.65
N ASP B 39 -6.84 0.06 13.10
CA ASP B 39 -6.97 -1.38 13.28
C ASP B 39 -5.65 -1.92 13.82
N MET B 40 -5.63 -2.33 15.09
CA MET B 40 -4.42 -2.88 15.69
C MET B 40 -4.38 -4.40 15.54
N TYR B 41 -3.20 -4.93 15.25
CA TYR B 41 -2.96 -6.36 15.28
C TYR B 41 -1.60 -6.55 15.94
N ARG B 42 -1.60 -6.95 17.21
CA ARG B 42 -0.36 -7.28 17.92
C ARG B 42 0.65 -6.14 17.83
N GLY B 43 0.18 -4.91 18.07
CA GLY B 43 1.04 -3.74 18.09
C GLY B 43 1.33 -3.09 16.75
N ASN B 44 0.87 -3.68 15.64
CA ASN B 44 0.92 -3.05 14.33
C ASN B 44 -0.40 -2.35 14.09
N PHE B 45 -0.36 -1.14 13.52
CA PHE B 45 -1.57 -0.36 13.30
C PHE B 45 -1.72 -0.01 11.82
N LYS B 46 -2.82 -0.43 11.22
CA LYS B 46 -3.23 0.05 9.90
C LYS B 46 -4.17 1.22 10.11
N ILE B 47 -3.74 2.41 9.71
CA ILE B 47 -4.47 3.65 9.97
C ILE B 47 -4.85 4.30 8.66
N THR B 48 -6.13 4.52 8.46
CA THR B 48 -6.62 5.27 7.31
C THR B 48 -7.52 6.39 7.82
N ASP B 49 -7.66 7.43 7.02
CA ASP B 49 -8.51 8.55 7.38
C ASP B 49 -9.45 8.87 6.23
N TYR B 50 -10.69 9.19 6.57
CA TYR B 50 -11.70 9.64 5.59
C TYR B 50 -12.00 11.10 5.91
N VAL B 51 -11.46 12.00 5.09
CA VAL B 51 -11.61 13.44 5.31
C VAL B 51 -12.84 13.92 4.56
N THR B 52 -13.78 14.52 5.28
CA THR B 52 -14.94 15.09 4.59
C THR B 52 -14.87 16.60 4.45
N GLU B 53 -14.01 17.27 5.20
CA GLU B 53 -13.87 18.72 5.09
C GLU B 53 -12.42 19.10 5.30
N ARG B 54 -11.93 19.98 4.45
CA ARG B 54 -10.65 20.64 4.68
C ARG B 54 -10.69 21.98 3.98
N PHE B 55 -10.34 23.05 4.68
CA PHE B 55 -10.38 24.37 4.04
C PHE B 55 -9.42 25.29 4.76
N PRO B 56 -8.78 26.22 4.03
CA PRO B 56 -7.92 27.20 4.69
C PRO B 56 -8.76 28.20 5.46
N LEU B 57 -8.17 28.75 6.52
CA LEU B 57 -8.84 29.76 7.31
C LEU B 57 -8.57 31.16 6.74
N LYS B 58 -9.52 32.06 6.97
CA LYS B 58 -9.36 33.48 6.66
C LYS B 58 -8.94 34.22 7.91
N LEU B 59 -7.87 35.01 7.82
CA LEU B 59 -7.46 35.87 8.94
C LEU B 59 -8.34 37.13 8.93
N THR B 60 -9.29 37.19 9.86
CA THR B 60 -10.28 38.27 9.88
C THR B 60 -9.95 39.38 10.86
N ASP B 61 -8.96 39.21 11.73
CA ASP B 61 -8.65 40.24 12.73
C ASP B 61 -7.23 40.05 13.25
N VAL B 62 -6.56 41.15 13.53
CA VAL B 62 -5.21 41.16 14.10
C VAL B 62 -5.19 42.17 15.24
N ILE B 63 -4.55 41.80 16.35
CA ILE B 63 -4.42 42.67 17.52
C ILE B 63 -2.97 42.58 18.00
N GLN B 64 -2.25 43.70 17.94
CA GLN B 64 -0.87 43.77 18.42
C GLN B 64 -0.85 44.33 19.83
N THR B 65 -0.21 43.59 20.72
CA THR B 65 0.16 44.07 22.05
C THR B 65 1.68 43.99 22.15
N ALA B 66 2.27 44.81 23.02
CA ALA B 66 3.72 44.83 23.18
C ALA B 66 4.28 43.44 23.42
N ASP B 67 3.50 42.56 24.04
CA ASP B 67 3.93 41.19 24.32
C ASP B 67 3.33 40.15 23.37
N THR B 68 2.08 40.34 22.92
CA THR B 68 1.34 39.32 22.19
C THR B 68 0.82 39.86 20.87
N VAL B 69 0.82 39.00 19.85
CA VAL B 69 0.14 39.25 18.59
C VAL B 69 -0.98 38.22 18.46
N ARG B 70 -2.21 38.70 18.32
CA ARG B 70 -3.39 37.84 18.32
C ARG B 70 -3.96 37.77 16.91
N LEU B 71 -4.11 36.55 16.40
CA LEU B 71 -4.70 36.29 15.09
C LEU B 71 -6.04 35.60 15.28
N CYS B 72 -7.13 36.24 14.83
CA CYS B 72 -8.46 35.65 14.85
C CYS B 72 -8.81 35.12 13.45
N PHE B 73 -9.16 33.84 13.38
CA PHE B 73 -9.54 33.18 12.12
C PHE B 73 -11.03 32.84 12.19
N GLU B 74 -11.88 33.77 11.73
CA GLU B 74 -13.34 33.59 11.68
C GLU B 74 -13.81 33.10 13.05
N SER B 75 -14.72 32.14 13.12
CA SER B 75 -15.09 31.51 14.39
C SER B 75 -14.49 30.11 14.52
N TYR B 76 -13.28 29.90 14.01
CA TYR B 76 -12.63 28.59 14.06
C TYR B 76 -11.47 28.53 15.04
N ILE B 77 -10.51 29.45 14.92
CA ILE B 77 -9.27 29.38 15.69
C ILE B 77 -8.84 30.79 16.08
N ILE B 78 -8.28 30.92 17.29
CA ILE B 78 -7.50 32.08 17.72
C ILE B 78 -6.07 31.61 17.97
N ALA B 79 -5.10 32.32 17.38
CA ALA B 79 -3.69 32.05 17.65
C ALA B 79 -3.08 33.23 18.41
N LYS B 80 -2.53 32.95 19.58
CA LYS B 80 -1.80 33.93 20.38
C LYS B 80 -0.30 33.71 20.21
N ILE B 81 0.40 34.71 19.70
CA ILE B 81 1.79 34.58 19.32
C ILE B 81 2.64 35.47 20.21
N LYS B 82 3.72 34.90 20.77
CA LYS B 82 4.65 35.60 21.65
C LYS B 82 6.06 35.25 21.21
N CYS B 83 6.92 36.26 21.05
CA CYS B 83 8.26 36.02 20.55
C CYS B 83 9.32 36.71 21.39
N ASP B 84 10.53 36.16 21.30
CA ASP B 84 11.72 36.70 21.95
C ASP B 84 12.79 36.83 20.87
N GLU B 85 14.05 36.87 21.30
CA GLU B 85 15.15 36.77 20.34
C GLU B 85 15.30 35.34 19.84
N ASN B 86 14.86 34.35 20.64
CA ASN B 86 15.10 32.95 20.31
C ASN B 86 13.89 32.04 20.47
N LEU B 87 12.75 32.53 20.93
CA LEU B 87 11.61 31.67 21.22
C LEU B 87 10.32 32.33 20.76
N CYS B 88 9.56 31.64 19.90
CA CYS B 88 8.18 32.00 19.62
C CYS B 88 7.26 30.85 20.02
N THR B 89 6.16 31.19 20.68
CA THR B 89 5.12 30.24 21.00
C THR B 89 3.83 30.69 20.34
N ILE B 90 3.05 29.73 19.86
CA ILE B 90 1.75 30.01 19.27
C ILE B 90 0.74 29.13 19.99
N ASP B 91 -0.03 29.73 20.90
CA ASP B 91 -1.11 29.03 21.58
C ASP B 91 -2.37 29.11 20.73
N PHE B 92 -3.06 27.98 20.59
CA PHE B 92 -4.25 27.89 19.75
C PHE B 92 -5.47 27.68 20.63
N GLU B 93 -6.53 28.41 20.35
CA GLU B 93 -7.82 28.16 20.98
C GLU B 93 -8.81 27.78 19.88
N GLN B 94 -9.58 26.72 20.14
CA GLN B 94 -10.54 26.18 19.19
C GLN B 94 -11.92 26.76 19.49
N LYS B 95 -12.49 27.46 18.50
CA LYS B 95 -13.80 28.09 18.65
C LYS B 95 -14.92 27.34 17.92
N ASP B 96 -14.60 26.32 17.13
CA ASP B 96 -15.58 25.48 16.46
C ASP B 96 -15.29 24.04 16.86
N ASP B 97 -16.24 23.43 17.59
CA ASP B 97 -16.05 22.10 18.14
C ASP B 97 -16.06 21.00 17.09
N ARG B 98 -16.50 21.28 15.87
CA ARG B 98 -16.57 20.25 14.84
C ARG B 98 -15.18 19.83 14.36
N ILE B 99 -14.19 20.72 14.48
CA ILE B 99 -12.88 20.48 13.89
C ILE B 99 -12.14 19.40 14.66
N ASN B 100 -11.70 18.35 13.95
CA ASN B 100 -10.75 17.40 14.53
C ASN B 100 -9.55 17.16 13.63
N ARG B 101 -9.35 17.97 12.59
CA ARG B 101 -8.19 17.89 11.72
C ARG B 101 -7.60 19.29 11.58
N PHE B 102 -6.28 19.38 11.71
CA PHE B 102 -5.58 20.66 11.80
C PHE B 102 -4.31 20.55 10.98
N TRP B 103 -4.19 21.34 9.92
CA TRP B 103 -2.98 21.35 9.09
C TRP B 103 -2.27 22.69 9.27
N PHE B 104 -1.00 22.64 9.64
CA PHE B 104 -0.21 23.83 9.91
C PHE B 104 0.97 23.87 8.94
N ARG B 105 1.11 24.98 8.22
CA ARG B 105 2.14 25.12 7.20
C ARG B 105 3.29 25.99 7.68
N VAL B 106 4.50 25.55 7.36
CA VAL B 106 5.73 26.27 7.64
C VAL B 106 6.39 26.57 6.31
N ALA B 107 6.77 27.84 6.11
CA ALA B 107 7.40 28.22 4.85
C ALA B 107 8.73 27.50 4.67
N ALA B 108 9.00 27.07 3.44
CA ALA B 108 10.22 26.32 3.17
C ALA B 108 10.71 26.65 1.77
N ASP B 109 11.92 26.21 1.47
CA ASP B 109 12.49 26.31 0.13
C ASP B 109 13.11 24.97 -0.25
N LYS B 110 13.45 24.85 -1.55
CA LYS B 110 13.78 23.54 -2.10
C LYS B 110 15.04 22.95 -1.49
N GLU B 111 16.00 23.78 -1.09
CA GLU B 111 17.29 23.28 -0.60
C GLU B 111 17.28 22.92 0.88
N GLU B 112 16.25 23.33 1.63
CA GLU B 112 16.21 23.07 3.07
C GLU B 112 16.14 21.58 3.37
N LYS B 113 16.74 21.19 4.49
CA LYS B 113 16.66 19.81 4.97
C LYS B 113 16.13 19.80 6.41
N CYS B 114 15.51 18.68 6.79
CA CYS B 114 14.90 18.56 8.11
C CYS B 114 15.24 17.20 8.71
N TYR B 115 15.29 17.16 10.04
CA TYR B 115 15.77 16.00 10.78
C TYR B 115 14.91 15.79 12.02
N GLY B 116 14.83 14.55 12.46
CA GLY B 116 14.09 14.29 13.67
C GLY B 116 12.80 13.55 13.46
N CYS B 117 11.69 14.14 13.91
CA CYS B 117 10.41 13.44 14.07
C CYS B 117 10.57 12.17 14.88
N GLY B 118 11.43 12.22 15.90
CA GLY B 118 11.67 11.09 16.77
C GLY B 118 12.86 10.26 16.34
N GLU B 119 12.86 8.99 16.72
CA GLU B 119 13.87 8.03 16.28
C GLU B 119 13.41 7.46 14.95
N GLN B 120 14.06 7.85 13.87
CA GLN B 120 13.74 7.36 12.53
C GLN B 120 14.77 6.31 12.14
N MET B 121 14.29 5.18 11.62
CA MET B 121 15.18 4.05 11.34
C MET B 121 15.59 3.95 9.87
N SER B 122 14.89 4.64 8.97
CA SER B 122 15.16 4.57 7.54
C SER B 122 15.76 5.85 7.00
N TYR B 123 15.20 7.01 7.33
CA TYR B 123 15.62 8.27 6.74
C TYR B 123 15.89 9.29 7.84
N PHE B 124 17.13 9.77 7.88
CA PHE B 124 17.52 10.85 8.80
C PHE B 124 17.01 12.19 8.27
N ASN B 125 17.51 12.63 7.12
CA ASN B 125 16.89 13.74 6.42
C ASN B 125 15.45 13.38 6.06
N LEU B 126 14.50 14.16 6.56
CA LEU B 126 13.08 13.90 6.37
C LEU B 126 12.54 14.47 5.06
N ARG B 127 13.28 15.35 4.39
CA ARG B 127 12.74 16.06 3.24
C ARG B 127 12.36 15.06 2.14
N GLY B 128 11.25 15.34 1.46
CA GLY B 128 10.79 14.53 0.35
C GLY B 128 9.81 13.44 0.73
N ARG B 129 9.57 13.22 2.03
CA ARG B 129 8.70 12.16 2.50
C ARG B 129 7.80 12.72 3.60
N ASN B 130 6.79 11.95 4.00
CA ASN B 130 5.94 12.29 5.12
C ASN B 130 6.11 11.22 6.20
N PHE B 131 5.86 11.61 7.44
CA PHE B 131 6.16 10.78 8.61
C PHE B 131 4.97 10.81 9.57
N PRO B 132 4.10 9.79 9.51
CA PRO B 132 3.08 9.63 10.55
C PRO B 132 3.71 9.51 11.93
N ILE B 133 3.04 10.12 12.92
CA ILE B 133 3.50 10.13 14.31
C ILE B 133 2.58 9.27 15.14
N TRP B 134 2.93 7.99 15.30
CA TRP B 134 2.05 7.04 15.98
C TRP B 134 2.93 5.89 16.44
N THR B 135 3.15 5.78 17.75
CA THR B 135 4.07 4.76 18.22
C THR B 135 3.48 3.37 17.94
N SER B 136 4.34 2.43 17.54
CA SER B 136 3.89 1.10 17.17
C SER B 136 5.11 0.21 17.00
N GLU B 137 4.85 -1.09 16.85
CA GLU B 137 5.88 -1.97 16.31
C GLU B 137 6.49 -1.33 15.06
N PRO B 138 7.82 -1.28 14.93
CA PRO B 138 8.41 -0.57 13.79
C PRO B 138 8.39 -1.36 12.50
N GLY B 139 7.97 -2.61 12.54
CA GLY B 139 8.00 -3.45 11.37
C GLY B 139 9.19 -4.40 11.37
N VAL B 140 8.97 -5.58 10.82
CA VAL B 140 10.04 -6.55 10.59
C VAL B 140 10.38 -6.50 9.11
N GLY B 141 11.61 -6.11 8.79
CA GLY B 141 11.99 -5.98 7.39
C GLY B 141 11.86 -4.54 6.89
N ARG B 142 10.67 -3.97 7.00
CA ARG B 142 10.44 -2.55 6.75
C ARG B 142 10.77 -2.15 5.31
N ASP B 143 10.70 -3.10 4.37
CA ASP B 143 11.16 -2.85 3.00
C ASP B 143 10.36 -3.78 2.10
N LYS B 144 9.40 -3.22 1.34
CA LYS B 144 8.44 -4.08 0.64
C LYS B 144 9.09 -4.96 -0.42
N THR B 145 10.35 -4.72 -0.76
CA THR B 145 11.05 -5.55 -1.74
C THR B 145 11.72 -6.78 -1.15
N THR B 146 11.65 -7.00 0.17
CA THR B 146 12.36 -8.16 0.73
C THR B 146 11.37 -9.25 1.13
N TYR B 147 11.86 -10.49 1.03
CA TYR B 147 11.05 -11.64 1.39
C TYR B 147 10.61 -11.57 2.85
N VAL B 148 11.51 -11.16 3.75
CA VAL B 148 11.18 -11.09 5.17
C VAL B 148 9.98 -10.15 5.38
N THR B 149 10.00 -8.99 4.73
CA THR B 149 8.91 -8.03 4.89
C THR B 149 7.59 -8.58 4.36
N TRP B 150 7.62 -9.15 3.15
CA TRP B 150 6.42 -9.68 2.54
C TRP B 150 5.80 -10.78 3.42
N ARG B 151 6.62 -11.72 3.88
CA ARG B 151 6.09 -12.76 4.77
C ARG B 151 5.58 -12.16 6.07
N SER B 152 6.29 -11.15 6.61
CA SER B 152 5.81 -10.49 7.82
C SER B 152 4.43 -9.87 7.60
N ASP B 153 4.21 -9.25 6.44
CA ASP B 153 2.88 -8.72 6.13
C ASP B 153 1.85 -9.84 6.02
N VAL B 154 2.18 -10.87 5.26
CA VAL B 154 1.18 -11.90 4.92
C VAL B 154 0.73 -12.62 6.18
N GLU B 155 1.67 -13.05 7.02
CA GLU B 155 1.34 -13.87 8.18
C GLU B 155 1.04 -13.05 9.44
N ASN B 156 1.67 -11.90 9.61
CA ASN B 156 1.65 -11.20 10.88
C ASN B 156 1.20 -9.75 10.78
N LYS B 157 0.85 -9.27 9.58
CA LYS B 157 0.55 -7.86 9.36
C LYS B 157 1.64 -6.96 9.93
N ALA B 158 2.90 -7.41 9.83
CA ALA B 158 3.95 -6.83 10.65
C ALA B 158 5.17 -6.33 9.86
N GLY B 159 5.08 -6.24 8.53
CA GLY B 159 6.24 -5.82 7.75
C GLY B 159 6.58 -4.34 7.94
N GLY B 160 5.60 -3.51 8.20
CA GLY B 160 5.84 -2.10 8.42
C GLY B 160 6.31 -1.39 7.16
N ASP B 161 6.90 -0.21 7.38
CA ASP B 161 7.28 0.69 6.31
C ASP B 161 8.28 1.69 6.86
N TYR B 162 8.78 2.58 6.00
CA TYR B 162 9.96 3.37 6.36
C TYR B 162 9.71 4.26 7.57
N TYR B 163 8.45 4.65 7.81
CA TYR B 163 8.14 5.64 8.84
C TYR B 163 7.76 5.04 10.18
N ASN B 164 7.57 3.72 10.27
CA ASN B 164 7.16 3.16 11.55
C ASN B 164 8.32 3.18 12.53
N THR B 165 8.00 3.45 13.80
CA THR B 165 9.00 3.55 14.84
C THR B 165 8.34 3.43 16.21
N ASN B 166 9.07 2.79 17.14
CA ASN B 166 8.67 2.76 18.55
C ASN B 166 8.65 4.15 19.16
N TYR B 167 9.37 5.11 18.57
CA TYR B 167 9.56 6.42 19.18
C TYR B 167 9.44 7.52 18.12
N PRO B 168 8.21 7.83 17.68
CA PRO B 168 8.00 9.04 16.89
C PRO B 168 7.77 10.22 17.81
N GLN B 169 7.98 11.42 17.27
CA GLN B 169 7.76 12.62 18.08
C GLN B 169 7.39 13.76 17.14
N PRO B 170 6.38 14.59 17.47
CA PRO B 170 5.96 15.66 16.56
C PRO B 170 6.86 16.90 16.64
N THR B 171 8.14 16.69 16.29
CA THR B 171 9.19 17.68 16.48
C THR B 171 10.21 17.52 15.37
N PHE B 172 10.63 18.61 14.74
CA PHE B 172 11.72 18.51 13.78
C PHE B 172 12.67 19.70 13.88
N VAL B 173 13.84 19.50 13.28
CA VAL B 173 14.91 20.50 13.20
C VAL B 173 15.12 20.86 11.74
N SER B 174 15.13 22.15 11.44
CA SER B 174 15.37 22.63 10.08
C SER B 174 16.80 23.13 9.91
N THR B 175 17.30 23.03 8.67
CA THR B 175 18.62 23.59 8.36
C THR B 175 18.66 25.11 8.42
N ASN B 176 17.50 25.77 8.56
CA ASN B 176 17.40 27.19 8.95
C ASN B 176 17.74 27.41 10.45
N LYS B 177 18.22 26.35 11.12
CA LYS B 177 18.72 26.41 12.49
C LYS B 177 17.65 26.82 13.49
N TYR B 178 16.47 26.21 13.36
CA TYR B 178 15.43 26.24 14.38
C TYR B 178 14.91 24.82 14.59
N TYR B 179 14.19 24.61 15.68
CA TYR B 179 13.38 23.42 15.86
C TYR B 179 11.95 23.84 16.11
N LEU B 180 11.01 22.99 15.68
CA LEU B 180 9.60 23.24 15.87
C LEU B 180 8.98 22.04 16.59
N HIS B 181 8.19 22.29 17.62
CA HIS B 181 7.52 21.22 18.35
C HIS B 181 6.03 21.52 18.40
N VAL B 182 5.21 20.52 18.10
CA VAL B 182 3.77 20.63 18.26
C VAL B 182 3.39 19.93 19.56
N ASP B 183 2.86 20.70 20.50
CA ASP B 183 2.55 20.20 21.84
C ASP B 183 1.24 19.42 21.76
N SER B 184 1.36 18.17 21.31
CA SER B 184 0.19 17.32 21.15
C SER B 184 0.64 15.86 21.10
N THR B 185 -0.08 15.00 21.80
CA THR B 185 0.15 13.57 21.66
C THR B 185 -0.87 12.90 20.73
N ALA B 186 -1.63 13.68 19.98
CA ALA B 186 -2.56 13.11 19.01
C ALA B 186 -1.78 12.45 17.87
N TYR B 187 -2.49 11.64 17.08
CA TYR B 187 -1.94 11.25 15.79
C TYR B 187 -1.55 12.51 15.03
N ALA B 188 -0.41 12.46 14.36
CA ALA B 188 0.04 13.53 13.51
C ALA B 188 0.76 12.91 12.32
N ASP B 189 0.95 13.73 11.26
CA ASP B 189 1.62 13.32 10.02
C ASP B 189 2.43 14.52 9.53
N PHE B 190 3.74 14.46 9.67
CA PHE B 190 4.62 15.57 9.26
C PHE B 190 5.03 15.36 7.81
N ASP B 191 4.56 16.26 6.91
CA ASP B 191 4.66 16.08 5.46
C ASP B 191 5.71 17.04 4.89
N PHE B 192 6.82 16.48 4.39
CA PHE B 192 7.93 17.27 3.85
C PHE B 192 8.09 17.05 2.35
N ARG B 193 6.99 16.74 1.64
N ARG B 193 6.99 16.73 1.65
CA ARG B 193 7.04 16.40 0.23
CA ARG B 193 7.03 16.40 0.24
C ARG B 193 6.92 17.60 -0.70
C ARG B 193 7.00 17.62 -0.68
N ASN B 194 6.63 18.79 -0.18
CA ASN B 194 6.47 19.98 -1.00
C ASN B 194 7.67 20.92 -0.88
N ASP B 195 8.04 21.55 -2.00
CA ASP B 195 9.24 22.37 -2.03
C ASP B 195 9.05 23.65 -1.21
N SER B 196 7.85 24.22 -1.25
CA SER B 196 7.65 25.56 -0.70
C SER B 196 7.07 25.57 0.70
N PHE B 197 6.72 24.42 1.27
CA PHE B 197 6.25 24.40 2.64
C PHE B 197 6.39 23.01 3.25
N HIS B 198 6.52 22.99 4.58
CA HIS B 198 6.27 21.80 5.38
C HIS B 198 4.84 21.87 5.88
N GLU B 199 4.14 20.74 5.85
CA GLU B 199 2.77 20.72 6.36
C GLU B 199 2.65 19.70 7.49
N LEU B 200 2.12 20.16 8.61
CA LEU B 200 2.03 19.36 9.84
C LEU B 200 0.56 19.08 10.09
N GLN B 201 0.16 17.82 9.89
CA GLN B 201 -1.22 17.43 10.10
C GLN B 201 -1.38 16.90 11.52
N ILE B 202 -2.34 17.45 12.26
CA ILE B 202 -2.61 17.02 13.63
C ILE B 202 -4.07 16.61 13.73
N TRP B 203 -4.35 15.53 14.48
CA TRP B 203 -5.72 15.05 14.64
C TRP B 203 -6.40 15.64 15.86
N GLU B 204 -6.05 16.88 16.21
CA GLU B 204 -6.77 17.73 17.13
C GLU B 204 -6.26 19.15 16.88
N VAL B 205 -6.96 20.13 17.44
CA VAL B 205 -6.34 21.45 17.44
C VAL B 205 -5.29 21.40 18.54
N PRO B 206 -4.00 21.54 18.20
CA PRO B 206 -2.96 21.36 19.23
C PRO B 206 -2.95 22.54 20.18
N LYS B 207 -2.57 22.26 21.42
CA LYS B 207 -2.52 23.30 22.44
C LYS B 207 -1.62 24.45 22.01
N GLN B 208 -0.44 24.12 21.48
CA GLN B 208 0.57 25.13 21.22
C GLN B 208 1.55 24.58 20.19
N ILE B 209 2.15 25.49 19.43
CA ILE B 209 3.33 25.17 18.65
C ILE B 209 4.47 26.04 19.15
N ARG B 210 5.64 25.43 19.33
CA ARG B 210 6.81 26.10 19.88
C ARG B 210 7.90 26.12 18.81
N ILE B 211 8.52 27.28 18.62
CA ILE B 211 9.62 27.45 17.67
C ILE B 211 10.77 28.14 18.38
N GLU B 212 11.97 27.58 18.25
CA GLU B 212 13.14 28.12 18.93
C GLU B 212 14.35 28.02 18.02
N CYS B 213 15.16 29.07 17.99
CA CYS B 213 16.31 29.15 17.09
C CYS B 213 17.61 29.31 17.87
N ALA B 214 18.71 29.09 17.17
CA ALA B 214 20.03 29.20 17.74
C ALA B 214 21.01 29.45 16.60
N ASP B 215 22.22 29.91 16.97
CA ASP B 215 23.26 30.21 16.00
C ASP B 215 24.01 28.98 15.51
N THR B 216 24.00 27.90 16.29
CA THR B 216 24.69 26.67 15.93
C THR B 216 23.80 25.49 16.30
N TYR B 217 24.11 24.32 15.72
CA TYR B 217 23.33 23.13 16.08
C TYR B 217 23.63 22.71 17.51
N LEU B 218 24.89 22.84 17.94
CA LEU B 218 25.24 22.62 19.35
C LEU B 218 24.36 23.44 20.28
N LYS B 219 24.21 24.74 20.01
CA LYS B 219 23.36 25.56 20.86
C LYS B 219 21.88 25.24 20.66
N LEU B 220 21.47 24.87 19.44
CA LEU B 220 20.11 24.43 19.25
C LEU B 220 19.79 23.21 20.11
N LEU B 221 20.74 22.26 20.19
CA LEU B 221 20.54 21.10 21.03
C LEU B 221 20.49 21.47 22.51
N GLU B 222 21.31 22.45 22.93
CA GLU B 222 21.19 22.96 24.29
C GLU B 222 19.79 23.50 24.56
N ARG B 223 19.20 24.21 23.59
CA ARG B 223 17.86 24.73 23.78
C ARG B 223 16.81 23.62 23.73
N ILE B 224 17.00 22.63 22.84
CA ILE B 224 16.04 21.53 22.75
C ILE B 224 15.94 20.81 24.09
N THR B 225 17.07 20.48 24.69
CA THR B 225 17.12 19.71 25.93
C THR B 225 16.85 20.55 27.16
N THR B 226 16.97 21.87 27.07
CA THR B 226 16.40 22.71 28.13
C THR B 226 14.88 22.56 28.17
N TYR B 227 14.23 22.53 27.00
CA TYR B 227 12.78 22.41 26.98
C TYR B 227 12.32 20.99 27.29
N PHE B 228 12.91 19.97 26.64
CA PHE B 228 12.41 18.61 26.81
C PHE B 228 13.02 17.88 27.99
N GLY B 229 14.25 18.21 28.37
CA GLY B 229 14.95 17.56 29.46
C GLY B 229 16.27 16.98 29.00
N ARG B 230 17.07 16.57 30.00
CA ARG B 230 18.40 15.99 29.82
C ARG B 230 18.56 14.72 30.62
N GLN B 231 19.36 13.79 30.09
CA GLN B 231 19.60 12.52 30.75
C GLN B 231 20.67 12.67 31.83
N PRO B 232 20.61 11.84 32.86
CA PRO B 232 21.69 11.79 33.85
C PRO B 232 22.96 11.20 33.22
N LYS B 233 24.08 11.35 33.93
CA LYS B 233 25.25 10.55 33.60
C LYS B 233 24.94 9.06 33.79
N LEU B 234 25.59 8.22 32.99
CA LEU B 234 25.42 6.80 33.18
C LEU B 234 26.21 6.34 34.39
N PRO B 235 25.83 5.24 35.04
CA PRO B 235 26.61 4.75 36.17
C PRO B 235 28.02 4.38 35.72
N ASP B 236 29.00 4.67 36.57
CA ASP B 236 30.39 4.39 36.23
C ASP B 236 30.61 2.92 35.89
N TRP B 237 29.82 2.02 36.48
CA TRP B 237 30.05 0.60 36.26
C TRP B 237 29.73 0.13 34.85
N VAL B 238 29.02 0.91 34.02
CA VAL B 238 28.75 0.39 32.67
C VAL B 238 30.05 0.29 31.88
N TYR B 239 31.05 1.12 32.18
CA TYR B 239 32.30 1.13 31.44
C TYR B 239 33.25 0.02 31.86
N ASN B 240 32.84 -0.85 32.78
CA ASN B 240 33.69 -1.98 33.12
C ASN B 240 33.73 -3.03 32.03
N GLY B 241 32.84 -2.98 31.04
CA GLY B 241 32.92 -3.96 29.98
C GLY B 241 31.55 -4.29 29.41
N LEU B 242 31.41 -5.54 28.97
CA LEU B 242 30.23 -6.00 28.27
C LEU B 242 29.07 -6.26 29.22
N ILE B 243 27.85 -6.00 28.76
CA ILE B 243 26.64 -6.47 29.42
C ILE B 243 26.13 -7.64 28.59
N ILE B 244 26.19 -8.84 29.15
CA ILE B 244 25.97 -10.07 28.38
C ILE B 244 24.51 -10.49 28.51
N GLY B 245 23.87 -10.74 27.37
CA GLY B 245 22.49 -11.18 27.42
C GLY B 245 22.41 -12.67 27.32
N VAL B 246 22.05 -13.32 28.43
CA VAL B 246 21.99 -14.77 28.51
C VAL B 246 20.70 -15.15 29.21
N GLN B 247 20.30 -16.41 29.05
CA GLN B 247 19.04 -16.88 29.61
C GLN B 247 19.20 -18.33 30.05
N GLY B 248 18.19 -18.80 30.78
CA GLY B 248 18.04 -20.22 31.05
C GLY B 248 18.04 -20.63 32.52
N GLY B 249 18.10 -19.71 33.48
CA GLY B 249 18.13 -20.09 34.88
C GLY B 249 19.54 -20.03 35.45
N ASN B 250 19.63 -20.31 36.76
CA ASN B 250 20.88 -20.11 37.51
C ASN B 250 22.06 -20.80 36.82
N GLU B 251 21.98 -22.12 36.64
CA GLU B 251 23.14 -22.87 36.15
C GLU B 251 23.57 -22.39 34.77
N ARG B 252 22.62 -22.23 33.84
CA ARG B 252 23.01 -21.87 32.48
C ARG B 252 23.50 -20.43 32.42
N SER B 253 22.77 -19.50 33.04
CA SER B 253 23.09 -18.08 32.88
C SER B 253 24.39 -17.73 33.60
N PHE B 254 24.54 -18.17 34.85
CA PHE B 254 25.80 -17.91 35.54
C PHE B 254 26.92 -18.80 35.02
N GLY B 255 26.60 -19.95 34.42
CA GLY B 255 27.63 -20.71 33.74
C GLY B 255 28.23 -19.95 32.57
N LEU B 256 27.38 -19.27 31.79
CA LEU B 256 27.87 -18.49 30.65
C LEU B 256 28.61 -17.24 31.10
N LEU B 257 28.23 -16.67 32.25
CA LEU B 257 29.03 -15.59 32.81
C LEU B 257 30.45 -16.07 33.14
N ASP B 258 30.58 -17.24 33.79
CA ASP B 258 31.90 -17.76 34.12
C ASP B 258 32.69 -18.08 32.85
N LYS B 259 32.05 -18.72 31.88
CA LYS B 259 32.72 -19.01 30.62
C LYS B 259 33.17 -17.73 29.94
N THR B 260 32.33 -16.69 29.95
CA THR B 260 32.69 -15.41 29.36
C THR B 260 33.92 -14.82 30.04
N LEU B 261 33.92 -14.78 31.37
CA LEU B 261 35.07 -14.26 32.11
C LEU B 261 36.33 -15.10 31.85
N ASP B 262 36.19 -16.42 31.86
CA ASP B 262 37.33 -17.30 31.64
C ASP B 262 38.01 -17.05 30.30
N ARG B 263 37.29 -16.56 29.31
CA ARG B 263 37.85 -16.21 28.00
C ARG B 263 38.36 -14.77 27.94
N ASN B 264 38.49 -14.12 29.11
CA ASN B 264 39.10 -12.79 29.25
C ASN B 264 38.28 -11.70 28.58
N ILE B 265 36.96 -11.89 28.50
CA ILE B 265 36.04 -10.83 28.10
C ILE B 265 35.63 -10.08 29.36
N LYS B 266 35.87 -8.77 29.38
CA LYS B 266 35.51 -7.95 30.53
C LYS B 266 34.00 -7.78 30.58
N VAL B 267 33.42 -8.03 31.76
CA VAL B 267 31.96 -8.02 31.94
C VAL B 267 31.58 -6.93 32.95
N ALA B 268 30.71 -6.02 32.52
CA ALA B 268 30.11 -5.02 33.39
C ALA B 268 28.89 -5.56 34.11
N GLY B 269 28.09 -6.37 33.43
CA GLY B 269 26.89 -6.91 34.03
C GLY B 269 26.37 -8.10 33.25
N ILE B 270 25.50 -8.86 33.91
CA ILE B 270 24.79 -9.96 33.28
C ILE B 270 23.32 -9.54 33.20
N TRP B 271 22.77 -9.56 31.98
CA TRP B 271 21.40 -9.16 31.74
C TRP B 271 20.59 -10.41 31.43
N CYS B 272 19.76 -10.85 32.37
CA CYS B 272 18.92 -12.05 32.24
C CYS B 272 17.48 -11.58 32.11
N GLN B 273 17.02 -11.46 30.87
CA GLN B 273 15.66 -10.96 30.68
C GLN B 273 14.63 -11.95 31.22
N ASP B 274 14.98 -13.23 31.32
CA ASP B 274 14.09 -14.25 31.87
C ASP B 274 14.20 -14.39 33.39
N TRP B 275 14.72 -13.36 34.07
CA TRP B 275 14.78 -13.39 35.53
C TRP B 275 13.42 -13.69 36.15
N CYS B 276 12.34 -13.37 35.43
CA CYS B 276 10.98 -13.55 35.90
C CYS B 276 10.27 -14.71 35.22
N GLY B 277 10.97 -15.49 34.41
CA GLY B 277 10.38 -16.66 33.79
C GLY B 277 10.34 -16.54 32.26
N LYS B 278 10.07 -17.68 31.64
CA LYS B 278 10.01 -17.79 30.19
C LYS B 278 8.60 -18.16 29.74
N ARG B 279 8.34 -17.90 28.47
CA ARG B 279 7.09 -18.32 27.83
C ARG B 279 7.42 -18.60 26.36
N VAL B 280 7.16 -19.80 25.89
CA VAL B 280 7.49 -20.20 24.52
C VAL B 280 6.25 -20.08 23.66
N THR B 281 6.38 -19.35 22.54
CA THR B 281 5.29 -19.23 21.56
C THR B 281 5.83 -19.58 20.19
N SER B 282 4.97 -19.46 19.18
CA SER B 282 5.40 -19.71 17.81
C SER B 282 6.38 -18.65 17.32
N PHE B 283 6.39 -17.46 17.94
CA PHE B 283 7.41 -16.46 17.62
C PHE B 283 8.79 -16.92 18.08
N GLY B 284 8.87 -17.54 19.23
CA GLY B 284 10.13 -18.03 19.77
C GLY B 284 10.07 -18.05 21.29
N LYS B 285 11.25 -17.89 21.89
CA LYS B 285 11.39 -17.95 23.34
C LYS B 285 11.17 -16.54 23.91
N ARG B 286 10.04 -16.35 24.59
CA ARG B 286 9.63 -15.08 25.15
C ARG B 286 9.65 -15.16 26.68
N LEU B 287 9.07 -14.16 27.34
CA LEU B 287 9.16 -14.03 28.79
C LEU B 287 7.78 -14.14 29.44
N GLN B 288 7.78 -14.54 30.71
CA GLN B 288 6.58 -14.55 31.53
C GLN B 288 6.40 -13.17 32.13
N TRP B 289 5.30 -12.51 31.79
CA TRP B 289 5.15 -11.09 32.10
C TRP B 289 4.50 -10.94 33.48
N ASP B 290 5.32 -11.16 34.50
CA ASP B 290 4.88 -11.14 35.89
C ASP B 290 6.14 -10.79 36.69
N TRP B 291 6.26 -9.52 37.11
CA TRP B 291 7.57 -8.93 37.38
C TRP B 291 8.08 -9.19 38.81
N LYS B 292 8.24 -10.47 39.12
CA LYS B 292 8.89 -10.95 40.33
C LYS B 292 9.83 -12.07 39.91
N TYR B 293 10.94 -12.21 40.62
CA TYR B 293 11.93 -13.19 40.16
C TYR B 293 11.34 -14.59 40.23
N HIS B 294 11.72 -15.41 39.26
CA HIS B 294 11.15 -16.75 39.09
C HIS B 294 11.89 -17.71 40.01
N LYS B 295 11.21 -18.19 41.05
CA LYS B 295 11.90 -18.96 42.08
C LYS B 295 12.29 -20.36 41.61
N GLU B 296 11.71 -20.86 40.54
CA GLU B 296 12.14 -22.17 40.05
C GLU B 296 13.32 -22.09 39.10
N MET B 297 13.37 -21.06 38.27
CA MET B 297 14.49 -20.91 37.33
C MET B 297 15.69 -20.23 37.98
N TYR B 298 15.45 -19.27 38.85
CA TYR B 298 16.51 -18.50 39.51
C TYR B 298 16.30 -18.49 41.01
N PRO B 299 16.32 -19.67 41.67
CA PRO B 299 16.14 -19.68 43.12
C PRO B 299 17.25 -18.90 43.81
N ASP B 300 16.90 -18.23 44.90
CA ASP B 300 17.85 -17.50 45.73
C ASP B 300 18.52 -16.35 44.96
N LEU B 301 17.82 -15.80 43.96
CA LEU B 301 18.44 -14.74 43.16
C LEU B 301 18.93 -13.55 43.97
N PRO B 302 18.23 -13.07 45.02
CA PRO B 302 18.78 -11.93 45.76
C PRO B 302 20.14 -12.21 46.37
N LYS B 303 20.30 -13.41 46.96
CA LYS B 303 21.61 -13.81 47.49
C LYS B 303 22.65 -13.91 46.39
N LYS B 304 22.28 -14.51 45.26
CA LYS B 304 23.21 -14.64 44.15
C LYS B 304 23.62 -13.30 43.57
N ILE B 305 22.70 -12.32 43.55
CA ILE B 305 23.09 -11.01 43.07
C ILE B 305 24.13 -10.38 43.98
N LYS B 306 23.95 -10.49 45.30
CA LYS B 306 24.97 -9.99 46.22
C LYS B 306 26.32 -10.61 45.93
N GLU B 307 26.34 -11.91 45.61
CA GLU B 307 27.62 -12.60 45.37
C GLU B 307 28.33 -12.05 44.14
N ILE B 308 27.60 -11.87 43.02
CA ILE B 308 28.30 -11.41 41.83
C ILE B 308 28.67 -9.94 41.97
N ASN B 309 27.84 -9.15 42.67
CA ASN B 309 28.22 -7.78 42.98
C ASN B 309 29.59 -7.71 43.66
N ALA B 310 29.83 -8.63 44.59
CA ALA B 310 31.12 -8.64 45.29
C ALA B 310 32.27 -8.95 44.35
N LYS B 311 32.00 -9.56 43.20
CA LYS B 311 33.02 -9.80 42.19
C LYS B 311 33.03 -8.73 41.10
N GLY B 312 32.34 -7.61 41.31
CA GLY B 312 32.36 -6.53 40.35
C GLY B 312 31.38 -6.66 39.20
N ILE B 313 30.34 -7.49 39.32
CA ILE B 313 29.38 -7.75 38.24
C ILE B 313 27.99 -7.33 38.70
N LYS B 314 27.31 -6.49 37.91
CA LYS B 314 25.92 -6.11 38.18
C LYS B 314 24.95 -7.07 37.49
N PHE B 315 23.72 -7.12 38.01
CA PHE B 315 22.66 -7.95 37.45
C PHE B 315 21.60 -7.04 36.86
N LEU B 316 21.16 -7.34 35.64
CA LEU B 316 20.16 -6.53 34.97
C LEU B 316 18.95 -7.40 34.60
N GLY B 317 17.76 -6.79 34.66
CA GLY B 317 16.52 -7.51 34.41
C GLY B 317 15.65 -6.94 33.30
N TYR B 318 14.33 -7.01 33.50
CA TYR B 318 13.38 -6.69 32.43
C TYR B 318 12.02 -6.45 33.06
N VAL B 319 11.37 -5.34 32.67
CA VAL B 319 9.98 -5.07 33.01
C VAL B 319 9.31 -4.39 31.81
N ASN B 320 8.00 -4.54 31.73
CA ASN B 320 7.22 -3.77 30.76
C ASN B 320 5.87 -3.46 31.40
N PRO B 321 5.08 -2.58 30.81
CA PRO B 321 3.93 -2.05 31.56
C PRO B 321 2.65 -2.86 31.42
N TYR B 322 2.76 -4.12 31.01
CA TYR B 322 1.63 -5.02 30.84
C TYR B 322 1.86 -6.22 31.76
N LEU B 323 0.80 -7.00 31.99
CA LEU B 323 0.90 -8.17 32.87
C LEU B 323 0.05 -9.29 32.30
N VAL B 324 0.63 -10.48 32.13
CA VAL B 324 -0.08 -11.58 31.50
C VAL B 324 -1.14 -12.14 32.46
N ASN B 325 -2.25 -12.63 31.90
CA ASN B 325 -3.44 -12.89 32.70
C ASN B 325 -3.30 -14.09 33.64
N ASP B 326 -2.26 -14.90 33.53
CA ASP B 326 -2.09 -15.98 34.50
C ASP B 326 -1.03 -15.68 35.55
N GLY B 327 -0.64 -14.42 35.71
CA GLY B 327 0.40 -14.06 36.64
C GLY B 327 -0.12 -13.60 38.01
N GLU B 328 0.79 -13.61 38.99
CA GLU B 328 0.43 -13.20 40.35
C GLU B 328 0.16 -11.70 40.40
N LEU B 329 1.03 -10.88 39.80
CA LEU B 329 0.78 -9.45 39.81
C LEU B 329 -0.48 -9.09 39.04
N TYR B 330 -0.81 -9.86 38.00
CA TYR B 330 -2.07 -9.66 37.30
C TYR B 330 -3.24 -9.86 38.24
N LYS B 331 -3.22 -10.96 38.99
CA LYS B 331 -4.31 -11.26 39.91
C LYS B 331 -4.51 -10.09 40.87
N GLU B 332 -3.42 -9.59 41.44
CA GLU B 332 -3.47 -8.44 42.34
C GLU B 332 -3.99 -7.19 41.62
N GLY B 333 -3.45 -6.92 40.42
CA GLY B 333 -3.91 -5.75 39.69
C GLY B 333 -5.40 -5.81 39.35
N LYS B 334 -5.87 -7.00 38.98
CA LYS B 334 -7.30 -7.20 38.75
C LYS B 334 -8.09 -6.92 40.02
N GLU B 335 -7.68 -7.50 41.14
CA GLU B 335 -8.40 -7.32 42.39
C GLU B 335 -8.44 -5.85 42.79
N LYS B 336 -7.40 -5.08 42.49
CA LYS B 336 -7.34 -3.68 42.89
C LYS B 336 -7.96 -2.74 41.87
N GLY B 337 -8.37 -3.24 40.70
CA GLY B 337 -8.98 -2.41 39.68
C GLY B 337 -8.03 -1.47 38.95
N TYR B 338 -6.82 -1.95 38.65
CA TYR B 338 -5.74 -1.10 38.14
C TYR B 338 -5.49 -1.28 36.64
N PHE B 339 -6.34 -2.03 35.94
CA PHE B 339 -6.20 -2.24 34.50
C PHE B 339 -7.16 -1.35 33.73
N ALA B 340 -6.76 -1.01 32.49
CA ALA B 340 -7.68 -0.34 31.59
C ALA B 340 -8.85 -1.27 31.32
N THR B 341 -10.06 -0.70 31.27
CA THR B 341 -11.29 -1.49 31.17
C THR B 341 -12.03 -1.21 29.86
N LYS B 342 -12.98 -2.08 29.56
CA LYS B 342 -13.93 -1.82 28.49
C LYS B 342 -15.15 -1.10 29.08
N ALA B 343 -16.03 -0.63 28.21
CA ALA B 343 -17.22 0.09 28.68
C ALA B 343 -18.05 -0.75 29.65
N ASP B 344 -18.10 -2.07 29.45
CA ASP B 344 -18.88 -2.94 30.32
C ASP B 344 -18.14 -3.34 31.60
N GLY B 345 -16.96 -2.78 31.86
CA GLY B 345 -16.25 -3.02 33.09
C GLY B 345 -15.26 -4.16 33.07
N SER B 346 -15.19 -4.94 32.01
CA SER B 346 -14.20 -5.99 31.94
C SER B 346 -12.82 -5.39 31.73
N ASP B 347 -11.80 -6.07 32.28
CA ASP B 347 -10.43 -5.63 32.03
C ASP B 347 -10.06 -5.93 30.59
N TYR B 348 -9.57 -4.91 29.89
CA TYR B 348 -9.20 -5.08 28.49
C TYR B 348 -8.00 -6.01 28.39
N LEU B 349 -8.11 -7.05 27.57
CA LEU B 349 -7.00 -7.98 27.36
C LEU B 349 -6.44 -7.80 25.94
N VAL B 350 -5.14 -7.49 25.86
CA VAL B 350 -4.45 -7.31 24.59
C VAL B 350 -3.77 -8.62 24.21
N ASP B 351 -3.95 -9.05 22.96
CA ASP B 351 -3.24 -10.21 22.43
C ASP B 351 -1.82 -9.80 22.04
N PHE B 352 -0.81 -10.34 22.72
CA PHE B 352 0.57 -10.06 22.38
C PHE B 352 1.20 -11.16 21.52
N GLY B 353 0.38 -12.12 21.09
CA GLY B 353 0.83 -13.24 20.30
C GLY B 353 0.76 -14.54 21.07
N GLU B 354 -0.43 -15.15 21.14
CA GLU B 354 -0.71 -16.39 21.85
C GLU B 354 -0.68 -16.26 23.36
N PHE B 355 -0.66 -15.04 23.89
CA PHE B 355 -0.95 -14.79 25.30
C PHE B 355 -1.56 -13.39 25.42
N TYR B 356 -2.27 -13.18 26.50
CA TYR B 356 -3.14 -12.01 26.66
C TYR B 356 -2.81 -11.32 27.96
N CYS B 357 -2.74 -9.99 27.93
CA CYS B 357 -2.26 -9.22 29.06
C CYS B 357 -3.17 -8.04 29.35
N GLY B 358 -3.25 -7.68 30.63
CA GLY B 358 -3.87 -6.43 31.00
C GLY B 358 -2.92 -5.25 30.82
N VAL B 359 -3.52 -4.09 30.58
CA VAL B 359 -2.80 -2.83 30.43
C VAL B 359 -2.96 -2.07 31.75
N VAL B 360 -1.89 -2.02 32.55
CA VAL B 360 -1.91 -1.19 33.75
C VAL B 360 -2.26 0.24 33.34
N ASP B 361 -3.29 0.80 33.95
CA ASP B 361 -3.75 2.13 33.58
C ASP B 361 -2.83 3.17 34.20
N LEU B 362 -1.79 3.55 33.47
CA LEU B 362 -0.85 4.55 33.97
C LEU B 362 -1.45 5.94 34.12
N THR B 363 -2.65 6.19 33.60
CA THR B 363 -3.29 7.49 33.83
C THR B 363 -4.07 7.52 35.14
N ASN B 364 -4.17 6.39 35.82
CA ASN B 364 -4.76 6.34 37.15
C ASN B 364 -3.63 6.49 38.17
N PRO B 365 -3.56 7.59 38.91
CA PRO B 365 -2.44 7.79 39.85
C PRO B 365 -2.23 6.63 40.81
N GLU B 366 -3.32 5.99 41.28
CA GLU B 366 -3.15 4.85 42.18
C GLU B 366 -2.54 3.66 41.45
N ALA B 367 -2.96 3.43 40.21
CA ALA B 367 -2.37 2.34 39.44
C ALA B 367 -0.92 2.66 39.09
N PHE B 368 -0.66 3.91 38.70
CA PHE B 368 0.70 4.36 38.44
C PHE B 368 1.60 4.14 39.65
N GLU B 369 1.13 4.55 40.84
CA GLU B 369 1.92 4.38 42.05
C GLU B 369 2.12 2.91 42.38
N TRP B 370 1.07 2.11 42.20
CA TRP B 370 1.18 0.67 42.45
C TRP B 370 2.26 0.04 41.57
N PHE B 371 2.32 0.42 40.30
CA PHE B 371 3.31 -0.20 39.42
C PHE B 371 4.71 0.31 39.74
N LYS B 372 4.84 1.61 39.99
CA LYS B 372 6.11 2.14 40.48
C LYS B 372 6.61 1.36 41.69
N ASP B 373 5.67 0.98 42.58
CA ASP B 373 6.05 0.20 43.76
C ASP B 373 6.45 -1.23 43.41
N ILE B 374 5.92 -1.78 42.32
CA ILE B 374 6.36 -3.10 41.88
C ILE B 374 7.81 -3.06 41.45
N ILE B 375 8.22 -1.98 40.77
CA ILE B 375 9.63 -1.83 40.37
C ILE B 375 10.49 -1.66 41.61
N LYS B 376 10.10 -0.77 42.53
CA LYS B 376 10.86 -0.56 43.75
C LYS B 376 11.04 -1.86 44.54
N GLU B 377 9.96 -2.63 44.70
CA GLU B 377 9.97 -3.77 45.61
C GLU B 377 10.64 -4.99 45.00
N TYR B 378 10.27 -5.36 43.77
CA TYR B 378 10.68 -6.64 43.19
C TYR B 378 11.82 -6.55 42.20
N THR B 379 12.16 -5.36 41.72
CA THR B 379 13.34 -5.20 40.88
C THR B 379 14.43 -4.50 41.69
N LEU B 380 14.27 -3.22 42.00
CA LEU B 380 15.28 -2.52 42.80
C LEU B 380 15.47 -3.16 44.16
N GLY B 381 14.40 -3.71 44.74
CA GLY B 381 14.44 -4.21 46.11
C GLY B 381 15.24 -5.48 46.30
N ILE B 382 15.43 -6.28 45.24
CA ILE B 382 16.32 -7.43 45.31
C ILE B 382 17.70 -7.09 44.75
N GLY B 383 18.00 -5.82 44.52
CA GLY B 383 19.33 -5.41 44.14
C GLY B 383 19.61 -5.41 42.66
N ILE B 384 18.58 -5.40 41.82
CA ILE B 384 18.82 -5.32 40.39
C ILE B 384 19.25 -3.92 40.03
N ASP B 385 20.36 -3.80 39.31
CA ASP B 385 20.96 -2.48 39.09
C ASP B 385 20.69 -1.94 37.69
N GLY B 386 19.92 -2.64 36.88
CA GLY B 386 19.52 -2.11 35.59
C GLY B 386 18.49 -3.03 34.98
N TRP B 387 17.78 -2.50 33.99
CA TRP B 387 16.80 -3.36 33.33
C TRP B 387 16.40 -2.81 31.98
N MET B 388 15.91 -3.70 31.12
CA MET B 388 15.18 -3.31 29.93
C MET B 388 13.77 -2.91 30.38
N ALA B 389 13.37 -1.68 30.06
CA ALA B 389 12.02 -1.17 30.34
C ALA B 389 11.30 -1.10 29.00
N ASP B 390 10.62 -2.17 28.65
CA ASP B 390 10.23 -2.49 27.28
C ASP B 390 8.82 -1.99 26.94
N PHE B 391 8.49 -2.08 25.65
CA PHE B 391 7.16 -1.81 25.12
C PHE B 391 6.65 -0.41 25.43
N GLY B 392 5.33 -0.21 25.44
CA GLY B 392 4.73 1.11 25.50
C GLY B 392 3.95 1.49 24.25
N GLU B 393 3.98 0.68 23.20
CA GLU B 393 3.40 1.04 21.92
C GLU B 393 2.03 0.43 21.65
N TYR B 394 1.46 -0.33 22.59
CA TYR B 394 0.34 -1.22 22.24
C TYR B 394 -1.02 -0.75 22.75
N LEU B 395 -1.18 0.52 23.13
CA LEU B 395 -2.51 0.95 23.61
C LEU B 395 -3.51 0.93 22.46
N PRO B 396 -4.56 0.12 22.54
CA PRO B 396 -5.57 0.10 21.47
C PRO B 396 -6.54 1.28 21.56
N THR B 397 -7.34 1.43 20.49
CA THR B 397 -8.24 2.58 20.36
C THR B 397 -9.70 2.18 20.20
N ASP B 398 -10.06 0.91 20.53
CA ASP B 398 -11.42 0.37 20.37
C ASP B 398 -11.97 -0.03 21.74
N ASP B 399 -12.98 0.68 22.23
CA ASP B 399 -13.65 0.30 23.47
C ASP B 399 -12.65 0.01 24.59
N ILE B 400 -11.92 1.06 24.98
CA ILE B 400 -11.04 1.00 26.12
C ILE B 400 -11.20 2.32 26.85
N CYS B 401 -11.22 2.27 28.18
CA CYS B 401 -11.50 3.43 29.01
C CYS B 401 -10.32 3.63 29.95
N LEU B 402 -9.85 4.87 30.02
CA LEU B 402 -8.72 5.26 30.87
C LEU B 402 -9.18 6.22 31.95
N TYR B 403 -8.51 6.14 33.10
CA TYR B 403 -8.86 7.00 34.23
C TYR B 403 -8.82 8.48 33.87
N SER B 404 -7.90 8.87 32.98
CA SER B 404 -7.81 10.29 32.57
C SER B 404 -9.08 10.79 31.91
N GLY B 405 -9.92 9.89 31.39
CA GLY B 405 -11.06 10.29 30.61
C GLY B 405 -10.75 10.74 29.20
N LYS B 406 -9.48 10.77 28.81
CA LYS B 406 -9.11 11.16 27.45
C LYS B 406 -9.25 9.97 26.50
N SER B 407 -9.49 10.29 25.24
CA SER B 407 -9.62 9.24 24.23
C SER B 407 -8.31 8.47 24.09
N PRO B 408 -8.37 7.16 23.85
CA PRO B 408 -7.13 6.45 23.51
C PRO B 408 -6.46 6.99 22.25
N MET B 409 -7.20 7.68 21.37
CA MET B 409 -6.56 8.36 20.25
C MET B 409 -5.61 9.45 20.72
N ILE B 410 -5.74 9.93 21.96
CA ILE B 410 -4.82 10.89 22.54
C ILE B 410 -3.81 10.20 23.47
N GLU B 411 -4.26 9.23 24.25
CA GLU B 411 -3.35 8.59 25.19
C GLU B 411 -2.41 7.58 24.53
N HIS B 412 -2.70 7.12 23.30
CA HIS B 412 -1.85 6.11 22.68
C HIS B 412 -0.39 6.58 22.59
N ASN B 413 -0.15 7.77 22.01
CA ASN B 413 1.23 8.26 21.91
C ASN B 413 1.78 8.74 23.25
N HIS B 414 0.91 9.04 24.21
CA HIS B 414 1.34 9.47 25.55
C HIS B 414 1.93 8.31 26.33
N TRP B 415 1.51 7.09 26.03
CA TRP B 415 1.86 5.94 26.87
C TRP B 415 3.35 5.75 27.06
N PRO B 416 4.21 5.79 26.03
CA PRO B 416 5.66 5.61 26.27
C PRO B 416 6.23 6.56 27.31
N VAL B 417 5.74 7.80 27.37
CA VAL B 417 6.29 8.77 28.32
C VAL B 417 5.76 8.51 29.73
N LEU B 418 4.48 8.13 29.85
CA LEU B 418 3.97 7.71 31.14
C LEU B 418 4.75 6.52 31.68
N TRP B 419 5.05 5.56 30.80
CA TRP B 419 5.85 4.40 31.20
C TRP B 419 7.26 4.82 31.56
N ALA B 420 7.82 5.80 30.85
CA ALA B 420 9.16 6.26 31.18
C ALA B 420 9.17 6.96 32.53
N LYS B 421 8.17 7.81 32.77
CA LYS B 421 8.07 8.53 34.04
C LYS B 421 7.95 7.56 35.21
N CYS B 422 7.23 6.46 35.02
CA CYS B 422 7.08 5.45 36.07
C CYS B 422 8.45 4.88 36.45
N ASN B 423 9.26 4.52 35.46
CA ASN B 423 10.59 4.01 35.76
C ASN B 423 11.46 5.08 36.40
N TYR B 424 11.38 6.30 35.87
CA TYR B 424 12.23 7.38 36.38
C TYR B 424 11.93 7.68 37.84
N GLU B 425 10.65 7.69 38.20
CA GLU B 425 10.26 8.02 39.56
C GLU B 425 10.61 6.90 40.52
N ALA B 426 10.49 5.64 40.07
CA ALA B 426 10.95 4.53 40.90
C ALA B 426 12.42 4.72 41.26
N VAL B 427 13.24 5.06 40.26
CA VAL B 427 14.68 5.20 40.51
C VAL B 427 14.96 6.47 41.33
N LYS B 428 14.33 7.59 40.96
CA LYS B 428 14.54 8.85 41.68
C LYS B 428 14.10 8.73 43.14
N GLU B 429 12.91 8.19 43.37
CA GLU B 429 12.42 8.06 44.73
C GLU B 429 13.27 7.12 45.54
N SER B 430 13.92 6.16 44.88
CA SER B 430 14.81 5.24 45.58
C SER B 430 16.20 5.83 45.81
N GLY B 431 16.46 7.05 45.34
CA GLY B 431 17.78 7.63 45.48
C GLY B 431 18.85 7.03 44.61
N LYS B 432 18.48 6.38 43.50
CA LYS B 432 19.42 5.58 42.73
C LYS B 432 19.79 6.19 41.37
N LEU B 433 19.38 7.43 41.11
CA LEU B 433 19.78 8.08 39.87
C LEU B 433 21.31 8.18 39.83
N GLY B 434 21.89 7.81 38.68
CA GLY B 434 23.32 7.73 38.57
C GLY B 434 23.93 6.44 39.05
N ASP B 435 23.16 5.56 39.69
CA ASP B 435 23.64 4.26 40.13
C ASP B 435 23.02 3.10 39.37
N VAL B 436 21.79 3.26 38.89
CA VAL B 436 21.11 2.21 38.12
C VAL B 436 20.68 2.83 36.80
N VAL B 437 20.48 1.98 35.79
CA VAL B 437 20.11 2.46 34.46
C VAL B 437 19.10 1.50 33.84
N TYR B 438 18.00 2.05 33.34
CA TYR B 438 17.05 1.26 32.54
C TYR B 438 17.10 1.79 31.11
N PHE B 439 16.76 0.94 30.14
CA PHE B 439 16.81 1.36 28.75
C PHE B 439 15.49 1.03 28.08
N MET B 440 15.04 1.94 27.22
CA MET B 440 13.72 1.93 26.61
C MET B 440 13.84 1.97 25.10
N ARG B 441 12.89 1.33 24.43
CA ARG B 441 12.79 1.40 22.98
C ARG B 441 11.70 2.35 22.51
N ALA B 442 10.65 2.55 23.29
CA ALA B 442 9.57 3.46 22.93
C ALA B 442 9.74 4.80 23.63
N GLY B 443 9.16 5.83 23.05
CA GLY B 443 9.26 7.14 23.67
C GLY B 443 8.33 8.14 23.02
N GLY B 444 8.42 9.37 23.53
CA GLY B 444 7.70 10.51 23.00
C GLY B 444 8.29 11.76 23.61
N ALA B 445 7.61 12.89 23.41
CA ALA B 445 8.09 14.15 23.97
C ALA B 445 8.17 14.03 25.50
N GLY B 446 9.37 14.22 26.05
CA GLY B 446 9.61 14.05 27.47
C GLY B 446 10.49 12.86 27.81
N SER B 447 10.65 11.92 26.88
CA SER B 447 11.64 10.86 27.07
C SER B 447 13.05 11.42 27.24
N GLN B 448 13.28 12.67 26.80
CA GLN B 448 14.57 13.32 27.05
C GLN B 448 14.87 13.42 28.54
N LYS B 449 13.84 13.59 29.37
CA LYS B 449 14.04 13.64 30.81
C LYS B 449 13.87 12.27 31.47
N TYR B 450 12.85 11.52 31.09
CA TYR B 450 12.41 10.35 31.85
C TYR B 450 13.03 9.03 31.41
N CYS B 451 13.78 9.01 30.32
CA CYS B 451 14.46 7.79 29.88
C CYS B 451 15.96 7.95 30.09
N THR B 452 16.56 7.06 30.92
CA THR B 452 17.99 7.15 31.20
C THR B 452 18.84 6.66 30.04
N LEU B 453 18.29 5.82 29.16
CA LEU B 453 19.06 5.28 28.03
C LEU B 453 18.08 4.72 27.00
N LEU B 454 18.23 5.12 25.75
CA LEU B 454 17.50 4.47 24.66
C LEU B 454 18.24 3.21 24.19
N TRP B 455 17.50 2.30 23.55
CA TRP B 455 18.13 1.36 22.64
C TRP B 455 17.27 1.30 21.40
N ALA B 456 17.85 0.79 20.32
CA ALA B 456 17.22 0.94 19.01
C ALA B 456 16.07 -0.03 18.79
N GLY B 457 15.65 -0.78 19.80
CA GLY B 457 14.54 -1.71 19.59
C GLY B 457 15.00 -2.93 18.81
N ASP B 458 14.03 -3.63 18.21
CA ASP B 458 14.30 -4.88 17.50
C ASP B 458 14.81 -4.59 16.09
N GLN B 459 16.07 -4.94 15.80
CA GLN B 459 16.47 -5.13 14.41
C GLN B 459 16.30 -6.58 13.98
N SER B 460 16.11 -6.78 12.69
CA SER B 460 16.33 -8.10 12.15
C SER B 460 17.81 -8.46 12.29
N VAL B 461 18.08 -9.75 12.32
CA VAL B 461 19.46 -10.23 12.41
C VAL B 461 20.10 -10.28 11.02
N ASP B 462 20.30 -9.12 10.40
CA ASP B 462 20.85 -9.12 9.05
C ASP B 462 21.55 -7.79 8.76
N PHE B 463 22.14 -7.72 7.57
CA PHE B 463 22.81 -6.52 7.09
C PHE B 463 21.90 -5.65 6.20
N THR B 464 20.58 -5.82 6.26
CA THR B 464 19.71 -5.02 5.38
C THR B 464 19.75 -3.55 5.80
N ILE B 465 19.33 -2.69 4.88
CA ILE B 465 19.35 -1.24 5.11
C ILE B 465 18.23 -0.82 6.05
N HIS B 466 17.02 -1.31 5.83
CA HIS B 466 15.87 -0.79 6.55
C HIS B 466 15.56 -1.54 7.84
N ASP B 467 16.24 -2.64 8.12
CA ASP B 467 15.98 -3.30 9.41
C ASP B 467 17.20 -4.02 9.96
N GLY B 468 18.40 -3.80 9.42
CA GLY B 468 19.59 -4.44 9.92
C GLY B 468 20.51 -3.47 10.65
N LEU B 469 21.79 -3.87 10.74
CA LEU B 469 22.81 -3.09 11.43
C LEU B 469 22.77 -1.62 11.08
N ALA B 470 22.64 -1.30 9.79
CA ALA B 470 22.74 0.10 9.37
C ALA B 470 21.66 0.98 10.00
N SER B 471 20.44 0.43 10.15
CA SER B 471 19.33 1.24 10.66
C SER B 471 19.58 1.74 12.08
N VAL B 472 20.47 1.09 12.83
CA VAL B 472 20.84 1.54 14.17
C VAL B 472 21.48 2.91 14.10
N ILE B 473 22.33 3.13 13.09
CA ILE B 473 23.05 4.40 12.96
C ILE B 473 22.06 5.52 12.70
N CYS B 474 21.13 5.29 11.78
CA CYS B 474 20.11 6.29 11.49
C CYS B 474 19.28 6.60 12.73
N GLY B 475 18.97 5.57 13.52
CA GLY B 475 18.19 5.79 14.73
C GLY B 475 18.94 6.56 15.78
N ALA B 476 20.27 6.36 15.85
CA ALA B 476 21.08 7.13 16.78
C ALA B 476 21.08 8.61 16.41
N LEU B 477 21.27 8.90 15.12
CA LEU B 477 21.37 10.29 14.68
C LEU B 477 20.07 11.03 14.88
N SER B 478 18.96 10.44 14.42
CA SER B 478 17.66 11.11 14.55
C SER B 478 17.29 11.33 16.01
N ALA B 479 17.46 10.29 16.84
CA ALA B 479 17.12 10.42 18.26
C ALA B 479 17.98 11.50 18.90
N GLY B 480 19.27 11.55 18.54
CA GLY B 480 20.15 12.56 19.11
C GLY B 480 19.72 13.98 18.79
N MET B 481 19.25 14.21 17.56
CA MET B 481 18.76 15.54 17.21
C MET B 481 17.49 15.91 17.97
N MET B 482 16.78 14.93 18.54
CA MET B 482 15.63 15.21 19.37
C MET B 482 15.99 15.43 20.83
N GLY B 483 17.29 15.39 21.16
CA GLY B 483 17.72 15.54 22.53
C GLY B 483 17.83 14.25 23.32
N CYS B 484 17.61 13.09 22.68
CA CYS B 484 17.89 11.81 23.34
C CYS B 484 19.31 11.41 22.93
N GLY B 485 20.29 11.77 23.78
CA GLY B 485 21.71 11.64 23.52
C GLY B 485 22.39 10.35 23.87
N LEU B 486 21.70 9.40 24.50
CA LEU B 486 22.29 8.12 24.90
C LEU B 486 21.47 7.01 24.28
N THR B 487 22.10 6.21 23.43
CA THR B 487 21.39 5.10 22.81
C THR B 487 22.39 3.97 22.60
N HIS B 488 21.86 2.79 22.26
CA HIS B 488 22.69 1.64 21.89
C HIS B 488 21.83 0.67 21.10
N SER B 489 22.39 -0.49 20.77
CA SER B 489 21.60 -1.51 20.10
C SER B 489 21.95 -2.90 20.65
N ASP B 490 21.05 -3.84 20.40
CA ASP B 490 21.36 -5.26 20.55
C ASP B 490 22.53 -5.62 19.66
N ILE B 491 23.61 -6.09 20.27
CA ILE B 491 24.74 -6.54 19.46
C ILE B 491 24.34 -7.86 18.79
N GLY B 492 24.23 -7.86 17.46
CA GLY B 492 23.75 -8.99 16.72
C GLY B 492 22.29 -8.92 16.29
N GLY B 493 21.58 -7.83 16.61
CA GLY B 493 20.16 -7.74 16.29
C GLY B 493 19.31 -8.70 17.12
N TYR B 494 18.02 -8.74 16.78
CA TYR B 494 17.07 -9.51 17.58
C TYR B 494 16.21 -10.45 16.76
N THR B 495 15.50 -9.94 15.76
CA THR B 495 14.40 -10.67 15.14
C THR B 495 14.90 -11.71 14.16
N SER B 496 14.67 -12.99 14.46
CA SER B 496 14.93 -14.08 13.53
C SER B 496 13.60 -14.71 13.13
N LEU B 497 13.23 -14.54 11.86
CA LEU B 497 12.02 -15.14 11.30
C LEU B 497 12.28 -15.47 9.84
N PHE B 498 11.52 -16.44 9.32
CA PHE B 498 11.46 -16.68 7.89
C PHE B 498 12.85 -16.96 7.30
N ASP B 499 13.58 -17.89 7.93
CA ASP B 499 14.91 -18.34 7.51
C ASP B 499 15.95 -17.23 7.56
N ASN B 500 15.71 -16.18 8.33
CA ASN B 500 16.70 -15.13 8.56
C ASN B 500 17.33 -15.40 9.93
N THR B 501 18.61 -15.79 9.95
CA THR B 501 19.30 -16.10 11.22
C THR B 501 20.64 -15.38 11.31
N ARG B 502 21.01 -15.06 12.55
CA ARG B 502 22.23 -14.31 12.83
C ARG B 502 23.48 -15.14 12.51
N THR B 503 24.49 -14.50 11.92
CA THR B 503 25.76 -15.15 11.66
C THR B 503 26.86 -14.59 12.57
N LYS B 504 27.97 -15.33 12.62
CA LYS B 504 29.14 -14.85 13.34
C LYS B 504 29.62 -13.52 12.80
N GLU B 505 29.66 -13.38 11.46
CA GLU B 505 30.12 -12.14 10.85
C GLU B 505 29.23 -10.96 11.25
N LEU B 506 27.91 -11.17 11.26
CA LEU B 506 27.01 -10.10 11.64
C LEU B 506 27.23 -9.70 13.10
N PHE B 507 27.38 -10.69 13.99
CA PHE B 507 27.63 -10.38 15.39
C PHE B 507 28.88 -9.52 15.55
N LEU B 508 29.97 -9.89 14.87
CA LEU B 508 31.24 -9.21 15.07
C LEU B 508 31.21 -7.82 14.48
N ARG B 509 30.62 -7.66 13.29
CA ARG B 509 30.49 -6.32 12.73
C ARG B 509 29.60 -5.44 13.60
N TRP B 510 28.56 -6.03 14.18
CA TRP B 510 27.72 -5.29 15.12
C TRP B 510 28.52 -4.89 16.36
N ALA B 511 29.36 -5.80 16.87
CA ALA B 511 30.12 -5.51 18.07
C ALA B 511 31.17 -4.43 17.82
N GLU B 512 31.80 -4.45 16.64
CA GLU B 512 32.86 -3.48 16.38
C GLU B 512 32.30 -2.08 16.15
N MET B 513 30.98 -1.96 15.92
CA MET B 513 30.33 -0.65 15.99
C MET B 513 29.95 -0.29 17.42
N ALA B 514 29.47 -1.27 18.18
CA ALA B 514 28.95 -1.00 19.51
C ALA B 514 30.04 -0.46 20.43
N MET B 515 31.29 -0.82 20.19
CA MET B 515 32.35 -0.31 21.06
C MET B 515 32.56 1.18 20.92
N PHE B 516 32.02 1.80 19.87
CA PHE B 516 31.97 3.26 19.74
C PHE B 516 30.58 3.79 20.05
N THR B 517 29.95 3.27 21.10
CA THR B 517 28.68 3.73 21.68
C THR B 517 28.80 3.67 23.20
N PRO B 518 27.87 4.27 23.96
CA PRO B 518 28.02 4.30 25.42
C PRO B 518 27.87 2.96 26.13
N PHE B 519 27.28 1.94 25.50
CA PHE B 519 26.71 0.82 26.23
C PHE B 519 26.75 -0.41 25.33
N MET B 520 27.55 -1.40 25.68
CA MET B 520 27.70 -2.62 24.91
C MET B 520 26.89 -3.73 25.58
N ARG B 521 25.94 -4.30 24.84
CA ARG B 521 25.04 -5.31 25.37
C ARG B 521 24.68 -6.31 24.27
N THR B 522 24.71 -7.59 24.59
CA THR B 522 24.33 -8.62 23.64
C THR B 522 22.91 -9.08 23.93
N HIS B 523 22.43 -10.02 23.11
CA HIS B 523 21.05 -10.47 23.19
C HIS B 523 20.96 -11.81 22.48
N GLU B 524 20.41 -12.82 23.17
CA GLU B 524 20.23 -14.12 22.51
C GLU B 524 19.22 -14.04 21.36
N GLY B 525 18.29 -13.07 21.37
CA GLY B 525 17.28 -12.99 20.32
C GLY B 525 16.09 -13.88 20.59
N ASN B 526 15.13 -13.88 19.65
CA ASN B 526 13.87 -14.58 19.89
C ASN B 526 13.97 -16.08 19.68
N ARG B 527 15.01 -16.58 19.00
CA ARG B 527 15.15 -18.01 18.73
C ARG B 527 16.60 -18.43 18.97
N PRO B 528 17.01 -18.48 20.24
CA PRO B 528 18.45 -18.59 20.53
C PRO B 528 19.10 -19.86 19.99
N ASP B 529 18.37 -20.98 19.96
CA ASP B 529 18.95 -22.26 19.55
C ASP B 529 19.38 -22.29 18.08
N THR B 530 18.83 -21.42 17.22
CA THR B 530 19.14 -21.46 15.80
C THR B 530 19.79 -20.18 15.29
N ASN B 531 20.22 -19.29 16.18
CA ASN B 531 20.97 -18.12 15.82
C ASN B 531 22.34 -18.18 16.49
N PHE B 532 23.34 -17.65 15.79
CA PHE B 532 24.67 -17.60 16.35
C PHE B 532 24.67 -16.84 17.67
N GLN B 533 25.40 -17.39 18.65
CA GLN B 533 25.65 -16.74 19.93
C GLN B 533 27.15 -16.63 20.14
N TYR B 534 27.60 -15.50 20.72
CA TYR B 534 29.04 -15.28 20.84
C TYR B 534 29.71 -16.38 21.65
N TYR B 535 29.01 -16.95 22.63
CA TYR B 535 29.63 -17.95 23.50
C TYR B 535 29.67 -19.33 22.85
N ASP B 536 29.21 -19.46 21.61
CA ASP B 536 29.27 -20.72 20.87
C ASP B 536 30.61 -20.94 20.16
N ASP B 537 31.49 -19.95 20.14
CA ASP B 537 32.65 -19.97 19.25
C ASP B 537 33.84 -19.35 19.95
N GLU B 538 34.91 -20.14 20.13
CA GLU B 538 36.08 -19.65 20.84
C GLU B 538 36.74 -18.50 20.10
N ASP B 539 36.84 -18.61 18.76
CA ASP B 539 37.43 -17.52 18.00
C ASP B 539 36.65 -16.22 18.21
N THR B 540 35.31 -16.30 18.23
CA THR B 540 34.52 -15.11 18.47
C THR B 540 34.79 -14.52 19.86
N MET B 541 34.88 -15.38 20.88
CA MET B 541 35.10 -14.89 22.24
C MET B 541 36.46 -14.21 22.35
N GLU B 542 37.49 -14.78 21.71
CA GLU B 542 38.78 -14.10 21.63
C GLU B 542 38.65 -12.76 20.93
N ARG B 543 38.01 -12.75 19.76
CA ARG B 543 37.83 -11.50 19.04
C ARG B 543 37.00 -10.51 19.85
N LEU B 544 35.97 -10.99 20.54
CA LEU B 544 35.11 -10.10 21.33
C LEU B 544 35.85 -9.48 22.50
N ALA B 545 36.74 -10.25 23.14
CA ALA B 545 37.52 -9.71 24.25
C ALA B 545 38.28 -8.46 23.82
N ARG B 546 38.83 -8.49 22.61
CA ARG B 546 39.52 -7.33 22.06
C ARG B 546 38.59 -6.15 21.85
N LEU B 547 37.41 -6.41 21.28
CA LEU B 547 36.48 -5.30 21.05
C LEU B 547 36.01 -4.72 22.39
N VAL B 548 35.75 -5.57 23.38
CA VAL B 548 35.31 -5.06 24.67
C VAL B 548 36.45 -4.31 25.36
N ASP B 549 37.69 -4.81 25.24
CA ASP B 549 38.82 -4.07 25.78
C ASP B 549 38.90 -2.66 25.18
N VAL B 550 38.71 -2.55 23.86
CA VAL B 550 38.78 -1.25 23.21
C VAL B 550 37.74 -0.29 23.80
N TYR B 551 36.53 -0.80 24.06
CA TYR B 551 35.50 0.00 24.72
C TYR B 551 35.98 0.50 26.07
N THR B 552 36.54 -0.39 26.90
CA THR B 552 37.03 0.05 28.21
C THR B 552 38.18 1.03 28.08
N MET B 553 39.03 0.86 27.07
CA MET B 553 40.11 1.83 26.85
C MET B 553 39.59 3.17 26.39
N LEU B 554 38.50 3.19 25.62
CA LEU B 554 37.88 4.45 25.18
C LEU B 554 37.17 5.18 26.31
N ALA B 555 36.87 4.48 27.41
CA ALA B 555 35.97 5.01 28.44
C ALA B 555 36.35 6.38 29.00
N PRO B 556 37.63 6.74 29.22
CA PRO B 556 37.92 8.11 29.66
C PRO B 556 37.36 9.15 28.70
N TYR B 557 37.44 8.90 27.39
CA TYR B 557 36.85 9.80 26.41
C TYR B 557 35.32 9.73 26.46
N THR B 558 34.79 8.51 26.46
CA THR B 558 33.33 8.33 26.41
C THR B 558 32.66 8.96 27.61
N LYS B 559 33.30 8.89 28.79
CA LYS B 559 32.72 9.54 29.95
C LYS B 559 32.55 11.03 29.73
N THR B 560 33.52 11.67 29.05
CA THR B 560 33.37 13.11 28.83
C THR B 560 32.23 13.40 27.86
N LEU B 561 31.97 12.50 26.91
CA LEU B 561 30.81 12.71 26.03
C LEU B 561 29.50 12.52 26.78
N VAL B 562 29.43 11.51 27.65
CA VAL B 562 28.22 11.30 28.43
C VAL B 562 27.98 12.47 29.38
N GLU B 563 29.08 12.96 29.97
CA GLU B 563 29.00 14.15 30.81
C GLU B 563 28.55 15.37 30.01
N GLU B 564 29.08 15.54 28.81
CA GLU B 564 28.68 16.66 27.95
C GLU B 564 27.22 16.54 27.54
N ASN B 565 26.76 15.31 27.28
CA ASN B 565 25.34 15.13 27.00
C ASN B 565 24.51 15.53 28.22
N ALA B 566 24.95 15.12 29.40
CA ALA B 566 24.21 15.44 30.62
C ALA B 566 24.21 16.94 30.90
N ASP B 567 25.27 17.65 30.50
CA ASP B 567 25.43 19.08 30.82
C ASP B 567 24.79 20.00 29.79
N SER B 568 24.71 19.60 28.53
CA SER B 568 24.23 20.52 27.50
C SER B 568 23.39 19.87 26.42
N GLY B 569 23.17 18.55 26.46
CA GLY B 569 22.32 17.93 25.47
C GLY B 569 23.00 17.63 24.14
N HIS B 570 24.31 17.78 24.07
CA HIS B 570 25.06 17.34 22.90
C HIS B 570 25.08 15.82 22.86
N PRO B 571 24.46 15.16 21.87
CA PRO B 571 24.41 13.69 21.88
C PRO B 571 25.78 13.06 21.71
N VAL B 572 25.92 11.82 22.25
CA VAL B 572 27.16 11.09 22.09
C VAL B 572 27.42 10.76 20.63
N GLN B 573 26.37 10.45 19.87
CA GLN B 573 26.48 10.14 18.45
C GLN B 573 25.90 11.31 17.66
N ARG B 574 26.77 12.04 16.98
CA ARG B 574 26.41 13.30 16.35
C ARG B 574 26.46 13.21 14.83
N PRO B 575 25.59 13.93 14.13
CA PRO B 575 25.70 13.99 12.68
C PRO B 575 26.90 14.82 12.29
N LEU B 576 27.43 14.53 11.10
CA LEU B 576 28.65 15.21 10.65
C LEU B 576 28.45 16.72 10.61
N PHE B 577 27.25 17.19 10.26
CA PHE B 577 27.04 18.63 10.18
C PHE B 577 26.94 19.31 11.53
N MET B 578 27.07 18.57 12.63
CA MET B 578 27.00 19.24 13.94
C MET B 578 28.30 19.98 14.24
N HIS B 579 29.43 19.51 13.71
CA HIS B 579 30.70 20.19 13.87
C HIS B 579 31.29 20.72 12.56
N TYR B 580 30.67 20.43 11.43
CA TYR B 580 31.12 20.90 10.13
C TYR B 580 29.91 21.49 9.42
N GLU B 581 29.41 22.61 9.96
CA GLU B 581 28.16 23.17 9.50
C GLU B 581 28.20 23.66 8.06
N SER B 582 29.38 23.99 7.55
CA SER B 582 29.52 24.51 6.19
C SER B 582 29.68 23.41 5.14
N ASP B 583 30.02 22.20 5.56
CA ASP B 583 30.20 21.08 4.64
C ASP B 583 28.85 20.65 4.07
N ALA B 584 28.67 20.78 2.75
CA ALA B 584 27.35 20.48 2.18
C ALA B 584 27.04 18.99 2.24
N LYS B 585 28.05 18.13 2.06
CA LYS B 585 27.82 16.69 2.07
C LYS B 585 27.45 16.17 3.46
N ALA B 586 27.92 16.83 4.52
CA ALA B 586 27.62 16.37 5.87
C ALA B 586 26.11 16.29 6.11
N TYR B 587 25.33 17.09 5.40
CA TYR B 587 23.89 17.10 5.59
C TYR B 587 23.17 15.92 4.95
N ASP B 588 23.84 15.15 4.11
CA ASP B 588 23.23 14.03 3.39
C ASP B 588 23.69 12.67 3.89
N ILE B 589 24.60 12.64 4.84
CA ILE B 589 25.22 11.41 5.31
C ILE B 589 24.50 10.96 6.57
N GLN B 590 24.01 9.71 6.54
CA GLN B 590 23.32 9.16 7.70
C GLN B 590 23.90 7.83 8.17
N TYR B 591 24.98 7.35 7.57
CA TYR B 591 25.59 6.09 8.01
C TYR B 591 27.01 6.32 8.49
N GLU B 592 27.39 7.57 8.74
CA GLU B 592 28.57 7.91 9.50
C GLU B 592 28.14 8.85 10.62
N TYR B 593 28.90 8.85 11.71
CA TYR B 593 28.59 9.76 12.80
C TYR B 593 29.88 10.19 13.48
N LEU B 594 29.80 11.36 14.12
CA LEU B 594 30.87 11.83 15.00
C LEU B 594 30.62 11.24 16.38
N PHE B 595 31.54 10.40 16.86
CA PHE B 595 31.52 9.88 18.22
C PHE B 595 32.17 10.94 19.09
N GLY B 596 31.35 11.84 19.64
CA GLY B 596 31.88 13.04 20.24
C GLY B 596 32.43 13.97 19.17
N ARG B 597 33.12 15.03 19.62
CA ARG B 597 33.74 15.94 18.66
C ARG B 597 34.99 15.38 18.01
N ASP B 598 35.62 14.37 18.61
CA ASP B 598 36.98 14.00 18.27
C ASP B 598 37.12 12.71 17.48
N MET B 599 36.04 11.97 17.20
CA MET B 599 36.14 10.74 16.41
C MET B 599 35.05 10.72 15.35
N LEU B 600 35.38 10.17 14.18
CA LEU B 600 34.41 9.89 13.12
C LEU B 600 34.32 8.38 12.95
N ILE B 601 33.11 7.85 12.98
CA ILE B 601 32.88 6.42 12.82
C ILE B 601 32.04 6.21 11.57
N ALA B 602 32.47 5.28 10.72
CA ALA B 602 31.73 4.88 9.52
C ALA B 602 31.62 3.36 9.54
N PRO B 603 30.65 2.82 10.28
CA PRO B 603 30.60 1.37 10.45
C PRO B 603 30.36 0.64 9.13
N VAL B 604 30.98 -0.54 9.01
CA VAL B 604 30.71 -1.46 7.91
C VAL B 604 29.37 -2.14 8.18
N TYR B 605 28.41 -1.93 7.29
CA TYR B 605 27.08 -2.49 7.47
C TYR B 605 26.70 -3.49 6.39
N GLU B 606 27.69 -4.02 5.68
CA GLU B 606 27.47 -4.98 4.62
C GLU B 606 28.36 -6.19 4.85
N GLN B 607 27.92 -7.34 4.33
CA GLN B 607 28.69 -8.55 4.56
C GLN B 607 29.80 -8.69 3.53
N ASP B 608 30.79 -9.53 3.88
CA ASP B 608 31.93 -9.88 3.01
C ASP B 608 32.64 -8.65 2.47
N LYS B 609 32.91 -7.69 3.35
CA LYS B 609 33.64 -6.50 2.98
C LYS B 609 35.06 -6.55 3.52
N HIS B 610 35.99 -5.97 2.77
CA HIS B 610 37.38 -5.87 3.19
C HIS B 610 37.91 -4.46 3.20
N GLU B 611 37.29 -3.55 2.46
CA GLU B 611 37.58 -2.13 2.51
C GLU B 611 36.25 -1.38 2.59
N TRP B 612 36.32 -0.09 2.87
CA TRP B 612 35.12 0.69 3.11
C TRP B 612 35.34 2.11 2.66
N ASP B 613 34.41 2.63 1.86
CA ASP B 613 34.43 4.03 1.48
C ASP B 613 34.00 4.90 2.65
N VAL B 614 34.77 5.94 2.93
CA VAL B 614 34.53 6.85 4.04
C VAL B 614 34.60 8.27 3.49
N TYR B 615 33.60 9.09 3.80
CA TYR B 615 33.71 10.52 3.58
C TYR B 615 34.20 11.18 4.86
N LEU B 616 35.31 11.91 4.78
CA LEU B 616 35.84 12.68 5.88
C LEU B 616 35.67 14.16 5.61
N PRO B 617 35.04 14.91 6.51
CA PRO B 617 35.00 16.37 6.34
C PRO B 617 36.41 16.94 6.43
N GLN B 618 36.52 18.22 6.08
CA GLN B 618 37.83 18.87 5.99
C GLN B 618 38.37 19.14 7.40
N ASP B 619 39.40 18.40 7.78
CA ASP B 619 40.03 18.47 9.10
C ASP B 619 41.27 17.58 9.03
N GLU B 620 42.02 17.51 10.13
CA GLU B 620 43.21 16.68 10.21
C GLU B 620 42.88 15.39 10.95
N TRP B 621 42.70 14.31 10.20
CA TRP B 621 42.24 13.03 10.71
C TRP B 621 43.38 12.02 10.76
N VAL B 622 43.25 11.05 11.67
CA VAL B 622 44.18 9.95 11.82
C VAL B 622 43.37 8.66 11.91
N HIS B 623 43.63 7.73 10.99
CA HIS B 623 43.00 6.42 11.06
C HIS B 623 43.44 5.68 12.32
N LEU B 624 42.47 5.21 13.10
CA LEU B 624 42.75 4.68 14.43
C LEU B 624 43.76 3.55 14.38
N TRP B 625 43.51 2.53 13.56
CA TRP B 625 44.25 1.29 13.60
C TRP B 625 45.61 1.37 12.90
N THR B 626 45.79 2.31 11.97
CA THR B 626 47.01 2.40 11.18
C THR B 626 47.79 3.69 11.41
N GLY B 627 47.21 4.69 12.06
CA GLY B 627 47.88 5.96 12.21
C GLY B 627 48.02 6.78 10.96
N GLU B 628 47.61 6.26 9.80
CA GLU B 628 47.72 7.03 8.57
C GLU B 628 46.85 8.29 8.67
N GLU B 629 47.32 9.38 8.07
CA GLU B 629 46.68 10.68 8.22
C GLU B 629 45.88 11.01 6.96
N TYR B 630 44.83 11.81 7.14
CA TYR B 630 43.94 12.22 6.06
C TYR B 630 43.49 13.65 6.31
N HIS B 631 43.22 14.38 5.24
CA HIS B 631 42.89 15.79 5.33
C HIS B 631 41.48 16.11 4.90
N GLY B 632 40.71 15.13 4.42
CA GLY B 632 39.33 15.37 4.05
C GLY B 632 39.00 14.91 2.65
N GLY B 633 37.79 14.37 2.46
CA GLY B 633 37.31 13.93 1.17
C GLY B 633 36.98 12.45 1.16
N GLU B 634 36.53 12.00 0.00
CA GLU B 634 36.24 10.58 -0.20
C GLU B 634 37.54 9.79 -0.24
N ILE B 635 37.59 8.72 0.56
CA ILE B 635 38.75 7.83 0.63
C ILE B 635 38.25 6.40 0.75
N THR B 636 39.19 5.46 0.79
CA THR B 636 38.87 4.05 0.96
C THR B 636 39.95 3.44 1.85
N VAL B 637 39.55 2.94 3.02
CA VAL B 637 40.49 2.36 3.97
C VAL B 637 40.21 0.86 4.05
N SER B 638 41.26 0.11 4.40
CA SER B 638 41.10 -1.28 4.76
C SER B 638 40.16 -1.38 5.96
N ALA B 639 39.30 -2.40 5.94
CA ALA B 639 38.32 -2.58 7.02
C ALA B 639 38.03 -4.07 7.19
N GLU B 640 39.07 -4.83 7.53
CA GLU B 640 38.89 -6.23 7.83
C GLU B 640 38.08 -6.37 9.12
N LEU B 641 37.61 -7.60 9.36
CA LEU B 641 36.76 -7.87 10.52
C LEU B 641 37.53 -7.58 11.81
N GLY B 642 37.02 -6.61 12.57
CA GLY B 642 37.67 -6.12 13.79
C GLY B 642 38.26 -4.74 13.68
N TYR B 643 38.25 -4.13 12.50
CA TYR B 643 38.93 -2.86 12.25
C TYR B 643 37.93 -1.83 11.73
N THR B 644 37.07 -1.37 12.64
CA THR B 644 36.05 -0.38 12.33
C THR B 644 36.67 0.81 11.61
N PRO B 645 36.06 1.29 10.52
CA PRO B 645 36.52 2.55 9.92
C PRO B 645 36.33 3.70 10.88
N ALA B 646 37.37 3.95 11.69
CA ALA B 646 37.31 4.93 12.77
C ALA B 646 38.52 5.85 12.69
N PHE B 647 38.26 7.15 12.86
CA PHE B 647 39.26 8.20 12.70
C PHE B 647 39.14 9.18 13.85
N TYR B 648 40.28 9.72 14.30
CA TYR B 648 40.27 10.72 15.36
C TYR B 648 41.01 11.98 14.91
N ARG B 649 40.55 13.11 15.44
CA ARG B 649 41.19 14.39 15.14
C ARG B 649 42.63 14.40 15.63
N LYS B 650 43.54 14.93 14.80
CA LYS B 650 44.95 14.93 15.14
C LYS B 650 45.21 15.62 16.47
N ASN B 651 44.67 16.84 16.66
CA ASN B 651 44.92 17.59 17.89
C ASN B 651 43.88 17.34 18.96
N SER B 652 43.27 16.15 18.97
CA SER B 652 42.38 15.78 20.06
C SER B 652 43.16 15.66 21.36
N GLU B 653 42.59 16.20 22.44
CA GLU B 653 43.16 16.07 23.77
C GLU B 653 43.21 14.63 24.25
N PHE B 654 42.57 13.71 23.53
CA PHE B 654 42.56 12.30 23.89
C PHE B 654 43.41 11.46 22.93
N ALA B 655 44.26 12.11 22.14
CA ALA B 655 45.06 11.39 21.16
C ALA B 655 45.93 10.31 21.81
N ASP B 656 46.34 10.52 23.07
CA ASP B 656 47.15 9.51 23.74
C ASP B 656 46.36 8.23 23.97
N ILE B 657 45.06 8.35 24.30
CA ILE B 657 44.21 7.17 24.49
C ILE B 657 44.08 6.41 23.17
N PHE B 658 43.83 7.14 22.09
CA PHE B 658 43.66 6.51 20.79
C PHE B 658 44.95 5.82 20.33
N GLU B 659 46.09 6.47 20.57
CA GLU B 659 47.38 5.86 20.21
C GLU B 659 47.63 4.57 21.00
N GLU B 660 47.26 4.57 22.30
CA GLU B 660 47.37 3.34 23.08
C GLU B 660 46.53 2.23 22.47
N ILE B 661 45.38 2.57 21.89
CA ILE B 661 44.56 1.56 21.25
C ILE B 661 45.27 1.02 20.01
N ARG B 662 45.83 1.91 19.18
CA ARG B 662 46.55 1.46 17.99
C ARG B 662 47.73 0.56 18.36
N GLU B 663 48.55 0.98 19.33
CA GLU B 663 49.72 0.20 19.70
C GLU B 663 49.31 -1.19 20.17
N LYS B 664 48.18 -1.29 20.86
CA LYS B 664 47.77 -2.57 21.41
C LYS B 664 46.99 -3.42 20.43
N TYR B 665 46.19 -2.80 19.56
CA TYR B 665 45.22 -3.54 18.76
C TYR B 665 45.20 -3.12 17.30
N GLY B 666 46.10 -2.23 16.87
CA GLY B 666 46.14 -1.78 15.49
C GLY B 666 46.79 -2.81 14.58
N VAL B 667 47.19 -2.35 13.41
CA VAL B 667 47.82 -3.22 12.41
C VAL B 667 49.33 -2.92 12.32
#